data_8YVK
#
_entry.id   8YVK
#
_cell.length_a   1.00
_cell.length_b   1.00
_cell.length_c   1.00
_cell.angle_alpha   90.00
_cell.angle_beta   90.00
_cell.angle_gamma   90.00
#
_symmetry.space_group_name_H-M   'P 1'
#
loop_
_entity.id
_entity.type
_entity.pdbx_description
1 polymer Neuraminidase
2 polymer 'CAV-F6 heavy chain'
3 polymer 'CAV-F6 kappa chain'
4 non-polymer 2-acetamido-2-deoxy-beta-D-glucopyranose
5 non-polymer 'CALCIUM ION'
#
loop_
_entity_poly.entity_id
_entity_poly.type
_entity_poly.pdbx_seq_one_letter_code
_entity_poly.pdbx_strand_id
1 'polypeptide(L)'
;VHYSSGRDLCPIRGWAPLSKDNGIRIGSRGEVFVIREPFISCSISECRTFFLTQGALLNDKHSNGTVKDRSPFRTLMSCP
IGVAPSPSNSRFESVAWSATACSDGPGWLTLGITGPDSTAVAVLKYNGIITDTLKSWKGNIMRTQESECVCQDEFCYTLV
TDGPSDAQAFYKILKIRKGKIVSMKDVDATGFHFEECSCYPSGTEIECVCRDNWRGSNRPWIRFNSDLDYQIGYVCSGIF
GDNPRPVDGTGSCNGPVNNGKGRYGVKGFSFRYGDGVWIGRTKSLESRSGFEMVWDANGWVSTDKDSNGVQDIIDNDNWS
GYSGSFSIRGETTGKNCTVPCFWVEMIRGQPKEKTIWTSGSSIAFCGVNSDTTGWSWPDGALLPFDIDK
;
A,B,C,D
2 'polypeptide(L)'
;EVQLVESGGGLVQPGGSLRLSCAASGFSFTTYEMNWVRQAPGKGLEWVSHISSRGLVIYYADSVKGRFTMSRDTAKNSLY
LQMDSLTVADTAVYYCARHYFDRDWGYSGMDLWGQGTTVTVSS
;
E,G,I,K
3 'polypeptide(L)'
;EVVLTQSPGTLSLSPGERATLSCRASQSLGTNYLAWYQHKPGQSPRLLIDGASTRAIGIPDRFSASGSGTDFTLTVSRLE
PEDFAVYYCQHYGNPYTFGQGTKLEIK
;
F,H,J,L
#
# COMPACT_ATOMS: atom_id res chain seq x y z
N VAL A 1 9.95 -36.99 -0.80
CA VAL A 1 9.22 -38.09 -1.43
C VAL A 1 8.72 -37.66 -2.79
N HIS A 2 8.95 -38.50 -3.80
CA HIS A 2 8.62 -38.15 -5.16
C HIS A 2 7.27 -38.74 -5.57
N TYR A 3 6.56 -38.00 -6.41
CA TYR A 3 5.23 -38.43 -6.86
C TYR A 3 5.40 -39.71 -7.67
N SER A 4 4.87 -40.83 -7.20
CA SER A 4 5.05 -42.13 -7.86
C SER A 4 4.00 -42.33 -8.94
N SER A 5 3.94 -43.51 -9.54
CA SER A 5 3.02 -43.77 -10.66
C SER A 5 2.18 -45.01 -10.39
N GLY A 6 1.14 -45.25 -11.18
CA GLY A 6 0.29 -46.44 -11.05
C GLY A 6 -1.07 -46.22 -10.46
N ARG A 7 -1.34 -45.07 -9.84
CA ARG A 7 -2.63 -44.81 -9.16
C ARG A 7 -3.65 -44.17 -10.11
N ASP A 8 -4.89 -44.68 -10.16
CA ASP A 8 -5.95 -44.21 -11.09
C ASP A 8 -6.71 -43.00 -10.54
N LEU A 9 -7.48 -42.32 -11.39
CA LEU A 9 -8.28 -41.14 -10.96
C LEU A 9 -9.39 -41.59 -10.03
N CYS A 10 -9.72 -40.80 -9.03
CA CYS A 10 -10.71 -41.14 -7.98
C CYS A 10 -12.15 -41.14 -8.50
N PRO A 11 -13.08 -41.96 -7.94
CA PRO A 11 -14.48 -41.90 -8.34
C PRO A 11 -15.14 -40.59 -7.90
N ILE A 12 -15.95 -39.94 -8.74
CA ILE A 12 -16.48 -38.58 -8.41
C ILE A 12 -17.95 -38.47 -8.77
N ARG A 13 -18.72 -37.66 -8.03
CA ARG A 13 -20.09 -37.35 -8.41
C ARG A 13 -20.34 -35.88 -8.68
N GLY A 14 -19.46 -34.98 -8.26
CA GLY A 14 -19.70 -33.57 -8.43
C GLY A 14 -18.46 -32.78 -8.07
N TRP A 15 -18.61 -31.46 -8.12
CA TRP A 15 -17.49 -30.54 -7.94
C TRP A 15 -17.80 -29.54 -6.83
N ALA A 16 -16.85 -29.34 -5.93
CA ALA A 16 -17.00 -28.49 -4.76
C ALA A 16 -16.04 -27.31 -4.83
N PRO A 17 -16.50 -26.11 -4.45
CA PRO A 17 -15.65 -24.92 -4.58
C PRO A 17 -14.37 -25.03 -3.77
N LEU A 18 -13.28 -24.53 -4.34
CA LEU A 18 -11.99 -24.54 -3.67
C LEU A 18 -11.43 -23.14 -3.42
N SER A 19 -11.44 -22.24 -4.40
CA SER A 19 -10.85 -20.93 -4.15
C SER A 19 -11.43 -19.89 -5.09
N LYS A 20 -11.31 -18.63 -4.66
CA LYS A 20 -11.71 -17.44 -5.39
C LYS A 20 -10.76 -16.30 -5.04
N ASP A 21 -10.34 -15.53 -6.04
CA ASP A 21 -9.39 -14.44 -5.81
C ASP A 21 -10.06 -13.14 -5.38
N ASN A 22 -11.09 -12.70 -6.11
CA ASN A 22 -11.63 -11.34 -5.99
C ASN A 22 -10.53 -10.31 -6.25
N GLY A 23 -9.93 -10.43 -7.42
CA GLY A 23 -8.75 -9.63 -7.74
C GLY A 23 -9.04 -8.28 -8.35
N ILE A 24 -10.03 -8.21 -9.24
CA ILE A 24 -10.35 -6.92 -9.87
C ILE A 24 -11.20 -6.06 -8.94
N ARG A 25 -11.94 -6.69 -8.02
CA ARG A 25 -12.68 -5.93 -7.02
C ARG A 25 -11.73 -5.24 -6.03
N ILE A 26 -10.57 -5.84 -5.78
CA ILE A 26 -9.61 -5.25 -4.86
C ILE A 26 -8.69 -4.29 -5.59
N GLY A 27 -8.44 -4.52 -6.87
CA GLY A 27 -7.56 -3.67 -7.64
C GLY A 27 -8.14 -2.31 -7.94
N SER A 28 -9.40 -2.09 -7.53
CA SER A 28 -10.01 -0.80 -7.69
C SER A 28 -9.42 0.25 -6.75
N ARG A 29 -8.88 -0.17 -5.61
CA ARG A 29 -8.28 0.77 -4.67
C ARG A 29 -6.92 0.30 -4.18
N GLY A 30 -6.66 -1.00 -4.25
CA GLY A 30 -5.39 -1.55 -3.82
C GLY A 30 -4.40 -1.64 -4.97
N GLU A 31 -3.26 -2.27 -4.67
CA GLU A 31 -2.22 -2.51 -5.66
C GLU A 31 -2.32 -3.96 -6.13
N VAL A 32 -2.78 -4.15 -7.37
CA VAL A 32 -2.93 -5.47 -7.95
C VAL A 32 -2.39 -5.45 -9.37
N PHE A 33 -1.64 -6.47 -9.73
CA PHE A 33 -1.06 -6.58 -11.06
C PHE A 33 -2.16 -6.67 -12.13
N VAL A 34 -1.76 -6.43 -13.37
CA VAL A 34 -2.60 -6.71 -14.53
C VAL A 34 -2.13 -8.04 -15.10
N ILE A 35 -2.90 -9.10 -14.87
CA ILE A 35 -2.48 -10.46 -15.18
C ILE A 35 -3.33 -11.01 -16.32
N ARG A 36 -2.98 -12.21 -16.78
CA ARG A 36 -3.84 -13.03 -17.62
C ARG A 36 -3.21 -14.41 -17.73
N GLU A 37 -4.02 -15.40 -18.11
CA GLU A 37 -3.67 -16.82 -18.10
C GLU A 37 -3.20 -17.28 -16.73
N PRO A 38 -4.05 -17.30 -15.70
CA PRO A 38 -3.61 -17.82 -14.41
C PRO A 38 -3.87 -19.31 -14.24
N PHE A 39 -2.87 -20.10 -13.89
CA PHE A 39 -3.07 -21.51 -13.62
C PHE A 39 -2.64 -21.85 -12.21
N ILE A 40 -2.99 -23.06 -11.78
CA ILE A 40 -2.77 -23.50 -10.40
C ILE A 40 -2.00 -24.81 -10.44
N SER A 41 -0.96 -24.90 -9.60
CA SER A 41 -0.19 -26.12 -9.49
C SER A 41 0.08 -26.45 -8.03
N CYS A 42 0.05 -27.73 -7.69
CA CYS A 42 0.18 -28.18 -6.31
C CYS A 42 1.43 -29.03 -6.13
N SER A 43 2.04 -28.92 -4.95
CA SER A 43 3.18 -29.74 -4.58
C SER A 43 2.90 -30.44 -3.27
N ILE A 44 3.94 -31.06 -2.69
CA ILE A 44 3.76 -31.91 -1.51
C ILE A 44 3.29 -31.15 -0.29
N SER A 45 3.42 -29.82 -0.27
CA SER A 45 3.09 -29.05 0.92
C SER A 45 2.18 -27.85 0.67
N GLU A 46 2.01 -27.41 -0.57
CA GLU A 46 1.19 -26.23 -0.82
C GLU A 46 0.74 -26.20 -2.27
N CYS A 47 -0.31 -25.42 -2.52
CA CYS A 47 -0.81 -25.17 -3.85
C CYS A 47 -0.64 -23.69 -4.16
N ARG A 48 -0.12 -23.38 -5.34
CA ARG A 48 0.20 -22.01 -5.73
C ARG A 48 -0.47 -21.67 -7.05
N THR A 49 -0.63 -20.36 -7.27
CA THR A 49 -1.18 -19.81 -8.49
C THR A 49 -0.07 -19.10 -9.24
N PHE A 50 0.16 -19.52 -10.48
CA PHE A 50 1.10 -18.88 -11.38
C PHE A 50 0.35 -18.02 -12.36
N PHE A 51 0.92 -16.86 -12.71
CA PHE A 51 0.27 -15.96 -13.64
C PHE A 51 1.31 -15.17 -14.41
N LEU A 52 0.88 -14.61 -15.54
CA LEU A 52 1.72 -13.84 -16.44
C LEU A 52 1.32 -12.38 -16.36
N THR A 53 2.24 -11.54 -15.92
CA THR A 53 1.97 -10.11 -15.73
C THR A 53 2.48 -9.31 -16.91
N GLN A 54 1.76 -8.23 -17.20
CA GLN A 54 2.11 -7.27 -18.23
C GLN A 54 3.12 -6.24 -17.75
N GLY A 55 3.54 -6.31 -16.49
CA GLY A 55 4.49 -5.35 -15.96
C GLY A 55 3.89 -4.04 -15.51
N ALA A 56 2.59 -4.01 -15.24
CA ALA A 56 1.90 -2.80 -14.87
C ALA A 56 0.89 -3.09 -13.77
N LEU A 57 0.46 -2.05 -13.08
CA LEU A 57 -0.57 -2.15 -12.05
C LEU A 57 -1.92 -1.77 -12.64
N LEU A 58 -2.97 -2.26 -11.99
CA LEU A 58 -4.33 -2.01 -12.44
C LEU A 58 -4.76 -0.63 -11.98
N ASN A 59 -5.53 0.06 -12.83
CA ASN A 59 -5.96 1.44 -12.61
C ASN A 59 -4.78 2.41 -12.66
N ASP A 60 -3.90 2.23 -13.64
CA ASP A 60 -2.70 3.04 -13.81
C ASP A 60 -2.59 3.50 -15.25
N LYS A 61 -1.66 4.44 -15.49
CA LYS A 61 -1.43 4.93 -16.84
C LYS A 61 -0.68 3.92 -17.71
N HIS A 62 0.04 2.99 -17.09
CA HIS A 62 0.85 2.04 -17.83
C HIS A 62 0.07 0.83 -18.29
N SER A 63 -1.19 0.73 -17.82
CA SER A 63 -2.07 -0.41 -18.21
C SER A 63 -2.78 -0.09 -19.53
N ASN A 64 -2.30 0.92 -20.26
CA ASN A 64 -2.95 1.34 -21.53
C ASN A 64 -2.62 0.32 -22.63
N GLY A 65 -3.63 -0.17 -23.35
CA GLY A 65 -3.42 -1.16 -24.43
C GLY A 65 -2.74 -2.43 -23.96
N THR A 66 -3.20 -3.02 -22.85
CA THR A 66 -2.64 -4.29 -22.43
C THR A 66 -3.42 -5.48 -22.96
N VAL A 67 -4.10 -5.32 -24.09
CA VAL A 67 -4.72 -6.46 -24.76
C VAL A 67 -3.70 -7.25 -25.56
N LYS A 68 -2.52 -6.70 -25.80
CA LYS A 68 -1.49 -7.36 -26.59
C LYS A 68 -0.60 -8.21 -25.71
N ASP A 69 -0.26 -9.41 -26.20
CA ASP A 69 0.33 -10.44 -25.35
C ASP A 69 1.85 -10.47 -25.35
N ARG A 70 2.49 -10.37 -26.51
CA ARG A 70 3.94 -10.51 -26.60
C ARG A 70 4.59 -9.14 -26.45
N SER A 71 5.38 -8.98 -25.40
CA SER A 71 6.11 -7.74 -25.16
C SER A 71 7.27 -8.04 -24.24
N PRO A 72 8.31 -7.19 -24.25
CA PRO A 72 9.48 -7.46 -23.40
C PRO A 72 9.26 -7.21 -21.91
N PHE A 73 8.02 -6.99 -21.50
CA PHE A 73 7.71 -6.66 -20.12
C PHE A 73 6.93 -7.74 -19.37
N ARG A 74 6.37 -8.72 -20.06
CA ARG A 74 5.65 -9.78 -19.37
C ARG A 74 6.60 -10.60 -18.51
N THR A 75 6.10 -11.09 -17.38
CA THR A 75 6.89 -11.95 -16.51
C THR A 75 5.98 -13.01 -15.90
N LEU A 76 6.59 -14.12 -15.49
CA LEU A 76 5.85 -15.19 -14.84
C LEU A 76 6.12 -15.15 -13.34
N MET A 77 5.06 -14.99 -12.55
CA MET A 77 5.16 -14.91 -11.10
C MET A 77 4.16 -15.86 -10.47
N SER A 78 4.18 -15.95 -9.14
CA SER A 78 3.31 -16.87 -8.43
C SER A 78 3.03 -16.37 -7.03
N CYS A 79 1.86 -16.74 -6.51
CA CYS A 79 1.39 -16.37 -5.19
C CYS A 79 0.62 -17.52 -4.58
N PRO A 80 0.37 -17.49 -3.26
CA PRO A 80 -0.41 -18.57 -2.64
C PRO A 80 -1.84 -18.60 -3.16
N ILE A 81 -2.51 -19.70 -2.88
CA ILE A 81 -3.83 -19.96 -3.43
C ILE A 81 -4.85 -19.02 -2.81
N GLY A 82 -5.70 -18.42 -3.65
CA GLY A 82 -6.80 -17.60 -3.17
C GLY A 82 -6.42 -16.21 -2.70
N VAL A 83 -5.24 -15.72 -3.02
CA VAL A 83 -4.77 -14.42 -2.56
C VAL A 83 -4.54 -13.52 -3.75
N ALA A 84 -4.86 -12.23 -3.58
CA ALA A 84 -4.77 -11.23 -4.64
C ALA A 84 -3.34 -11.08 -5.13
N PRO A 85 -3.11 -11.08 -6.44
CA PRO A 85 -1.74 -10.97 -6.95
C PRO A 85 -1.16 -9.58 -6.79
N SER A 86 -0.68 -9.28 -5.60
CA SER A 86 -0.10 -8.01 -5.21
C SER A 86 1.40 -8.03 -5.40
N PRO A 87 2.05 -6.87 -5.52
CA PRO A 87 3.51 -6.84 -5.50
C PRO A 87 4.13 -7.31 -4.19
N SER A 88 3.37 -7.31 -3.11
CA SER A 88 3.87 -7.71 -1.80
C SER A 88 3.56 -9.17 -1.46
N ASN A 89 2.87 -9.88 -2.34
CA ASN A 89 2.54 -11.28 -2.12
C ASN A 89 3.16 -12.21 -3.15
N SER A 90 3.71 -11.68 -4.23
CA SER A 90 4.12 -12.47 -5.38
C SER A 90 5.61 -12.75 -5.36
N ARG A 91 5.99 -13.93 -5.85
CA ARG A 91 7.37 -14.37 -5.92
C ARG A 91 7.78 -14.50 -7.37
N PHE A 92 8.87 -13.83 -7.75
CA PHE A 92 9.33 -13.87 -9.13
C PHE A 92 9.73 -15.27 -9.54
N GLU A 93 9.31 -15.68 -10.73
CA GLU A 93 9.65 -17.00 -11.25
C GLU A 93 10.47 -16.95 -12.52
N SER A 94 10.02 -16.24 -13.55
CA SER A 94 10.77 -16.29 -14.81
C SER A 94 10.40 -15.11 -15.69
N VAL A 95 11.16 -14.95 -16.77
CA VAL A 95 10.92 -13.92 -17.78
C VAL A 95 10.37 -14.61 -19.03
N ALA A 96 9.12 -14.30 -19.38
CA ALA A 96 8.47 -15.03 -20.47
C ALA A 96 7.17 -14.36 -20.87
N TRP A 97 6.76 -14.58 -22.13
CA TRP A 97 5.39 -14.31 -22.54
C TRP A 97 4.59 -15.58 -22.82
N SER A 98 5.19 -16.75 -22.63
CA SER A 98 4.51 -18.03 -22.62
C SER A 98 5.26 -18.91 -21.64
N ALA A 99 4.56 -19.73 -20.86
CA ALA A 99 5.23 -20.40 -19.76
C ALA A 99 4.43 -21.61 -19.29
N THR A 100 5.08 -22.43 -18.46
CA THR A 100 4.45 -23.51 -17.73
C THR A 100 5.35 -23.90 -16.57
N ALA A 101 4.81 -24.64 -15.61
CA ALA A 101 5.58 -25.02 -14.42
C ALA A 101 4.88 -26.11 -13.65
N CYS A 102 5.66 -27.11 -13.19
CA CYS A 102 5.10 -28.09 -12.27
C CYS A 102 6.08 -28.39 -11.14
N SER A 103 5.73 -29.41 -10.36
CA SER A 103 6.52 -29.86 -9.23
C SER A 103 6.62 -31.38 -9.26
N ASP A 104 7.73 -31.90 -8.79
CA ASP A 104 7.94 -33.34 -8.72
C ASP A 104 8.02 -33.82 -7.28
N GLY A 105 7.22 -33.22 -6.41
CA GLY A 105 7.25 -33.47 -4.98
C GLY A 105 8.04 -32.47 -4.16
N PRO A 106 9.38 -32.49 -4.23
CA PRO A 106 10.14 -31.55 -3.40
C PRO A 106 10.28 -30.14 -3.98
N GLY A 107 10.43 -30.00 -5.29
CA GLY A 107 10.81 -28.73 -5.86
C GLY A 107 9.97 -28.26 -7.02
N TRP A 108 10.40 -27.19 -7.70
CA TRP A 108 9.63 -26.56 -8.75
C TRP A 108 10.45 -26.48 -10.03
N LEU A 109 9.86 -26.94 -11.14
CA LEU A 109 10.42 -26.76 -12.47
C LEU A 109 9.59 -25.74 -13.23
N THR A 110 10.26 -24.79 -13.87
CA THR A 110 9.59 -23.78 -14.68
C THR A 110 10.22 -23.71 -16.07
N LEU A 111 9.38 -23.47 -17.07
CA LEU A 111 9.79 -23.28 -18.46
C LEU A 111 9.16 -21.98 -18.94
N GLY A 112 9.98 -21.11 -19.51
CA GLY A 112 9.50 -19.81 -19.97
C GLY A 112 10.13 -19.39 -21.28
N ILE A 113 9.28 -18.94 -22.21
CA ILE A 113 9.69 -18.62 -23.57
C ILE A 113 9.72 -17.10 -23.72
N THR A 114 10.80 -16.59 -24.31
CA THR A 114 10.94 -15.16 -24.55
C THR A 114 11.81 -14.95 -25.78
N GLY A 115 11.67 -13.77 -26.37
CA GLY A 115 12.47 -13.41 -27.52
C GLY A 115 11.65 -12.98 -28.71
N PRO A 116 12.29 -12.73 -29.84
CA PRO A 116 11.57 -12.26 -31.04
C PRO A 116 10.57 -13.30 -31.52
N ASP A 117 9.81 -12.89 -32.53
CA ASP A 117 8.78 -13.78 -33.06
C ASP A 117 9.38 -14.97 -33.81
N SER A 118 10.57 -14.81 -34.37
CA SER A 118 11.14 -15.82 -35.24
C SER A 118 12.22 -16.66 -34.59
N THR A 119 12.87 -16.19 -33.53
CA THR A 119 13.94 -16.92 -32.87
C THR A 119 13.72 -16.91 -31.36
N ALA A 120 12.51 -17.26 -30.94
CA ALA A 120 12.20 -17.32 -29.53
C ALA A 120 13.01 -18.43 -28.86
N VAL A 121 13.24 -18.28 -27.56
CA VAL A 121 14.07 -19.19 -26.78
C VAL A 121 13.34 -19.54 -25.49
N ALA A 122 13.32 -20.82 -25.14
CA ALA A 122 12.70 -21.30 -23.91
C ALA A 122 13.78 -21.64 -22.90
N VAL A 123 13.67 -21.10 -21.70
CA VAL A 123 14.63 -21.30 -20.62
C VAL A 123 13.98 -22.17 -19.57
N LEU A 124 14.70 -23.20 -19.13
CA LEU A 124 14.25 -24.17 -18.14
C LEU A 124 15.05 -24.00 -16.86
N LYS A 125 14.33 -23.74 -15.77
CA LYS A 125 14.91 -23.54 -14.44
C LYS A 125 14.36 -24.57 -13.49
N TYR A 126 15.20 -24.96 -12.52
CA TYR A 126 14.82 -25.83 -11.43
C TYR A 126 15.24 -25.18 -10.12
N ASN A 127 14.27 -24.67 -9.36
CA ASN A 127 14.51 -23.97 -8.10
C ASN A 127 15.31 -22.68 -8.29
N GLY A 128 15.07 -21.97 -9.39
CA GLY A 128 15.67 -20.68 -9.61
C GLY A 128 17.04 -20.68 -10.26
N ILE A 129 17.58 -21.85 -10.60
CA ILE A 129 18.89 -21.97 -11.23
C ILE A 129 18.70 -22.41 -12.66
N ILE A 130 19.22 -21.63 -13.61
CA ILE A 130 19.03 -21.93 -15.02
C ILE A 130 19.77 -23.22 -15.36
N THR A 131 19.03 -24.22 -15.85
CA THR A 131 19.62 -25.50 -16.17
C THR A 131 19.56 -25.87 -17.65
N ASP A 132 18.65 -25.29 -18.45
CA ASP A 132 18.63 -25.67 -19.86
C ASP A 132 18.00 -24.59 -20.70
N THR A 133 18.23 -24.68 -22.01
CA THR A 133 17.58 -23.80 -22.99
C THR A 133 17.26 -24.59 -24.25
N LEU A 134 16.20 -24.17 -24.94
CA LEU A 134 15.78 -24.74 -26.20
C LEU A 134 15.45 -23.61 -27.16
N LYS A 135 15.67 -23.82 -28.46
CA LYS A 135 15.46 -22.77 -29.44
C LYS A 135 14.48 -23.23 -30.51
N SER A 136 13.75 -22.25 -31.07
CA SER A 136 12.72 -22.55 -32.05
C SER A 136 13.31 -23.23 -33.27
N TRP A 137 12.59 -24.22 -33.80
CA TRP A 137 13.11 -25.04 -34.89
C TRP A 137 12.42 -24.81 -36.22
N LYS A 138 11.33 -24.03 -36.26
CA LYS A 138 10.66 -23.74 -37.53
C LYS A 138 10.59 -22.26 -37.85
N GLY A 139 11.19 -21.40 -37.04
CA GLY A 139 11.20 -19.98 -37.34
C GLY A 139 9.84 -19.34 -37.31
N ASN A 140 9.00 -19.70 -36.34
CA ASN A 140 7.68 -19.12 -36.20
C ASN A 140 7.34 -19.16 -34.72
N ILE A 141 6.27 -18.47 -34.30
CA ILE A 141 5.99 -18.27 -32.89
C ILE A 141 5.94 -19.61 -32.15
N MET A 142 6.83 -19.79 -31.18
CA MET A 142 6.90 -21.03 -30.42
C MET A 142 6.25 -20.83 -29.07
N ARG A 143 5.38 -21.77 -28.69
CA ARG A 143 4.47 -21.55 -27.57
C ARG A 143 4.25 -22.85 -26.82
N THR A 144 3.72 -22.73 -25.60
CA THR A 144 3.53 -23.89 -24.73
C THR A 144 2.15 -23.88 -24.06
N GLN A 145 1.94 -24.74 -23.07
CA GLN A 145 0.61 -25.08 -22.59
C GLN A 145 -0.11 -23.92 -21.90
N GLU A 146 0.57 -23.19 -21.02
CA GLU A 146 -0.05 -22.26 -20.08
C GLU A 146 -0.93 -22.99 -19.07
N SER A 147 -0.50 -24.19 -18.67
CA SER A 147 -1.06 -24.89 -17.52
C SER A 147 0.03 -25.83 -17.00
N GLU A 148 -0.25 -26.56 -15.94
CA GLU A 148 0.82 -27.30 -15.30
C GLU A 148 1.28 -28.45 -16.18
N CYS A 149 2.53 -28.83 -16.00
CA CYS A 149 3.09 -30.05 -16.55
C CYS A 149 2.97 -31.21 -15.57
N VAL A 150 3.14 -32.41 -16.09
CA VAL A 150 2.93 -33.62 -15.30
C VAL A 150 4.27 -34.24 -14.97
N CYS A 151 4.52 -34.46 -13.69
CA CYS A 151 5.81 -34.87 -13.17
C CYS A 151 5.61 -36.12 -12.32
N GLN A 152 6.06 -37.27 -12.81
CA GLN A 152 5.92 -38.52 -12.08
C GLN A 152 7.20 -39.34 -12.19
N ASP A 153 7.58 -39.99 -11.08
CA ASP A 153 8.80 -40.79 -10.99
C ASP A 153 10.04 -39.99 -11.36
N GLU A 154 10.09 -38.74 -10.89
CA GLU A 154 11.18 -37.78 -11.05
C GLU A 154 11.29 -37.21 -12.46
N PHE A 155 10.48 -37.67 -13.42
CA PHE A 155 10.52 -37.19 -14.79
C PHE A 155 9.31 -36.33 -15.08
N CYS A 156 9.54 -35.22 -15.79
CA CYS A 156 8.49 -34.26 -16.10
C CYS A 156 8.29 -34.22 -17.61
N TYR A 157 7.04 -34.10 -18.04
CA TYR A 157 6.70 -34.18 -19.46
C TYR A 157 5.92 -32.96 -19.91
N THR A 158 6.30 -32.39 -21.04
CA THR A 158 5.59 -31.25 -21.62
C THR A 158 5.42 -31.47 -23.12
N LEU A 159 4.56 -30.66 -23.72
CA LEU A 159 4.35 -30.66 -25.17
C LEU A 159 4.47 -29.23 -25.70
N VAL A 160 5.17 -29.06 -26.82
CA VAL A 160 5.52 -27.76 -27.36
C VAL A 160 5.17 -27.70 -28.83
N THR A 161 4.63 -26.56 -29.26
CA THR A 161 4.11 -26.35 -30.61
C THR A 161 4.96 -25.32 -31.35
N ASP A 162 4.99 -25.41 -32.68
CA ASP A 162 5.63 -24.39 -33.49
C ASP A 162 5.06 -24.43 -34.90
N GLY A 163 4.79 -23.26 -35.47
CA GLY A 163 4.29 -23.18 -36.83
C GLY A 163 3.08 -22.29 -36.98
N PRO A 164 2.40 -22.41 -38.12
CA PRO A 164 1.26 -21.53 -38.40
C PRO A 164 0.09 -21.78 -37.46
N SER A 165 -0.76 -20.75 -37.33
CA SER A 165 -1.96 -20.81 -36.51
C SER A 165 -3.21 -21.18 -37.31
N ASP A 166 -3.09 -21.35 -38.63
CA ASP A 166 -4.25 -21.72 -39.44
C ASP A 166 -3.88 -22.77 -40.48
N ALA A 167 -2.83 -23.54 -40.23
CA ALA A 167 -2.43 -24.61 -41.13
C ALA A 167 -1.73 -25.69 -40.34
N GLN A 168 -0.99 -26.56 -41.02
CA GLN A 168 -0.25 -27.61 -40.33
C GLN A 168 0.85 -27.01 -39.48
N ALA A 169 1.01 -27.52 -38.26
CA ALA A 169 2.06 -27.10 -37.34
C ALA A 169 2.96 -28.29 -37.05
N PHE A 170 3.86 -28.13 -36.08
CA PHE A 170 4.82 -29.18 -35.74
C PHE A 170 4.98 -29.24 -34.23
N TYR A 171 5.04 -30.47 -33.69
CA TYR A 171 4.84 -30.70 -32.28
C TYR A 171 5.95 -31.58 -31.72
N LYS A 172 6.39 -31.27 -30.50
CA LYS A 172 7.40 -32.05 -29.80
C LYS A 172 6.92 -32.39 -28.39
N ILE A 173 7.30 -33.58 -27.93
CA ILE A 173 7.16 -33.97 -26.53
C ILE A 173 8.52 -33.90 -25.88
N LEU A 174 8.61 -33.23 -24.73
CA LEU A 174 9.84 -33.09 -23.99
C LEU A 174 9.77 -33.86 -22.69
N LYS A 175 10.83 -34.64 -22.42
CA LYS A 175 10.98 -35.42 -21.19
C LYS A 175 12.22 -34.93 -20.47
N ILE A 176 12.03 -34.47 -19.23
CA ILE A 176 12.98 -33.66 -18.48
C ILE A 176 13.23 -34.34 -17.14
N ARG A 177 14.47 -34.29 -16.64
CA ARG A 177 14.77 -34.78 -15.30
C ARG A 177 15.58 -33.75 -14.54
N LYS A 178 15.08 -33.36 -13.37
CA LYS A 178 15.75 -32.43 -12.46
C LYS A 178 16.21 -31.16 -13.16
N GLY A 179 15.47 -30.72 -14.17
CA GLY A 179 15.69 -29.43 -14.78
C GLY A 179 16.34 -29.44 -16.14
N LYS A 180 16.82 -30.59 -16.62
CA LYS A 180 17.49 -30.63 -17.91
C LYS A 180 16.85 -31.68 -18.81
N ILE A 181 16.83 -31.39 -20.11
CA ILE A 181 16.10 -32.21 -21.07
C ILE A 181 16.87 -33.51 -21.30
N VAL A 182 16.19 -34.64 -21.13
CA VAL A 182 16.83 -35.93 -21.42
C VAL A 182 16.31 -36.56 -22.70
N SER A 183 15.10 -36.22 -23.15
CA SER A 183 14.65 -36.75 -24.44
C SER A 183 13.57 -35.86 -25.03
N MET A 184 13.35 -36.02 -26.33
CA MET A 184 12.24 -35.35 -27.00
C MET A 184 11.85 -36.15 -28.24
N LYS A 185 10.59 -35.99 -28.64
CA LYS A 185 10.01 -36.80 -29.70
C LYS A 185 9.17 -35.91 -30.61
N ASP A 186 9.19 -36.21 -31.90
CA ASP A 186 8.43 -35.43 -32.90
C ASP A 186 7.11 -36.11 -33.16
N VAL A 187 6.01 -35.44 -32.86
CA VAL A 187 4.68 -36.02 -33.05
C VAL A 187 4.27 -35.85 -34.51
N ASP A 188 3.95 -36.96 -35.17
CA ASP A 188 3.54 -36.96 -36.57
C ASP A 188 2.03 -37.13 -36.60
N ALA A 189 1.31 -36.02 -36.85
CA ALA A 189 -0.14 -35.98 -36.71
C ALA A 189 -0.75 -35.27 -37.92
N THR A 190 -0.41 -35.75 -39.11
CA THR A 190 -0.92 -35.15 -40.35
C THR A 190 -2.43 -34.99 -40.29
N GLY A 191 -2.88 -33.74 -40.40
CA GLY A 191 -4.29 -33.42 -40.33
C GLY A 191 -4.81 -33.03 -38.97
N PHE A 192 -3.95 -32.72 -38.02
CA PHE A 192 -4.33 -32.39 -36.65
C PHE A 192 -3.85 -30.99 -36.30
N HIS A 193 -4.19 -30.54 -35.09
CA HIS A 193 -3.73 -29.25 -34.58
C HIS A 193 -3.82 -29.29 -33.07
N PHE A 194 -2.67 -29.31 -32.39
CA PHE A 194 -2.61 -29.31 -30.95
C PHE A 194 -2.09 -27.97 -30.47
N GLU A 195 -2.85 -27.30 -29.61
CA GLU A 195 -2.41 -26.09 -28.93
C GLU A 195 -2.97 -26.08 -27.51
N GLU A 196 -2.18 -25.54 -26.59
CA GLU A 196 -2.60 -25.30 -25.21
C GLU A 196 -3.21 -26.55 -24.59
N CYS A 197 -2.37 -27.57 -24.47
CA CYS A 197 -2.83 -28.88 -23.99
C CYS A 197 -2.97 -28.87 -22.47
N SER A 198 -4.00 -29.55 -21.98
CA SER A 198 -4.20 -29.78 -20.56
C SER A 198 -3.97 -31.25 -20.27
N CYS A 199 -3.06 -31.55 -19.34
CA CYS A 199 -2.55 -32.89 -19.14
C CYS A 199 -2.77 -33.34 -17.70
N TYR A 200 -3.05 -34.62 -17.52
CA TYR A 200 -3.19 -35.22 -16.20
C TYR A 200 -2.68 -36.64 -16.24
N PRO A 201 -2.26 -37.21 -15.10
CA PRO A 201 -1.72 -38.57 -15.10
C PRO A 201 -2.79 -39.63 -14.89
N SER A 202 -2.82 -40.63 -15.77
CA SER A 202 -3.79 -41.72 -15.67
C SER A 202 -3.05 -43.03 -15.82
N GLY A 203 -3.22 -43.93 -14.84
CA GLY A 203 -2.53 -45.21 -14.90
C GLY A 203 -1.03 -45.01 -14.91
N THR A 204 -0.36 -45.60 -15.89
CA THR A 204 1.06 -45.40 -16.12
C THR A 204 1.35 -44.49 -17.29
N GLU A 205 0.38 -43.68 -17.70
CA GLU A 205 0.51 -42.84 -18.88
C GLU A 205 0.03 -41.42 -18.57
N ILE A 206 0.27 -40.54 -19.52
CA ILE A 206 -0.11 -39.14 -19.45
C ILE A 206 -1.18 -38.89 -20.50
N GLU A 207 -2.25 -38.20 -20.10
CA GLU A 207 -3.44 -37.99 -20.90
C GLU A 207 -3.61 -36.49 -21.09
N CYS A 208 -3.73 -36.03 -22.33
CA CYS A 208 -3.83 -34.60 -22.60
C CYS A 208 -4.94 -34.31 -23.59
N VAL A 209 -5.67 -33.22 -23.33
CA VAL A 209 -6.72 -32.72 -24.21
C VAL A 209 -6.34 -31.31 -24.64
N CYS A 210 -6.32 -31.07 -25.95
CA CYS A 210 -5.72 -29.88 -26.54
C CYS A 210 -6.77 -29.07 -27.29
N ARG A 211 -6.34 -28.06 -28.04
CA ARG A 211 -7.21 -27.09 -28.71
C ARG A 211 -6.91 -27.09 -30.20
N ASP A 212 -7.92 -27.00 -31.07
CA ASP A 212 -7.70 -26.94 -32.56
C ASP A 212 -8.10 -25.58 -33.12
N ASN A 213 -7.16 -24.82 -33.70
CA ASN A 213 -7.42 -23.43 -34.16
C ASN A 213 -7.51 -23.35 -35.68
N TRP A 214 -7.63 -24.48 -36.37
CA TRP A 214 -7.61 -24.44 -37.85
C TRP A 214 -8.94 -24.91 -38.41
N ARG A 215 -9.49 -26.03 -37.95
CA ARG A 215 -10.73 -26.51 -38.61
C ARG A 215 -11.50 -27.46 -37.71
N GLY A 216 -11.37 -27.34 -36.40
CA GLY A 216 -12.05 -28.24 -35.50
C GLY A 216 -12.89 -27.52 -34.47
N SER A 217 -14.05 -28.10 -34.18
CA SER A 217 -14.93 -27.62 -33.12
C SER A 217 -15.09 -28.61 -31.99
N ASN A 218 -14.45 -29.78 -32.09
CA ASN A 218 -14.29 -30.71 -30.97
C ASN A 218 -12.84 -30.68 -30.50
N ARG A 219 -12.53 -31.53 -29.54
CA ARG A 219 -11.18 -31.35 -29.01
C ARG A 219 -10.31 -32.57 -29.27
N PRO A 220 -9.06 -32.36 -29.67
CA PRO A 220 -8.15 -33.50 -29.89
C PRO A 220 -7.41 -33.91 -28.62
N TRP A 221 -7.08 -35.20 -28.54
CA TRP A 221 -6.41 -35.76 -27.37
C TRP A 221 -5.19 -36.56 -27.79
N ILE A 222 -4.22 -36.61 -26.88
CA ILE A 222 -3.00 -37.38 -27.04
C ILE A 222 -2.70 -38.12 -25.73
N ARG A 223 -2.15 -39.33 -25.86
CA ARG A 223 -1.80 -40.14 -24.70
C ARG A 223 -0.43 -40.77 -24.92
N PHE A 224 0.43 -40.70 -23.91
CA PHE A 224 1.78 -41.25 -24.10
C PHE A 224 2.35 -41.78 -22.80
N ASN A 225 3.36 -42.63 -22.92
CA ASN A 225 4.05 -43.25 -21.79
C ASN A 225 5.47 -42.73 -21.69
N SER A 226 6.22 -43.27 -20.74
CA SER A 226 7.56 -42.79 -20.42
C SER A 226 8.58 -43.07 -21.52
N ASP A 227 8.25 -43.89 -22.50
CA ASP A 227 9.09 -44.10 -23.67
C ASP A 227 8.73 -43.17 -24.82
N LEU A 228 7.78 -42.27 -24.60
CA LEU A 228 7.32 -41.32 -25.62
C LEU A 228 6.77 -42.05 -26.84
N ASP A 229 5.90 -43.02 -26.61
CA ASP A 229 5.06 -43.59 -27.65
C ASP A 229 3.63 -43.08 -27.48
N TYR A 230 3.03 -42.66 -28.58
CA TYR A 230 1.82 -41.84 -28.48
C TYR A 230 0.66 -42.46 -29.26
N GLN A 231 -0.54 -42.28 -28.71
CA GLN A 231 -1.79 -42.47 -29.42
C GLN A 231 -2.48 -41.13 -29.52
N ILE A 232 -3.12 -40.87 -30.66
CA ILE A 232 -3.76 -39.59 -30.91
C ILE A 232 -5.18 -39.81 -31.40
N GLY A 233 -6.02 -38.80 -31.20
CA GLY A 233 -7.38 -38.89 -31.70
C GLY A 233 -8.19 -37.66 -31.37
N TYR A 234 -9.50 -37.76 -31.55
CA TYR A 234 -10.44 -36.70 -31.20
C TYR A 234 -11.46 -37.24 -30.22
N VAL A 235 -12.08 -36.33 -29.45
CA VAL A 235 -13.14 -36.75 -28.54
C VAL A 235 -14.36 -37.14 -29.35
N CYS A 236 -14.93 -38.30 -29.04
CA CYS A 236 -15.81 -38.98 -29.97
C CYS A 236 -17.28 -38.65 -29.76
N SER A 237 -17.58 -37.75 -28.84
CA SER A 237 -18.95 -37.39 -28.52
C SER A 237 -19.48 -36.35 -29.50
N GLY A 238 -20.81 -36.24 -29.55
CA GLY A 238 -21.48 -35.25 -30.36
C GLY A 238 -21.82 -33.97 -29.62
N ILE A 239 -21.43 -33.86 -28.36
CA ILE A 239 -21.63 -32.65 -27.58
C ILE A 239 -20.33 -31.86 -27.66
N PHE A 240 -20.28 -30.90 -28.58
CA PHE A 240 -19.03 -30.23 -28.91
C PHE A 240 -18.54 -29.37 -27.76
N GLY A 241 -17.22 -29.13 -27.71
CA GLY A 241 -16.62 -28.41 -26.58
C GLY A 241 -15.99 -27.08 -26.91
N ASP A 242 -15.51 -26.82 -28.13
CA ASP A 242 -14.76 -25.55 -28.45
C ASP A 242 -15.68 -24.34 -28.66
N ASN A 243 -15.18 -23.11 -28.52
CA ASN A 243 -15.95 -21.85 -28.82
C ASN A 243 -15.14 -21.02 -29.81
N PRO A 244 -15.56 -20.73 -31.06
CA PRO A 244 -16.92 -20.98 -31.54
C PRO A 244 -17.26 -22.43 -31.92
N ARG A 245 -18.53 -22.82 -31.82
CA ARG A 245 -18.93 -24.21 -32.11
C ARG A 245 -20.28 -24.26 -32.82
N PRO A 246 -20.59 -25.32 -33.59
CA PRO A 246 -21.92 -25.48 -34.16
C PRO A 246 -22.90 -26.11 -33.17
N VAL A 247 -24.19 -26.15 -33.50
CA VAL A 247 -25.24 -26.79 -32.63
C VAL A 247 -24.92 -28.28 -32.46
N ASP A 248 -25.35 -28.91 -31.35
CA ASP A 248 -24.97 -30.29 -31.09
C ASP A 248 -25.53 -31.21 -32.18
N GLY A 249 -24.72 -32.19 -32.56
CA GLY A 249 -25.08 -33.09 -33.65
C GLY A 249 -24.28 -34.37 -33.65
N THR A 250 -23.82 -34.78 -34.83
CA THR A 250 -23.03 -36.00 -34.97
C THR A 250 -21.56 -35.69 -34.82
N GLY A 251 -20.88 -36.40 -33.91
CA GLY A 251 -19.47 -36.22 -33.67
C GLY A 251 -18.62 -37.20 -34.46
N SER A 252 -17.32 -37.12 -34.25
CA SER A 252 -16.39 -38.03 -34.90
C SER A 252 -15.07 -38.03 -34.14
N CYS A 253 -14.51 -39.22 -33.96
CA CYS A 253 -13.24 -39.40 -33.26
C CYS A 253 -12.14 -40.01 -34.13
N ASN A 254 -12.18 -39.74 -35.43
CA ASN A 254 -11.04 -39.98 -36.31
C ASN A 254 -10.58 -38.71 -37.00
N GLY A 255 -11.34 -37.63 -36.89
CA GLY A 255 -11.00 -36.39 -37.55
C GLY A 255 -11.87 -35.22 -37.12
N PRO A 256 -11.49 -34.02 -37.50
CA PRO A 256 -12.21 -32.82 -37.04
C PRO A 256 -13.57 -32.67 -37.69
N VAL A 257 -14.49 -32.10 -36.94
CA VAL A 257 -15.83 -31.78 -37.40
C VAL A 257 -15.94 -30.26 -37.47
N ASN A 258 -16.05 -29.73 -38.68
CA ASN A 258 -15.99 -28.28 -38.87
C ASN A 258 -17.38 -27.63 -38.79
N ASN A 259 -18.25 -27.98 -39.74
CA ASN A 259 -19.66 -27.48 -39.73
C ASN A 259 -19.71 -25.96 -39.70
N GLY A 260 -18.68 -25.30 -40.21
CA GLY A 260 -18.71 -23.84 -40.35
C GLY A 260 -18.08 -23.06 -39.22
N LYS A 261 -17.83 -23.65 -38.06
CA LYS A 261 -17.30 -22.82 -36.97
C LYS A 261 -16.00 -23.38 -36.39
N GLY A 262 -15.21 -24.10 -37.18
CA GLY A 262 -13.93 -24.63 -36.69
C GLY A 262 -12.90 -23.58 -36.36
N ARG A 263 -12.71 -22.59 -37.21
CA ARG A 263 -11.60 -21.63 -37.03
C ARG A 263 -11.71 -20.92 -35.68
N TYR A 264 -10.61 -20.79 -34.94
CA TYR A 264 -10.55 -20.14 -33.62
C TYR A 264 -10.84 -21.14 -32.49
N GLY A 265 -10.61 -20.72 -31.25
CA GLY A 265 -10.90 -21.63 -30.13
C GLY A 265 -10.57 -21.06 -28.77
N VAL A 266 -10.78 -21.81 -27.70
CA VAL A 266 -10.36 -21.38 -26.33
C VAL A 266 -9.70 -22.58 -25.65
N LYS A 267 -8.89 -22.40 -24.63
CA LYS A 267 -8.31 -23.47 -23.84
C LYS A 267 -9.38 -24.14 -22.99
N GLY A 268 -9.41 -25.47 -23.00
CA GLY A 268 -10.45 -26.21 -22.31
C GLY A 268 -9.97 -27.52 -21.74
N PHE A 269 -10.90 -28.37 -21.28
CA PHE A 269 -10.50 -29.61 -20.65
C PHE A 269 -11.66 -30.61 -20.63
N SER A 270 -11.27 -31.88 -20.52
CA SER A 270 -12.16 -33.02 -20.37
C SER A 270 -11.44 -34.07 -19.55
N PHE A 271 -12.20 -34.77 -18.70
CA PHE A 271 -11.68 -35.84 -17.86
C PHE A 271 -12.32 -37.15 -18.31
N ARG A 272 -11.51 -38.17 -18.51
CA ARG A 272 -11.99 -39.45 -19.03
C ARG A 272 -12.14 -40.46 -17.91
N TYR A 273 -13.30 -41.11 -17.85
CA TYR A 273 -13.58 -42.15 -16.86
C TYR A 273 -14.07 -43.38 -17.61
N GLY A 274 -13.14 -44.25 -17.99
CA GLY A 274 -13.51 -45.45 -18.70
C GLY A 274 -14.10 -45.15 -20.05
N ASP A 275 -15.41 -45.31 -20.18
CA ASP A 275 -16.13 -44.97 -21.39
C ASP A 275 -16.76 -43.59 -21.36
N GLY A 276 -16.91 -42.98 -20.17
CA GLY A 276 -17.56 -41.70 -20.05
C GLY A 276 -16.56 -40.54 -19.97
N VAL A 277 -17.11 -39.33 -20.00
CA VAL A 277 -16.28 -38.14 -20.05
C VAL A 277 -16.99 -36.98 -19.34
N TRP A 278 -16.20 -36.17 -18.65
CA TRP A 278 -16.64 -34.89 -18.10
C TRP A 278 -16.08 -33.79 -18.99
N ILE A 279 -16.97 -32.99 -19.56
CA ILE A 279 -16.61 -31.96 -20.53
C ILE A 279 -16.86 -30.60 -19.90
N GLY A 280 -15.86 -29.72 -19.92
CA GLY A 280 -16.04 -28.37 -19.43
C GLY A 280 -16.24 -27.41 -20.60
N ARG A 281 -17.39 -26.73 -20.62
CA ARG A 281 -17.67 -25.88 -21.78
C ARG A 281 -18.50 -24.67 -21.41
N THR A 282 -18.37 -23.63 -22.23
CA THR A 282 -19.11 -22.38 -22.05
C THR A 282 -20.53 -22.52 -22.56
N LYS A 283 -21.40 -21.60 -22.13
CA LYS A 283 -22.83 -21.73 -22.39
C LYS A 283 -23.24 -21.06 -23.70
N SER A 284 -22.48 -20.08 -24.16
CA SER A 284 -22.82 -19.36 -25.39
C SER A 284 -22.04 -19.90 -26.57
N LEU A 285 -22.69 -19.96 -27.72
CA LEU A 285 -22.10 -20.54 -28.92
C LEU A 285 -21.22 -19.57 -29.70
N GLU A 286 -21.28 -18.28 -29.41
CA GLU A 286 -20.52 -17.28 -30.16
C GLU A 286 -19.50 -16.55 -29.30
N SER A 287 -19.83 -16.28 -28.05
CA SER A 287 -18.98 -15.53 -27.15
C SER A 287 -18.45 -16.43 -26.04
N ARG A 288 -17.60 -15.85 -25.20
CA ARG A 288 -17.07 -16.52 -24.02
C ARG A 288 -17.84 -16.06 -22.79
N SER A 289 -19.05 -16.58 -22.64
CA SER A 289 -19.92 -16.21 -21.52
C SER A 289 -20.57 -17.45 -20.94
N GLY A 290 -20.51 -17.60 -19.62
CA GLY A 290 -21.05 -18.75 -18.93
C GLY A 290 -20.07 -19.90 -18.86
N PHE A 291 -20.41 -20.89 -18.05
CA PHE A 291 -19.59 -22.09 -17.94
C PHE A 291 -20.36 -23.18 -17.21
N GLU A 292 -20.25 -24.40 -17.72
CA GLU A 292 -20.95 -25.56 -17.18
C GLU A 292 -20.09 -26.81 -17.36
N MET A 293 -20.41 -27.83 -16.58
CA MET A 293 -19.71 -29.11 -16.57
C MET A 293 -20.70 -30.21 -16.92
N VAL A 294 -20.46 -30.91 -18.01
CA VAL A 294 -21.40 -31.89 -18.55
C VAL A 294 -20.83 -33.29 -18.39
N TRP A 295 -21.68 -34.23 -17.99
CA TRP A 295 -21.29 -35.62 -17.79
C TRP A 295 -21.94 -36.47 -18.87
N ASP A 296 -21.13 -37.14 -19.68
CA ASP A 296 -21.63 -37.95 -20.79
C ASP A 296 -21.12 -39.38 -20.62
N ALA A 297 -22.04 -40.31 -20.39
CA ALA A 297 -21.67 -41.68 -20.03
C ALA A 297 -21.19 -42.51 -21.20
N ASN A 298 -21.33 -42.03 -22.44
CA ASN A 298 -20.79 -42.70 -23.62
C ASN A 298 -19.87 -41.77 -24.40
N GLY A 299 -19.37 -40.73 -23.75
CA GLY A 299 -18.75 -39.64 -24.48
C GLY A 299 -17.44 -39.98 -25.14
N TRP A 300 -16.89 -41.16 -24.87
CA TRP A 300 -15.59 -41.50 -25.42
C TRP A 300 -15.66 -42.60 -26.47
N VAL A 301 -16.81 -43.23 -26.65
CA VAL A 301 -16.93 -44.32 -27.62
C VAL A 301 -18.12 -44.14 -28.54
N SER A 302 -18.99 -43.16 -28.25
CA SER A 302 -20.24 -42.95 -29.03
C SER A 302 -20.39 -41.53 -29.53
N THR A 303 -21.06 -41.32 -30.67
CA THR A 303 -21.17 -39.99 -31.31
C THR A 303 -22.55 -39.33 -31.15
N ASP A 304 -23.37 -39.77 -30.20
CA ASP A 304 -24.75 -39.23 -29.97
C ASP A 304 -24.70 -37.91 -29.20
N LYS A 305 -25.81 -37.17 -29.12
CA LYS A 305 -25.84 -35.88 -28.39
C LYS A 305 -26.47 -35.96 -26.98
N ASP A 306 -26.91 -37.12 -26.51
CA ASP A 306 -27.59 -37.24 -25.20
C ASP A 306 -26.59 -37.29 -24.04
N SER A 307 -26.97 -36.84 -22.84
CA SER A 307 -26.07 -36.80 -21.65
C SER A 307 -26.74 -37.43 -20.42
N ASN A 308 -26.21 -37.19 -19.20
CA ASN A 308 -26.74 -37.81 -17.99
C ASN A 308 -26.70 -36.87 -16.80
N GLY A 309 -26.48 -35.58 -17.01
CA GLY A 309 -26.46 -34.63 -15.90
C GLY A 309 -25.59 -33.43 -16.18
N VAL A 310 -26.08 -32.25 -15.80
CA VAL A 310 -25.38 -30.99 -16.01
C VAL A 310 -25.34 -30.21 -14.70
N GLN A 311 -24.17 -29.69 -14.37
CA GLN A 311 -23.99 -28.79 -13.24
C GLN A 311 -23.35 -27.51 -13.75
N ASP A 312 -23.85 -26.36 -13.29
CA ASP A 312 -23.44 -25.08 -13.84
C ASP A 312 -22.56 -24.29 -12.88
N ILE A 313 -21.57 -23.60 -13.44
CA ILE A 313 -20.57 -22.86 -12.68
C ILE A 313 -20.78 -21.36 -12.80
N ILE A 314 -20.96 -20.87 -14.02
CA ILE A 314 -21.26 -19.45 -14.26
C ILE A 314 -22.45 -19.37 -15.20
N ASP A 315 -23.39 -18.47 -14.90
CA ASP A 315 -24.58 -18.31 -15.71
C ASP A 315 -24.25 -17.55 -17.00
N ASN A 316 -25.26 -17.45 -17.87
CA ASN A 316 -25.08 -17.03 -19.25
C ASN A 316 -24.86 -15.53 -19.40
N ASP A 317 -24.92 -14.78 -18.31
CA ASP A 317 -24.86 -13.32 -18.37
C ASP A 317 -23.51 -12.78 -17.92
N ASN A 318 -22.52 -13.63 -17.71
CA ASN A 318 -21.25 -13.23 -17.15
C ASN A 318 -20.10 -13.80 -17.97
N TRP A 319 -18.97 -13.12 -17.94
CA TRP A 319 -17.85 -13.46 -18.80
C TRP A 319 -17.00 -14.57 -18.19
N SER A 320 -16.53 -15.47 -19.04
CA SER A 320 -15.57 -16.51 -18.71
C SER A 320 -14.41 -16.43 -19.70
N GLY A 321 -13.58 -17.45 -19.70
CA GLY A 321 -12.40 -17.46 -20.55
C GLY A 321 -11.73 -18.81 -20.57
N TYR A 322 -10.40 -18.82 -20.43
CA TYR A 322 -9.65 -20.06 -20.38
C TYR A 322 -10.12 -20.94 -19.23
N SER A 323 -9.84 -22.24 -19.34
CA SER A 323 -10.06 -23.17 -18.25
C SER A 323 -9.01 -24.26 -18.32
N GLY A 324 -8.73 -24.88 -17.18
CA GLY A 324 -7.65 -25.84 -17.14
C GLY A 324 -7.84 -26.85 -16.02
N SER A 325 -7.00 -27.87 -16.05
CA SER A 325 -7.11 -29.01 -15.16
C SER A 325 -5.82 -29.22 -14.38
N PHE A 326 -5.96 -29.57 -13.10
CA PHE A 326 -4.82 -29.99 -12.28
C PHE A 326 -5.25 -31.14 -11.38
N SER A 327 -4.30 -31.66 -10.62
CA SER A 327 -4.51 -32.87 -9.83
C SER A 327 -3.92 -32.70 -8.44
N ILE A 328 -4.55 -33.35 -7.47
CA ILE A 328 -4.02 -33.44 -6.10
C ILE A 328 -3.81 -34.91 -5.78
N ARG A 329 -2.60 -35.27 -5.37
CA ARG A 329 -2.15 -36.65 -5.42
C ARG A 329 -2.13 -37.31 -4.04
N GLY A 330 -2.06 -38.64 -4.05
CA GLY A 330 -2.16 -39.44 -2.84
C GLY A 330 -1.03 -39.24 -1.85
N GLU A 331 0.07 -38.64 -2.26
CA GLU A 331 1.10 -38.31 -1.29
C GLU A 331 0.67 -37.14 -0.41
N THR A 332 -0.26 -36.32 -0.88
CA THR A 332 -0.77 -35.22 -0.07
C THR A 332 -2.00 -35.63 0.72
N THR A 333 -3.04 -36.08 0.04
CA THR A 333 -4.28 -36.49 0.71
C THR A 333 -4.10 -37.73 1.55
N GLY A 334 -3.39 -38.73 1.05
CA GLY A 334 -3.21 -39.98 1.77
C GLY A 334 -4.05 -41.13 1.25
N LYS A 335 -4.75 -40.94 0.15
CA LYS A 335 -5.65 -42.00 -0.33
C LYS A 335 -4.87 -42.88 -1.31
N ASN A 336 -5.59 -43.63 -2.13
CA ASN A 336 -4.94 -44.51 -3.14
C ASN A 336 -5.30 -44.01 -4.54
N CYS A 337 -5.71 -42.75 -4.66
CA CYS A 337 -6.15 -42.25 -5.97
C CYS A 337 -5.84 -40.76 -6.10
N THR A 338 -5.87 -40.22 -7.32
CA THR A 338 -5.58 -38.78 -7.58
C THR A 338 -6.90 -38.01 -7.68
N VAL A 339 -7.09 -36.94 -6.90
CA VAL A 339 -8.33 -36.10 -6.94
C VAL A 339 -8.23 -35.12 -8.11
N PRO A 340 -9.12 -35.13 -9.13
CA PRO A 340 -9.09 -34.16 -10.24
C PRO A 340 -9.73 -32.83 -9.86
N CYS A 341 -9.15 -31.73 -10.35
CA CYS A 341 -9.65 -30.40 -10.06
C CYS A 341 -9.49 -29.56 -11.31
N PHE A 342 -10.25 -28.46 -11.38
CA PHE A 342 -10.15 -27.55 -12.50
C PHE A 342 -10.24 -26.11 -12.04
N TRP A 343 -9.83 -25.20 -12.92
CA TRP A 343 -9.88 -23.77 -12.68
C TRP A 343 -10.43 -23.06 -13.91
N VAL A 344 -11.05 -21.91 -13.67
CA VAL A 344 -11.66 -21.10 -14.72
C VAL A 344 -11.17 -19.66 -14.59
N GLU A 345 -10.85 -19.05 -15.73
CA GLU A 345 -10.46 -17.65 -15.84
C GLU A 345 -11.67 -16.81 -16.23
N MET A 346 -11.68 -15.55 -15.80
CA MET A 346 -12.79 -14.65 -16.02
C MET A 346 -12.20 -13.32 -16.49
N ILE A 347 -12.51 -12.95 -17.74
CA ILE A 347 -11.82 -11.86 -18.43
C ILE A 347 -12.69 -10.61 -18.39
N ARG A 348 -12.09 -9.48 -18.04
CA ARG A 348 -12.75 -8.18 -18.06
C ARG A 348 -11.92 -7.19 -18.85
N GLY A 349 -12.61 -6.32 -19.59
CA GLY A 349 -11.96 -5.31 -20.40
C GLY A 349 -12.18 -5.55 -21.89
N GLN A 350 -11.26 -5.01 -22.69
CA GLN A 350 -11.31 -5.19 -24.14
C GLN A 350 -11.02 -6.64 -24.52
N PRO A 351 -11.70 -7.18 -25.54
CA PRO A 351 -12.29 -6.40 -26.63
C PRO A 351 -13.78 -6.14 -26.51
N LYS A 352 -14.41 -6.58 -25.43
CA LYS A 352 -15.87 -6.57 -25.35
C LYS A 352 -16.45 -5.40 -24.57
N GLU A 353 -15.68 -4.77 -23.70
CA GLU A 353 -16.16 -3.66 -22.90
C GLU A 353 -15.32 -2.43 -23.15
N LYS A 354 -15.76 -1.31 -22.58
CA LYS A 354 -15.26 0.02 -22.93
C LYS A 354 -14.21 0.45 -21.90
N THR A 355 -13.00 -0.07 -22.05
CA THR A 355 -11.88 0.31 -21.19
C THR A 355 -10.63 0.47 -22.04
N ILE A 356 -9.49 0.62 -21.36
CA ILE A 356 -8.19 0.70 -22.04
C ILE A 356 -7.32 -0.50 -21.72
N TRP A 357 -7.80 -1.45 -20.93
CA TRP A 357 -6.99 -2.56 -20.44
C TRP A 357 -7.76 -3.86 -20.56
N THR A 358 -7.10 -4.95 -20.21
CA THR A 358 -7.69 -6.28 -20.17
C THR A 358 -7.03 -7.07 -19.05
N SER A 359 -7.84 -7.70 -18.20
CA SER A 359 -7.32 -8.48 -17.09
C SER A 359 -8.23 -9.67 -16.84
N GLY A 360 -7.85 -10.49 -15.88
CA GLY A 360 -8.63 -11.68 -15.56
C GLY A 360 -8.43 -12.11 -14.12
N SER A 361 -9.47 -12.74 -13.58
CA SER A 361 -9.42 -13.37 -12.27
C SER A 361 -9.72 -14.86 -12.42
N SER A 362 -9.74 -15.59 -11.32
CA SER A 362 -9.87 -17.05 -11.39
C SER A 362 -10.75 -17.60 -10.28
N ILE A 363 -11.32 -18.78 -10.55
CA ILE A 363 -11.97 -19.60 -9.52
C ILE A 363 -11.50 -21.03 -9.71
N ALA A 364 -11.56 -21.80 -8.63
CA ALA A 364 -11.03 -23.17 -8.69
C ALA A 364 -11.93 -24.12 -7.91
N PHE A 365 -12.16 -25.30 -8.50
CA PHE A 365 -13.04 -26.34 -7.97
C PHE A 365 -12.30 -27.67 -7.95
N CYS A 366 -12.73 -28.57 -7.07
CA CYS A 366 -12.18 -29.91 -6.97
C CYS A 366 -13.30 -30.93 -6.92
N GLY A 367 -13.04 -32.14 -7.41
CA GLY A 367 -14.07 -33.17 -7.48
C GLY A 367 -14.19 -33.97 -6.19
N VAL A 368 -15.43 -34.29 -5.82
CA VAL A 368 -15.72 -35.04 -4.61
C VAL A 368 -16.81 -36.07 -4.89
N ASN A 369 -16.80 -37.16 -4.13
CA ASN A 369 -17.81 -38.21 -4.25
C ASN A 369 -18.91 -38.05 -3.20
N SER A 370 -19.61 -36.92 -3.20
CA SER A 370 -20.64 -36.68 -2.20
C SER A 370 -21.58 -35.58 -2.71
N ASP A 371 -22.42 -35.08 -1.81
CA ASP A 371 -23.48 -34.14 -2.18
C ASP A 371 -22.89 -32.78 -2.51
N THR A 372 -23.33 -32.20 -3.63
CA THR A 372 -22.89 -30.89 -4.07
C THR A 372 -24.06 -30.12 -4.63
N THR A 373 -23.80 -28.89 -5.05
CA THR A 373 -24.83 -27.98 -5.55
C THR A 373 -24.29 -27.18 -6.72
N GLY A 374 -25.21 -26.55 -7.45
CA GLY A 374 -24.87 -25.70 -8.57
C GLY A 374 -25.37 -24.29 -8.34
N TRP A 375 -24.48 -23.31 -8.56
CA TRP A 375 -24.80 -21.91 -8.35
C TRP A 375 -23.98 -21.09 -9.33
N SER A 376 -23.86 -19.79 -9.09
CA SER A 376 -23.07 -18.92 -9.95
C SER A 376 -22.07 -18.15 -9.11
N TRP A 377 -20.81 -18.17 -9.54
CA TRP A 377 -19.72 -17.48 -8.85
C TRP A 377 -19.05 -16.54 -9.86
N PRO A 378 -19.69 -15.42 -10.18
CA PRO A 378 -19.15 -14.54 -11.21
C PRO A 378 -18.01 -13.67 -10.69
N ASP A 379 -17.56 -12.73 -11.54
CA ASP A 379 -16.46 -11.85 -11.16
C ASP A 379 -16.94 -10.72 -10.24
N GLY A 380 -17.87 -9.91 -10.72
CA GLY A 380 -18.53 -8.94 -9.87
C GLY A 380 -17.96 -7.55 -9.84
N ALA A 381 -17.01 -7.24 -10.71
CA ALA A 381 -16.46 -5.89 -10.76
C ALA A 381 -17.44 -4.95 -11.46
N LEU A 382 -17.38 -3.67 -11.11
CA LEU A 382 -18.22 -2.63 -11.69
C LEU A 382 -17.37 -1.72 -12.55
N LEU A 383 -17.27 -2.03 -13.82
CA LEU A 383 -16.50 -1.29 -14.80
C LEU A 383 -17.34 -0.17 -15.40
N PRO A 384 -16.70 0.88 -15.94
CA PRO A 384 -15.28 1.19 -16.03
C PRO A 384 -14.69 1.86 -14.79
N PHE A 385 -13.36 1.81 -14.67
CA PHE A 385 -12.66 2.37 -13.53
C PHE A 385 -12.43 3.86 -13.72
N ASP A 386 -11.59 4.45 -12.86
CA ASP A 386 -11.32 5.89 -12.92
C ASP A 386 -10.44 6.26 -14.11
N ILE A 387 -9.47 5.43 -14.45
CA ILE A 387 -8.51 5.77 -15.50
C ILE A 387 -9.16 5.77 -16.88
N ASP A 388 -10.31 5.12 -17.03
CA ASP A 388 -10.95 4.98 -18.33
C ASP A 388 -11.73 6.21 -18.75
N LYS A 389 -11.84 7.21 -17.90
CA LYS A 389 -12.64 8.38 -18.19
C LYS A 389 -11.76 9.60 -18.50
N VAL B 1 28.45 -25.21 4.71
CA VAL B 1 29.53 -25.51 3.79
C VAL B 1 30.07 -24.23 3.19
N HIS B 2 31.39 -24.11 3.17
CA HIS B 2 32.01 -22.87 2.73
C HIS B 2 32.46 -22.98 1.27
N TYR B 3 32.53 -21.83 0.61
CA TYR B 3 32.82 -21.76 -0.82
C TYR B 3 34.28 -22.09 -1.08
N SER B 4 34.59 -23.27 -1.59
CA SER B 4 36.00 -23.71 -1.72
C SER B 4 36.76 -23.00 -2.82
N SER B 5 37.92 -23.53 -3.20
CA SER B 5 38.81 -22.85 -4.17
C SER B 5 39.33 -23.82 -5.24
N GLY B 6 39.80 -23.32 -6.38
CA GLY B 6 40.40 -24.15 -7.44
C GLY B 6 39.49 -24.59 -8.56
N ARG B 7 38.19 -24.27 -8.51
CA ARG B 7 37.22 -24.81 -9.49
C ARG B 7 37.33 -24.35 -10.96
N ASP B 8 37.55 -23.06 -11.30
CA ASP B 8 37.74 -22.55 -12.70
C ASP B 8 36.43 -22.15 -13.38
N LEU B 9 36.45 -21.21 -14.34
CA LEU B 9 35.24 -20.71 -14.96
C LEU B 9 34.72 -21.72 -15.97
N CYS B 10 33.48 -21.53 -16.36
CA CYS B 10 32.76 -22.62 -16.99
C CYS B 10 32.52 -22.29 -18.47
N PRO B 11 32.65 -23.26 -19.36
CA PRO B 11 32.61 -22.96 -20.80
C PRO B 11 31.22 -22.54 -21.25
N ILE B 12 31.16 -21.45 -22.02
CA ILE B 12 29.90 -20.83 -22.41
C ILE B 12 29.91 -20.49 -23.90
N ARG B 13 28.71 -20.30 -24.44
CA ARG B 13 28.51 -19.81 -25.80
C ARG B 13 27.61 -18.58 -25.88
N GLY B 14 26.85 -18.27 -24.85
CA GLY B 14 25.92 -17.16 -24.91
C GLY B 14 25.35 -16.88 -23.55
N TRP B 15 24.41 -15.92 -23.52
CA TRP B 15 23.85 -15.42 -22.27
C TRP B 15 22.33 -15.51 -22.31
N ALA B 16 21.75 -16.03 -21.24
CA ALA B 16 20.31 -16.28 -21.13
C ALA B 16 19.70 -15.41 -20.04
N PRO B 17 18.51 -14.85 -20.29
CA PRO B 17 17.91 -13.93 -19.31
C PRO B 17 17.66 -14.60 -17.97
N LEU B 18 17.90 -13.85 -16.89
CA LEU B 18 17.68 -14.34 -15.54
C LEU B 18 16.62 -13.56 -14.78
N SER B 19 16.66 -12.23 -14.79
CA SER B 19 15.66 -11.50 -14.01
C SER B 19 15.47 -10.09 -14.55
N LYS B 20 14.31 -9.53 -14.20
CA LYS B 20 13.90 -8.16 -14.53
C LYS B 20 13.02 -7.63 -13.41
N ASP B 21 13.24 -6.38 -13.01
CA ASP B 21 12.48 -5.80 -11.90
C ASP B 21 11.16 -5.19 -12.33
N ASN B 22 11.15 -4.36 -13.37
CA ASN B 22 10.01 -3.50 -13.71
C ASN B 22 9.67 -2.60 -12.52
N GLY B 23 10.66 -1.84 -12.08
CA GLY B 23 10.53 -1.07 -10.86
C GLY B 23 9.94 0.31 -11.04
N ILE B 24 10.32 1.01 -12.11
CA ILE B 24 9.80 2.36 -12.32
C ILE B 24 8.39 2.28 -12.93
N ARG B 25 8.08 1.20 -13.62
CA ARG B 25 6.71 1.02 -14.13
C ARG B 25 5.73 0.78 -12.99
N ILE B 26 6.19 0.18 -11.90
CA ILE B 26 5.31 -0.08 -10.77
C ILE B 26 5.29 1.11 -9.82
N GLY B 27 6.39 1.87 -9.77
CA GLY B 27 6.47 3.00 -8.87
C GLY B 27 5.61 4.17 -9.30
N SER B 28 4.95 4.03 -10.45
CA SER B 28 4.04 5.06 -10.92
C SER B 28 2.76 5.11 -10.08
N ARG B 29 2.37 3.99 -9.47
CA ARG B 29 1.17 3.97 -8.63
C ARG B 29 1.41 3.27 -7.30
N GLY B 30 2.43 2.42 -7.23
CA GLY B 30 2.75 1.72 -6.00
C GLY B 30 3.77 2.47 -5.17
N GLU B 31 4.22 1.82 -4.11
CA GLU B 31 5.26 2.35 -3.23
C GLU B 31 6.59 1.68 -3.59
N VAL B 32 7.49 2.44 -4.20
CA VAL B 32 8.78 1.95 -4.61
C VAL B 32 9.84 2.97 -4.25
N PHE B 33 10.95 2.52 -3.68
CA PHE B 33 12.04 3.40 -3.29
C PHE B 33 12.63 4.11 -4.50
N VAL B 34 13.39 5.16 -4.23
CA VAL B 34 14.23 5.80 -5.24
C VAL B 34 15.65 5.29 -5.02
N ILE B 35 16.09 4.39 -5.90
CA ILE B 35 17.35 3.67 -5.70
C ILE B 35 18.36 4.10 -6.74
N ARG B 36 19.59 3.59 -6.62
CA ARG B 36 20.58 3.63 -7.68
C ARG B 36 21.75 2.75 -7.25
N GLU B 37 22.56 2.34 -8.23
CA GLU B 37 23.61 1.34 -8.08
C GLU B 37 23.09 0.03 -7.51
N PRO B 38 22.25 -0.71 -8.23
CA PRO B 38 21.80 -2.00 -7.70
C PRO B 38 22.69 -3.16 -8.14
N PHE B 39 23.19 -3.97 -7.21
CA PHE B 39 23.97 -5.14 -7.58
C PHE B 39 23.32 -6.40 -7.03
N ILE B 40 23.81 -7.55 -7.48
CA ILE B 40 23.22 -8.84 -7.15
C ILE B 40 24.30 -9.74 -6.57
N SER B 41 23.98 -10.40 -5.46
CA SER B 41 24.91 -11.34 -4.85
C SER B 41 24.19 -12.61 -4.45
N CYS B 42 24.85 -13.75 -4.61
CA CYS B 42 24.25 -15.06 -4.38
C CYS B 42 24.95 -15.79 -3.24
N SER B 43 24.17 -16.56 -2.48
CA SER B 43 24.71 -17.40 -1.43
C SER B 43 24.24 -18.84 -1.63
N ILE B 44 24.48 -19.69 -0.63
CA ILE B 44 24.24 -21.12 -0.78
C ILE B 44 22.78 -21.46 -0.99
N SER B 45 21.85 -20.56 -0.68
CA SER B 45 20.43 -20.87 -0.76
C SER B 45 19.60 -19.86 -1.52
N GLU B 46 20.10 -18.65 -1.78
CA GLU B 46 19.29 -17.65 -2.46
C GLU B 46 20.18 -16.59 -3.08
N CYS B 47 19.61 -15.86 -4.04
CA CYS B 47 20.27 -14.72 -4.65
C CYS B 47 19.46 -13.46 -4.33
N ARG B 48 20.15 -12.40 -3.92
CA ARG B 48 19.51 -11.19 -3.47
C ARG B 48 20.04 -9.99 -4.24
N THR B 49 19.24 -8.93 -4.24
CA THR B 49 19.59 -7.66 -4.87
C THR B 49 19.80 -6.63 -3.77
N PHE B 50 20.98 -6.03 -3.75
CA PHE B 50 21.32 -4.96 -2.84
C PHE B 50 21.25 -3.63 -3.59
N PHE B 51 20.78 -2.59 -2.91
CA PHE B 51 20.66 -1.29 -3.54
C PHE B 51 20.82 -0.19 -2.50
N LEU B 52 21.12 1.01 -3.00
CA LEU B 52 21.35 2.19 -2.17
C LEU B 52 20.18 3.14 -2.38
N THR B 53 19.45 3.41 -1.29
CA THR B 53 18.28 4.26 -1.35
C THR B 53 18.61 5.67 -0.87
N GLN B 54 17.92 6.63 -1.48
CA GLN B 54 18.01 8.04 -1.12
C GLN B 54 17.14 8.41 0.06
N GLY B 55 16.40 7.45 0.62
CA GLY B 55 15.53 7.73 1.74
C GLY B 55 14.19 8.32 1.38
N ALA B 56 13.75 8.15 0.14
CA ALA B 56 12.50 8.74 -0.33
C ALA B 56 11.79 7.76 -1.23
N LEU B 57 10.50 7.99 -1.43
CA LEU B 57 9.69 7.18 -2.33
C LEU B 57 9.57 7.87 -3.67
N LEU B 58 9.28 7.08 -4.70
CA LEU B 58 9.17 7.59 -6.05
C LEU B 58 7.80 8.23 -6.24
N ASN B 59 7.76 9.32 -7.00
CA ASN B 59 6.56 10.12 -7.22
C ASN B 59 6.12 10.82 -5.94
N ASP B 60 7.08 11.39 -5.21
CA ASP B 60 6.84 12.07 -3.95
C ASP B 60 7.53 13.43 -3.95
N LYS B 61 7.19 14.25 -2.94
CA LYS B 61 7.81 15.56 -2.81
C LYS B 61 9.24 15.47 -2.32
N HIS B 62 9.61 14.38 -1.65
CA HIS B 62 10.94 14.25 -1.07
C HIS B 62 11.97 13.73 -2.07
N SER B 63 11.53 13.32 -3.26
CA SER B 63 12.45 12.92 -4.31
C SER B 63 12.93 14.09 -5.14
N ASN B 64 12.82 15.30 -4.59
CA ASN B 64 13.23 16.53 -5.33
C ASN B 64 14.76 16.64 -5.30
N GLY B 65 15.40 16.63 -6.47
CA GLY B 65 16.83 16.74 -6.57
C GLY B 65 17.61 15.58 -6.01
N THR B 66 17.22 14.35 -6.35
CA THR B 66 17.92 13.15 -5.91
C THR B 66 18.99 12.71 -6.90
N VAL B 67 19.53 13.65 -7.68
CA VAL B 67 20.68 13.34 -8.52
C VAL B 67 21.98 13.35 -7.73
N LYS B 68 21.96 13.91 -6.51
CA LYS B 68 23.16 14.01 -5.70
C LYS B 68 23.31 12.77 -4.83
N ASP B 69 24.55 12.29 -4.71
CA ASP B 69 24.79 10.96 -4.17
C ASP B 69 25.10 10.92 -2.67
N ARG B 70 25.94 11.82 -2.17
CA ARG B 70 26.36 11.78 -0.78
C ARG B 70 25.42 12.63 0.07
N SER B 71 24.72 11.98 1.00
CA SER B 71 23.81 12.66 1.90
C SER B 71 23.61 11.79 3.12
N PRO B 72 23.19 12.38 4.25
CA PRO B 72 23.02 11.58 5.47
C PRO B 72 21.79 10.68 5.46
N PHE B 73 21.12 10.55 4.32
CA PHE B 73 19.89 9.79 4.24
C PHE B 73 19.99 8.51 3.42
N ARG B 74 21.05 8.32 2.64
CA ARG B 74 21.21 7.09 1.88
C ARG B 74 21.37 5.90 2.81
N THR B 75 20.84 4.76 2.39
CA THR B 75 20.99 3.53 3.16
C THR B 75 21.16 2.36 2.20
N LEU B 76 21.78 1.28 2.68
CA LEU B 76 21.95 0.06 1.90
C LEU B 76 20.95 -0.97 2.35
N MET B 77 20.10 -1.43 1.42
CA MET B 77 19.06 -2.41 1.71
C MET B 77 19.12 -3.52 0.68
N SER B 78 18.28 -4.54 0.86
CA SER B 78 18.29 -5.68 -0.05
C SER B 78 16.92 -6.34 -0.09
N CYS B 79 16.61 -6.96 -1.22
CA CYS B 79 15.36 -7.65 -1.47
C CYS B 79 15.61 -8.89 -2.32
N PRO B 80 14.66 -9.81 -2.39
CA PRO B 80 14.84 -10.99 -3.24
C PRO B 80 14.97 -10.64 -4.71
N ILE B 81 15.43 -11.61 -5.48
CA ILE B 81 15.76 -11.37 -6.88
C ILE B 81 14.48 -11.17 -7.68
N GLY B 82 14.49 -10.14 -8.54
CA GLY B 82 13.38 -9.90 -9.44
C GLY B 82 12.14 -9.28 -8.85
N VAL B 83 12.22 -8.72 -7.64
CA VAL B 83 11.08 -8.16 -6.95
C VAL B 83 11.30 -6.67 -6.75
N ALA B 84 10.21 -5.88 -6.88
CA ALA B 84 10.25 -4.44 -6.79
C ALA B 84 10.74 -3.99 -5.41
N PRO B 85 11.68 -3.05 -5.35
CA PRO B 85 12.20 -2.61 -4.05
C PRO B 85 11.21 -1.77 -3.26
N SER B 86 10.27 -2.42 -2.61
CA SER B 86 9.21 -1.81 -1.83
C SER B 86 9.63 -1.70 -0.37
N PRO B 87 9.01 -0.81 0.40
CA PRO B 87 9.25 -0.81 1.85
C PRO B 87 8.78 -2.08 2.55
N SER B 88 7.90 -2.86 1.94
CA SER B 88 7.38 -4.08 2.53
C SER B 88 8.12 -5.33 2.07
N ASN B 89 9.09 -5.19 1.19
CA ASN B 89 9.88 -6.32 0.70
C ASN B 89 11.35 -6.24 1.06
N SER B 90 11.82 -5.10 1.55
CA SER B 90 13.24 -4.81 1.70
C SER B 90 13.68 -5.04 3.14
N ARG B 91 14.92 -5.50 3.29
CA ARG B 91 15.52 -5.77 4.58
C ARG B 91 16.70 -4.83 4.79
N PHE B 92 16.68 -4.09 5.90
CA PHE B 92 17.73 -3.13 6.19
C PHE B 92 19.07 -3.81 6.35
N GLU B 93 20.10 -3.24 5.74
CA GLU B 93 21.45 -3.79 5.83
C GLU B 93 22.44 -2.85 6.49
N SER B 94 22.55 -1.61 6.02
CA SER B 94 23.58 -0.74 6.60
C SER B 94 23.29 0.72 6.29
N VAL B 95 24.06 1.60 6.93
CA VAL B 95 23.98 3.04 6.70
C VAL B 95 25.22 3.46 5.92
N ALA B 96 25.03 3.94 4.68
CA ALA B 96 26.17 4.21 3.82
C ALA B 96 25.74 4.98 2.58
N TRP B 97 26.67 5.73 1.99
CA TRP B 97 26.52 6.22 0.63
C TRP B 97 27.47 5.54 -0.35
N SER B 98 28.27 4.59 0.10
CA SER B 98 29.04 3.69 -0.75
C SER B 98 29.13 2.37 0.00
N ALA B 99 29.04 1.25 -0.70
CA ALA B 99 28.88 -0.02 0.00
C ALA B 99 29.27 -1.19 -0.88
N THR B 100 29.40 -2.36 -0.25
CA THR B 100 29.54 -3.63 -0.95
C THR B 100 29.19 -4.74 0.04
N ALA B 101 28.95 -5.95 -0.49
CA ALA B 101 28.55 -7.06 0.37
C ALA B 101 28.67 -8.38 -0.36
N CYS B 102 29.20 -9.41 0.32
CA CYS B 102 29.17 -10.75 -0.25
C CYS B 102 28.77 -11.77 0.81
N SER B 103 28.89 -13.04 0.43
CA SER B 103 28.58 -14.17 1.28
C SER B 103 29.69 -15.20 1.16
N ASP B 104 29.93 -15.91 2.26
CA ASP B 104 30.94 -16.97 2.27
C ASP B 104 30.31 -18.34 2.46
N GLY B 105 29.14 -18.54 1.86
CA GLY B 105 28.34 -19.73 2.03
C GLY B 105 27.21 -19.64 3.03
N PRO B 106 27.52 -19.61 4.34
CA PRO B 106 26.43 -19.55 5.32
C PRO B 106 25.85 -18.16 5.57
N GLY B 107 26.68 -17.12 5.58
CA GLY B 107 26.24 -15.83 6.05
C GLY B 107 26.56 -14.67 5.15
N TRP B 108 26.34 -13.44 5.64
CA TRP B 108 26.48 -12.23 4.83
C TRP B 108 27.45 -11.27 5.50
N LEU B 109 28.43 -10.79 4.73
CA LEU B 109 29.31 -9.71 5.14
C LEU B 109 28.97 -8.45 4.36
N THR B 110 28.84 -7.33 5.08
CA THR B 110 28.58 -6.04 4.45
C THR B 110 29.59 -5.00 4.91
N LEU B 111 29.96 -4.11 3.99
CA LEU B 111 30.84 -2.99 4.25
C LEU B 111 30.15 -1.73 3.75
N GLY B 112 30.07 -0.72 4.60
CA GLY B 112 29.39 0.51 4.25
C GLY B 112 30.10 1.75 4.76
N ILE B 113 30.26 2.73 3.88
CA ILE B 113 31.03 3.93 4.16
C ILE B 113 30.08 5.09 4.37
N THR B 114 30.31 5.86 5.43
CA THR B 114 29.50 7.04 5.73
C THR B 114 30.34 8.06 6.47
N GLY B 115 29.90 9.31 6.43
CA GLY B 115 30.59 10.38 7.12
C GLY B 115 30.93 11.54 6.22
N PRO B 116 31.65 12.52 6.75
CA PRO B 116 32.01 13.70 5.97
C PRO B 116 32.89 13.34 4.78
N ASP B 117 33.16 14.35 3.96
CA ASP B 117 33.97 14.12 2.77
C ASP B 117 35.42 13.82 3.10
N SER B 118 35.92 14.33 4.23
CA SER B 118 37.33 14.25 4.55
C SER B 118 37.67 13.20 5.58
N THR B 119 36.73 12.76 6.41
CA THR B 119 36.97 11.77 7.45
C THR B 119 35.90 10.69 7.41
N ALA B 120 35.64 10.15 6.23
CA ALA B 120 34.66 9.10 6.09
C ALA B 120 35.13 7.84 6.82
N VAL B 121 34.18 7.02 7.22
CA VAL B 121 34.44 5.80 8.00
C VAL B 121 33.66 4.65 7.40
N ALA B 122 34.32 3.50 7.24
CA ALA B 122 33.71 2.29 6.73
C ALA B 122 33.46 1.32 7.87
N VAL B 123 32.22 0.83 7.97
CA VAL B 123 31.81 -0.08 9.02
C VAL B 123 31.58 -1.44 8.40
N LEU B 124 32.15 -2.47 9.02
CA LEU B 124 32.07 -3.86 8.57
C LEU B 124 31.21 -4.67 9.53
N LYS B 125 30.14 -5.26 8.99
CA LYS B 125 29.20 -6.07 9.74
C LYS B 125 29.18 -7.48 9.19
N TYR B 126 28.93 -8.44 10.07
CA TYR B 126 28.74 -9.85 9.71
C TYR B 126 27.46 -10.33 10.38
N ASN B 127 26.40 -10.52 9.58
CA ASN B 127 25.09 -10.93 10.06
C ASN B 127 24.45 -9.90 10.99
N GLY B 128 24.67 -8.62 10.73
CA GLY B 128 24.01 -7.57 11.46
C GLY B 128 24.70 -7.11 12.73
N ILE B 129 25.86 -7.68 13.06
CA ILE B 129 26.60 -7.32 14.26
C ILE B 129 27.86 -6.59 13.84
N ILE B 130 28.06 -5.38 14.34
CA ILE B 130 29.21 -4.57 13.94
C ILE B 130 30.48 -5.23 14.46
N THR B 131 31.39 -5.56 13.54
CA THR B 131 32.62 -6.23 13.90
C THR B 131 33.88 -5.42 13.62
N ASP B 132 33.85 -4.45 12.71
CA ASP B 132 35.08 -3.70 12.47
C ASP B 132 34.78 -2.33 11.89
N THR B 133 35.79 -1.46 11.94
CA THR B 133 35.72 -0.14 11.31
C THR B 133 37.08 0.21 10.73
N LEU B 134 37.08 1.01 9.66
CA LEU B 134 38.28 1.52 9.02
C LEU B 134 38.06 3.01 8.74
N LYS B 135 39.13 3.78 8.76
CA LYS B 135 39.04 5.22 8.57
C LYS B 135 39.92 5.68 7.42
N SER B 136 39.48 6.76 6.77
CA SER B 136 40.17 7.27 5.59
C SER B 136 41.59 7.67 5.93
N TRP B 137 42.53 7.36 5.03
CA TRP B 137 43.94 7.57 5.31
C TRP B 137 44.57 8.69 4.49
N LYS B 138 43.86 9.27 3.52
CA LYS B 138 44.40 10.38 2.75
C LYS B 138 43.57 11.65 2.85
N GLY B 139 42.51 11.66 3.65
CA GLY B 139 41.71 12.87 3.80
C GLY B 139 40.98 13.30 2.55
N ASN B 140 40.43 12.35 1.80
CA ASN B 140 39.69 12.66 0.59
C ASN B 140 38.64 11.57 0.43
N ILE B 141 37.68 11.76 -0.47
CA ILE B 141 36.52 10.89 -0.55
C ILE B 141 36.95 9.43 -0.69
N MET B 142 36.57 8.60 0.27
CA MET B 142 36.93 7.19 0.27
C MET B 142 35.75 6.36 -0.18
N ARG B 143 36.00 5.44 -1.11
CA ARG B 143 34.91 4.80 -1.84
C ARG B 143 35.28 3.36 -2.15
N THR B 144 34.27 2.56 -2.50
CA THR B 144 34.45 1.14 -2.74
C THR B 144 33.73 0.67 -4.00
N GLN B 145 33.63 -0.64 -4.21
CA GLN B 145 33.29 -1.22 -5.51
C GLN B 145 31.88 -0.89 -5.98
N GLU B 146 30.88 -1.02 -5.10
CA GLU B 146 29.47 -1.04 -5.49
C GLU B 146 29.13 -2.27 -6.31
N SER B 147 29.78 -3.39 -6.02
CA SER B 147 29.38 -4.71 -6.51
C SER B 147 29.89 -5.74 -5.50
N GLU B 148 29.62 -7.02 -5.77
CA GLU B 148 29.90 -7.99 -4.72
C GLU B 148 31.40 -8.16 -4.53
N CYS B 149 31.77 -8.57 -3.33
CA CYS B 149 33.10 -9.01 -3.00
C CYS B 149 33.23 -10.52 -3.16
N VAL B 150 34.47 -11.00 -3.22
CA VAL B 150 34.75 -12.40 -3.49
C VAL B 150 35.20 -13.07 -2.21
N CYS B 151 34.51 -14.15 -1.84
CA CYS B 151 34.68 -14.82 -0.56
C CYS B 151 34.94 -16.30 -0.83
N GLN B 152 36.17 -16.74 -0.59
CA GLN B 152 36.54 -18.14 -0.82
C GLN B 152 37.42 -18.65 0.32
N ASP B 153 37.18 -19.89 0.74
CA ASP B 153 37.91 -20.53 1.84
C ASP B 153 37.81 -19.71 3.13
N GLU B 154 36.62 -19.18 3.40
CA GLU B 154 36.26 -18.40 4.59
C GLU B 154 36.84 -16.99 4.59
N PHE B 155 37.67 -16.63 3.62
CA PHE B 155 38.29 -15.30 3.57
C PHE B 155 37.66 -14.49 2.46
N CYS B 156 37.40 -13.21 2.73
CA CYS B 156 36.74 -12.30 1.80
C CYS B 156 37.72 -11.20 1.42
N TYR B 157 37.70 -10.79 0.15
CA TYR B 157 38.68 -9.83 -0.36
C TYR B 157 37.97 -8.66 -1.02
N THR B 158 38.42 -7.44 -0.70
CA THR B 158 37.89 -6.23 -1.32
C THR B 158 39.03 -5.31 -1.70
N LEU B 159 38.72 -4.30 -2.51
CA LEU B 159 39.67 -3.26 -2.88
C LEU B 159 39.05 -1.89 -2.64
N VAL B 160 39.83 -0.98 -2.07
CA VAL B 160 39.33 0.32 -1.61
C VAL B 160 40.25 1.42 -2.12
N THR B 161 39.64 2.53 -2.56
CA THR B 161 40.32 3.65 -3.20
C THR B 161 40.25 4.89 -2.32
N ASP B 162 41.23 5.77 -2.46
CA ASP B 162 41.19 7.07 -1.80
C ASP B 162 42.08 8.06 -2.54
N GLY B 163 41.59 9.28 -2.72
CA GLY B 163 42.37 10.31 -3.35
C GLY B 163 41.63 11.05 -4.45
N PRO B 164 42.38 11.79 -5.27
CA PRO B 164 41.75 12.61 -6.31
C PRO B 164 41.06 11.77 -7.38
N SER B 165 40.10 12.40 -8.06
CA SER B 165 39.37 11.77 -9.15
C SER B 165 39.94 12.09 -10.52
N ASP B 166 40.98 12.93 -10.60
CA ASP B 166 41.60 13.26 -11.88
C ASP B 166 43.11 13.26 -11.79
N ALA B 167 43.68 12.56 -10.82
CA ALA B 167 45.11 12.45 -10.68
C ALA B 167 45.47 11.12 -10.03
N GLN B 168 46.68 11.00 -9.52
CA GLN B 168 47.09 9.77 -8.84
C GLN B 168 46.27 9.58 -7.57
N ALA B 169 45.83 8.35 -7.34
CA ALA B 169 45.10 7.97 -6.14
C ALA B 169 45.90 6.92 -5.38
N PHE B 170 45.28 6.32 -4.36
CA PHE B 170 45.96 5.36 -3.51
C PHE B 170 44.99 4.23 -3.17
N TYR B 171 45.50 2.99 -3.21
CA TYR B 171 44.66 1.80 -3.27
C TYR B 171 45.10 0.78 -2.23
N LYS B 172 44.12 0.12 -1.61
CA LYS B 172 44.38 -0.93 -0.65
C LYS B 172 43.57 -2.17 -0.98
N ILE B 173 44.15 -3.33 -0.72
CA ILE B 173 43.45 -4.61 -0.74
C ILE B 173 43.20 -5.04 0.70
N LEU B 174 41.96 -5.40 1.00
CA LEU B 174 41.56 -5.84 2.33
C LEU B 174 41.21 -7.31 2.32
N LYS B 175 41.76 -8.05 3.28
CA LYS B 175 41.50 -9.47 3.48
C LYS B 175 40.88 -9.66 4.85
N ILE B 176 39.68 -10.23 4.87
CA ILE B 176 38.77 -10.22 6.01
C ILE B 176 38.36 -11.65 6.32
N ARG B 177 38.21 -11.97 7.61
CA ARG B 177 37.70 -13.28 8.00
C ARG B 177 36.59 -13.12 9.02
N LYS B 178 35.42 -13.69 8.72
CA LYS B 178 34.27 -13.69 9.61
C LYS B 178 33.93 -12.31 10.15
N GLY B 179 34.19 -11.27 9.37
CA GLY B 179 33.73 -9.94 9.67
C GLY B 179 34.79 -8.98 10.16
N LYS B 180 36.01 -9.43 10.42
CA LYS B 180 37.05 -8.54 10.91
C LYS B 180 38.29 -8.62 10.03
N ILE B 181 38.97 -7.48 9.89
CA ILE B 181 40.08 -7.37 8.95
C ILE B 181 41.28 -8.11 9.51
N VAL B 182 41.85 -9.01 8.70
CA VAL B 182 43.06 -9.69 9.13
C VAL B 182 44.30 -9.22 8.38
N SER B 183 44.15 -8.65 7.19
CA SER B 183 45.33 -8.09 6.52
C SER B 183 44.91 -7.04 5.50
N MET B 184 45.87 -6.22 5.10
CA MET B 184 45.66 -5.27 4.02
C MET B 184 47.00 -4.92 3.39
N LYS B 185 46.93 -4.52 2.12
CA LYS B 185 48.13 -4.32 1.31
C LYS B 185 47.97 -3.04 0.49
N ASP B 186 49.08 -2.32 0.31
CA ASP B 186 49.07 -1.07 -0.44
C ASP B 186 49.50 -1.33 -1.88
N VAL B 187 48.62 -1.08 -2.83
CA VAL B 187 48.92 -1.34 -4.24
C VAL B 187 49.71 -0.17 -4.80
N ASP B 188 50.90 -0.46 -5.34
CA ASP B 188 51.79 0.54 -5.90
C ASP B 188 51.65 0.46 -7.42
N ALA B 189 50.91 1.41 -8.01
CA ALA B 189 50.52 1.36 -9.41
C ALA B 189 50.74 2.72 -10.06
N THR B 190 51.96 3.24 -9.93
CA THR B 190 52.30 4.54 -10.51
C THR B 190 51.87 4.63 -11.97
N GLY B 191 50.99 5.58 -12.26
CA GLY B 191 50.46 5.75 -13.60
C GLY B 191 49.16 5.04 -13.89
N PHE B 192 48.44 4.58 -12.87
CA PHE B 192 47.20 3.83 -13.05
C PHE B 192 46.05 4.55 -12.35
N HIS B 193 44.85 3.99 -12.47
CA HIS B 193 43.68 4.52 -11.79
C HIS B 193 42.65 3.42 -11.69
N PHE B 194 42.42 2.90 -10.48
CA PHE B 194 41.43 1.86 -10.25
C PHE B 194 40.24 2.46 -9.50
N GLU B 195 39.05 2.31 -10.07
CA GLU B 195 37.81 2.66 -9.39
C GLU B 195 36.73 1.65 -9.76
N GLU B 196 35.86 1.36 -8.80
CA GLU B 196 34.67 0.55 -9.02
C GLU B 196 35.01 -0.77 -9.70
N CYS B 197 35.80 -1.58 -9.00
CA CYS B 197 36.31 -2.82 -9.56
C CYS B 197 35.24 -3.91 -9.52
N SER B 198 35.20 -4.73 -10.57
CA SER B 198 34.35 -5.90 -10.62
C SER B 198 35.24 -7.14 -10.56
N CYS B 199 34.97 -8.02 -9.59
CA CYS B 199 35.87 -9.11 -9.25
C CYS B 199 35.16 -10.44 -9.35
N TYR B 200 35.90 -11.47 -9.78
CA TYR B 200 35.38 -12.83 -9.83
C TYR B 200 36.51 -13.80 -9.53
N PRO B 201 36.20 -15.01 -9.05
CA PRO B 201 37.25 -15.96 -8.70
C PRO B 201 37.68 -16.85 -9.87
N SER B 202 38.98 -16.91 -10.14
CA SER B 202 39.50 -17.73 -11.23
C SER B 202 40.67 -18.55 -10.69
N GLY B 203 40.60 -19.86 -10.86
CA GLY B 203 41.66 -20.72 -10.36
C GLY B 203 41.80 -20.59 -8.85
N THR B 204 43.02 -20.29 -8.40
CA THR B 204 43.28 -20.01 -7.00
C THR B 204 43.50 -18.53 -6.74
N GLU B 205 43.03 -17.66 -7.64
CA GLU B 205 43.26 -16.23 -7.54
C GLU B 205 41.97 -15.47 -7.78
N ILE B 206 42.04 -14.17 -7.54
CA ILE B 206 40.93 -13.24 -7.73
C ILE B 206 41.29 -12.31 -8.86
N GLU B 207 40.33 -12.12 -9.78
CA GLU B 207 40.52 -11.37 -11.02
C GLU B 207 39.56 -10.19 -11.00
N CYS B 208 40.07 -8.98 -11.22
CA CYS B 208 39.22 -7.79 -11.14
C CYS B 208 39.49 -6.87 -12.32
N VAL B 209 38.42 -6.31 -12.87
CA VAL B 209 38.48 -5.32 -13.95
C VAL B 209 37.85 -4.03 -13.43
N CYS B 210 38.57 -2.92 -13.54
CA CYS B 210 38.25 -1.68 -12.86
C CYS B 210 37.99 -0.57 -13.88
N ARG B 211 37.88 0.68 -13.40
CA ARG B 211 37.50 1.82 -14.21
C ARG B 211 38.58 2.90 -14.10
N ASP B 212 39.01 3.42 -15.24
CA ASP B 212 40.03 4.45 -15.28
C ASP B 212 39.37 5.79 -15.54
N ASN B 213 39.45 6.69 -14.56
CA ASN B 213 38.74 7.96 -14.58
C ASN B 213 39.66 9.14 -14.83
N TRP B 214 40.90 8.90 -15.22
CA TRP B 214 41.85 10.00 -15.36
C TRP B 214 42.28 10.21 -16.80
N ARG B 215 42.83 9.21 -17.46
CA ARG B 215 43.22 9.40 -18.85
C ARG B 215 43.05 8.14 -19.69
N GLY B 216 42.19 7.21 -19.27
CA GLY B 216 42.09 5.94 -19.95
C GLY B 216 40.73 5.70 -20.56
N SER B 217 40.72 5.10 -21.74
CA SER B 217 39.50 4.68 -22.40
C SER B 217 39.40 3.17 -22.56
N ASN B 218 40.40 2.43 -22.11
CA ASN B 218 40.33 1.00 -21.93
C ASN B 218 40.25 0.66 -20.45
N ARG B 219 40.24 -0.63 -20.13
CA ARG B 219 39.99 -0.88 -18.72
C ARG B 219 41.19 -1.56 -18.06
N PRO B 220 41.55 -1.14 -16.84
CA PRO B 220 42.66 -1.78 -16.14
C PRO B 220 42.21 -2.97 -15.31
N TRP B 221 43.13 -3.93 -15.14
CA TRP B 221 42.83 -5.16 -14.43
C TRP B 221 43.91 -5.44 -13.38
N ILE B 222 43.49 -6.12 -12.32
CA ILE B 222 44.38 -6.56 -11.25
C ILE B 222 44.06 -8.00 -10.89
N ARG B 223 45.09 -8.76 -10.53
CA ARG B 223 44.94 -10.17 -10.16
C ARG B 223 45.77 -10.45 -8.92
N PHE B 224 45.19 -11.13 -7.93
CA PHE B 224 45.95 -11.39 -6.70
C PHE B 224 45.53 -12.70 -6.05
N ASN B 225 46.40 -13.21 -5.20
CA ASN B 225 46.19 -14.45 -4.47
C ASN B 225 46.01 -14.17 -2.98
N SER B 226 45.87 -15.23 -2.20
CA SER B 226 45.55 -15.14 -0.78
C SER B 226 46.69 -14.54 0.06
N ASP B 227 47.88 -14.42 -0.50
CA ASP B 227 48.98 -13.72 0.17
C ASP B 227 49.05 -12.25 -0.21
N LEU B 228 48.09 -11.78 -1.00
CA LEU B 228 48.04 -10.39 -1.45
C LEU B 228 49.29 -10.00 -2.23
N ASP B 229 49.67 -10.84 -3.19
CA ASP B 229 50.62 -10.47 -4.22
C ASP B 229 49.90 -10.25 -5.54
N TYR B 230 50.23 -9.15 -6.21
CA TYR B 230 49.37 -8.66 -7.27
C TYR B 230 50.14 -8.52 -8.58
N GLN B 231 49.42 -8.78 -9.67
CA GLN B 231 49.82 -8.39 -11.02
C GLN B 231 48.81 -7.38 -11.53
N ILE B 232 49.30 -6.38 -12.27
CA ILE B 232 48.45 -5.30 -12.76
C ILE B 232 48.68 -5.10 -14.24
N GLY B 233 47.69 -4.52 -14.92
CA GLY B 233 47.85 -4.23 -16.32
C GLY B 233 46.59 -3.60 -16.91
N TYR B 234 46.56 -3.53 -18.24
CA TYR B 234 45.41 -3.04 -18.97
C TYR B 234 44.93 -4.12 -19.93
N VAL B 235 43.65 -4.04 -20.32
CA VAL B 235 43.13 -4.97 -21.31
C VAL B 235 43.74 -4.66 -22.66
N CYS B 236 44.24 -5.68 -23.34
CA CYS B 236 45.21 -5.48 -24.41
C CYS B 236 44.57 -5.39 -25.78
N SER B 237 43.24 -5.42 -25.85
CA SER B 237 42.52 -5.39 -27.12
C SER B 237 42.36 -3.96 -27.62
N GLY B 238 42.08 -3.84 -28.91
CA GLY B 238 41.81 -2.56 -29.54
C GLY B 238 40.35 -2.20 -29.61
N ILE B 239 39.47 -3.04 -29.06
CA ILE B 239 38.04 -2.75 -29.00
C ILE B 239 37.78 -2.15 -27.63
N PHE B 240 37.73 -0.83 -27.56
CA PHE B 240 37.73 -0.14 -26.29
C PHE B 240 36.41 -0.37 -25.55
N GLY B 241 36.48 -0.28 -24.22
CA GLY B 241 35.34 -0.64 -23.40
C GLY B 241 34.74 0.49 -22.58
N ASP B 242 35.51 1.53 -22.30
CA ASP B 242 35.04 2.61 -21.45
C ASP B 242 34.04 3.48 -22.20
N ASN B 243 33.54 4.52 -21.52
CA ASN B 243 32.54 5.42 -22.07
C ASN B 243 32.65 6.77 -21.41
N PRO B 244 33.02 7.84 -22.12
CA PRO B 244 33.25 7.94 -23.57
C PRO B 244 34.55 7.31 -24.05
N ARG B 245 34.61 7.03 -25.34
CA ARG B 245 35.75 6.36 -25.95
C ARG B 245 35.89 6.84 -27.38
N PRO B 246 37.09 6.75 -27.94
CA PRO B 246 37.25 7.04 -29.37
C PRO B 246 36.87 5.84 -30.23
N VAL B 247 36.96 6.01 -31.55
CA VAL B 247 36.67 4.90 -32.46
C VAL B 247 37.72 3.80 -32.26
N ASP B 248 37.32 2.58 -32.61
CA ASP B 248 38.20 1.43 -32.39
C ASP B 248 39.48 1.58 -33.19
N GLY B 249 40.58 1.15 -32.58
CA GLY B 249 41.89 1.32 -33.19
C GLY B 249 42.93 0.43 -32.57
N THR B 250 44.12 0.97 -32.32
CA THR B 250 45.23 0.22 -31.73
C THR B 250 45.16 0.33 -30.21
N GLY B 251 45.18 -0.82 -29.54
CA GLY B 251 45.13 -0.87 -28.09
C GLY B 251 46.52 -1.01 -27.49
N SER B 252 46.55 -1.11 -26.16
CA SER B 252 47.80 -1.28 -25.45
C SER B 252 47.52 -1.84 -24.06
N CYS B 253 48.34 -2.79 -23.65
CA CYS B 253 48.22 -3.42 -22.34
C CYS B 253 49.44 -3.24 -21.45
N ASN B 254 50.14 -2.11 -21.60
CA ASN B 254 51.11 -1.66 -20.61
C ASN B 254 50.77 -0.28 -20.08
N GLY B 255 49.79 0.40 -20.67
CA GLY B 255 49.44 1.74 -20.25
C GLY B 255 48.16 2.24 -20.90
N PRO B 256 47.64 3.36 -20.41
CA PRO B 256 46.36 3.86 -20.90
C PRO B 256 46.45 4.44 -22.30
N VAL B 257 45.36 4.30 -23.04
CA VAL B 257 45.21 4.87 -24.38
C VAL B 257 44.16 5.97 -24.28
N ASN B 258 44.59 7.22 -24.47
CA ASN B 258 43.71 8.36 -24.24
C ASN B 258 42.95 8.76 -25.50
N ASN B 259 43.69 9.19 -26.54
CA ASN B 259 43.08 9.52 -27.86
C ASN B 259 41.96 10.55 -27.71
N GLY B 260 42.02 11.39 -26.68
CA GLY B 260 41.06 12.50 -26.55
C GLY B 260 39.86 12.23 -25.70
N LYS B 261 39.53 10.98 -25.39
CA LYS B 261 38.28 10.76 -24.62
C LYS B 261 38.52 9.96 -23.35
N GLY B 262 39.70 10.02 -22.76
CA GLY B 262 39.98 9.29 -21.52
C GLY B 262 39.20 9.77 -20.32
N ARG B 263 39.11 11.08 -20.12
CA ARG B 263 38.51 11.61 -18.87
C ARG B 263 37.08 11.12 -18.68
N TYR B 264 36.72 10.69 -17.47
CA TYR B 264 35.37 10.18 -17.12
C TYR B 264 35.23 8.69 -17.45
N GLY B 265 34.11 8.08 -17.07
CA GLY B 265 33.94 6.65 -17.33
C GLY B 265 32.66 6.08 -16.77
N VAL B 266 32.43 4.78 -16.90
CA VAL B 266 31.26 4.09 -16.29
C VAL B 266 31.76 2.77 -15.72
N LYS B 267 31.08 2.18 -14.74
CA LYS B 267 31.40 0.86 -14.22
C LYS B 267 31.10 -0.21 -15.26
N GLY B 268 32.04 -1.12 -15.47
CA GLY B 268 31.90 -2.12 -16.50
C GLY B 268 32.53 -3.46 -16.14
N PHE B 269 32.65 -4.36 -17.11
CA PHE B 269 33.16 -5.69 -16.82
C PHE B 269 33.64 -6.40 -18.08
N SER B 270 34.53 -7.36 -17.86
CA SER B 270 35.07 -8.25 -18.87
C SER B 270 35.39 -9.57 -18.20
N PHE B 271 35.16 -10.66 -18.94
CA PHE B 271 35.43 -12.02 -18.47
C PHE B 271 36.55 -12.60 -19.33
N ARG B 272 37.55 -13.18 -18.69
CA ARG B 272 38.72 -13.69 -19.39
C ARG B 272 38.63 -15.20 -19.55
N TYR B 273 38.85 -15.68 -20.76
CA TYR B 273 38.86 -17.11 -21.07
C TYR B 273 40.15 -17.43 -21.79
N GLY B 274 41.19 -17.77 -21.04
CA GLY B 274 42.46 -18.10 -21.65
C GLY B 274 43.06 -16.90 -22.36
N ASP B 275 43.02 -16.92 -23.69
CA ASP B 275 43.49 -15.81 -24.50
C ASP B 275 42.38 -14.86 -24.93
N GLY B 276 41.12 -15.29 -24.85
CA GLY B 276 40.01 -14.48 -25.29
C GLY B 276 39.32 -13.74 -24.16
N VAL B 277 38.38 -12.88 -24.53
CA VAL B 277 37.72 -12.03 -23.56
C VAL B 277 36.30 -11.72 -24.02
N TRP B 278 35.39 -11.65 -23.06
CA TRP B 278 34.03 -11.16 -23.25
C TRP B 278 33.96 -9.76 -22.66
N ILE B 279 33.63 -8.78 -23.50
CA ILE B 279 33.64 -7.37 -23.11
C ILE B 279 32.20 -6.88 -23.11
N GLY B 280 31.77 -6.25 -22.01
CA GLY B 280 30.46 -5.66 -21.95
C GLY B 280 30.53 -4.17 -22.15
N ARG B 281 29.86 -3.66 -23.20
CA ARG B 281 30.01 -2.25 -23.50
C ARG B 281 28.74 -1.65 -24.11
N THR B 282 28.61 -0.33 -23.95
CA THR B 282 27.47 0.40 -24.48
C THR B 282 27.67 0.69 -25.96
N LYS B 283 26.56 1.02 -26.63
CA LYS B 283 26.57 1.13 -28.09
C LYS B 283 26.92 2.53 -28.57
N SER B 284 26.68 3.55 -27.74
CA SER B 284 26.95 4.92 -28.13
C SER B 284 28.29 5.39 -27.58
N LEU B 285 29.00 6.18 -28.36
CA LEU B 285 30.34 6.64 -28.01
C LEU B 285 30.35 7.86 -27.11
N GLU B 286 29.23 8.56 -26.96
CA GLU B 286 29.18 9.78 -26.18
C GLU B 286 28.26 9.67 -24.97
N SER B 287 27.14 8.96 -25.11
CA SER B 287 26.16 8.83 -24.04
C SER B 287 26.13 7.41 -23.51
N ARG B 288 25.29 7.20 -22.50
CA ARG B 288 25.05 5.89 -21.93
C ARG B 288 23.74 5.33 -22.48
N SER B 289 23.78 4.86 -23.73
CA SER B 289 22.60 4.32 -24.38
C SER B 289 22.96 3.04 -25.13
N GLY B 290 22.18 1.99 -24.92
CA GLY B 290 22.41 0.70 -25.53
C GLY B 290 23.36 -0.14 -24.70
N PHE B 291 23.44 -1.42 -25.08
CA PHE B 291 24.35 -2.35 -24.42
C PHE B 291 24.48 -3.61 -25.23
N GLU B 292 25.72 -4.11 -25.36
CA GLU B 292 26.04 -5.30 -26.13
C GLU B 292 27.20 -6.04 -25.47
N MET B 293 27.32 -7.32 -25.83
CA MET B 293 28.35 -8.21 -25.30
C MET B 293 29.18 -8.72 -26.47
N VAL B 294 30.49 -8.43 -26.46
CA VAL B 294 31.37 -8.70 -27.58
C VAL B 294 32.34 -9.80 -27.19
N TRP B 295 32.58 -10.74 -28.10
CA TRP B 295 33.50 -11.85 -27.87
C TRP B 295 34.72 -11.67 -28.77
N ASP B 296 35.90 -11.55 -28.15
CA ASP B 296 37.14 -11.32 -28.89
C ASP B 296 38.12 -12.44 -28.55
N ALA B 297 38.46 -13.25 -29.55
CA ALA B 297 39.24 -14.46 -29.34
C ALA B 297 40.73 -14.20 -29.12
N ASN B 298 41.21 -12.97 -29.33
CA ASN B 298 42.58 -12.59 -29.03
C ASN B 298 42.62 -11.40 -28.11
N GLY B 299 41.53 -11.14 -27.40
CA GLY B 299 41.37 -9.87 -26.73
C GLY B 299 42.30 -9.63 -25.56
N TRP B 300 43.05 -10.65 -25.15
CA TRP B 300 43.90 -10.51 -23.98
C TRP B 300 45.39 -10.52 -24.32
N VAL B 301 45.71 -10.83 -25.58
CA VAL B 301 47.13 -10.92 -26.04
C VAL B 301 47.34 -10.13 -27.32
N SER B 302 46.30 -9.53 -27.92
CA SER B 302 46.46 -8.86 -29.25
C SER B 302 45.79 -7.49 -29.27
N THR B 303 46.34 -6.55 -30.02
CA THR B 303 45.84 -5.16 -30.04
C THR B 303 45.00 -4.82 -31.29
N ASP B 304 44.53 -5.83 -32.03
CA ASP B 304 43.75 -5.64 -33.28
C ASP B 304 42.30 -5.25 -32.95
N LYS B 305 41.53 -4.76 -33.93
CA LYS B 305 40.10 -4.41 -33.70
C LYS B 305 39.11 -5.49 -34.15
N ASP B 306 39.57 -6.58 -34.76
CA ASP B 306 38.65 -7.63 -35.28
C ASP B 306 38.07 -8.46 -34.14
N SER B 307 36.84 -8.98 -34.28
CA SER B 307 36.14 -9.76 -33.22
C SER B 307 35.51 -11.00 -33.82
N ASN B 308 34.84 -11.84 -33.02
CA ASN B 308 34.30 -13.13 -33.51
C ASN B 308 32.82 -13.37 -33.16
N GLY B 309 32.00 -12.36 -32.88
CA GLY B 309 30.58 -12.49 -32.62
C GLY B 309 30.08 -11.46 -31.63
N VAL B 310 28.89 -10.92 -31.90
CA VAL B 310 28.28 -9.89 -31.07
C VAL B 310 26.84 -10.28 -30.77
N GLN B 311 26.45 -10.18 -29.50
CA GLN B 311 25.07 -10.35 -29.07
C GLN B 311 24.64 -9.10 -28.34
N ASP B 312 23.43 -8.63 -28.62
CA ASP B 312 22.96 -7.34 -28.11
C ASP B 312 21.91 -7.50 -27.03
N ILE B 313 21.99 -6.61 -26.02
CA ILE B 313 21.13 -6.66 -24.85
C ILE B 313 20.10 -5.52 -24.87
N ILE B 314 20.56 -4.30 -25.13
CA ILE B 314 19.67 -3.15 -25.26
C ILE B 314 20.04 -2.41 -26.54
N ASP B 315 19.05 -1.99 -27.30
CA ASP B 315 19.27 -1.27 -28.55
C ASP B 315 19.67 0.17 -28.29
N ASN B 316 20.01 0.87 -29.37
CA ASN B 316 20.70 2.15 -29.30
C ASN B 316 19.78 3.30 -28.91
N ASP B 317 18.48 3.05 -28.73
CA ASP B 317 17.52 4.10 -28.47
C ASP B 317 17.07 4.15 -27.02
N ASN B 318 17.71 3.40 -26.14
CA ASN B 318 17.27 3.27 -24.76
C ASN B 318 18.44 3.45 -23.83
N TRP B 319 18.15 3.91 -22.61
CA TRP B 319 19.17 4.27 -21.66
C TRP B 319 19.69 3.05 -20.90
N SER B 320 20.99 3.04 -20.66
CA SER B 320 21.68 2.08 -19.82
C SER B 320 22.50 2.83 -18.78
N GLY B 321 23.38 2.11 -18.10
CA GLY B 321 24.18 2.71 -17.05
C GLY B 321 25.26 1.78 -16.56
N TYR B 322 25.41 1.66 -15.25
CA TYR B 322 26.39 0.76 -14.66
C TYR B 322 26.14 -0.68 -15.12
N SER B 323 27.17 -1.50 -15.01
CA SER B 323 27.06 -2.93 -15.23
C SER B 323 28.07 -3.64 -14.35
N GLY B 324 27.77 -4.89 -14.02
CA GLY B 324 28.61 -5.60 -13.08
C GLY B 324 28.52 -7.09 -13.27
N SER B 325 29.40 -7.80 -12.57
CA SER B 325 29.58 -9.24 -12.73
C SER B 325 29.43 -9.95 -11.40
N PHE B 326 28.78 -11.11 -11.42
CA PHE B 326 28.71 -11.99 -10.26
C PHE B 326 28.83 -13.44 -10.73
N SER B 327 28.85 -14.36 -9.78
CA SER B 327 29.11 -15.76 -10.05
C SER B 327 28.17 -16.65 -9.27
N ILE B 328 27.84 -17.79 -9.85
CA ILE B 328 27.06 -18.83 -9.19
C ILE B 328 27.91 -20.09 -9.14
N ARG B 329 28.11 -20.64 -7.95
CA ARG B 329 29.19 -21.57 -7.69
C ARG B 329 28.71 -23.02 -7.60
N GLY B 330 29.67 -23.94 -7.71
CA GLY B 330 29.40 -25.36 -7.77
C GLY B 330 28.79 -25.95 -6.52
N GLU B 331 28.84 -25.24 -5.39
CA GLU B 331 28.12 -25.72 -4.22
C GLU B 331 26.61 -25.54 -4.37
N THR B 332 26.18 -24.62 -5.24
CA THR B 332 24.76 -24.43 -5.50
C THR B 332 24.28 -25.28 -6.66
N THR B 333 24.89 -25.09 -7.84
CA THR B 333 24.49 -25.84 -9.02
C THR B 333 24.83 -27.33 -8.92
N GLY B 334 26.00 -27.67 -8.41
CA GLY B 334 26.43 -29.04 -8.32
C GLY B 334 27.44 -29.47 -9.35
N LYS B 335 27.97 -28.54 -10.14
CA LYS B 335 28.95 -28.87 -11.16
C LYS B 335 30.36 -28.79 -10.60
N ASN B 336 31.35 -28.83 -11.50
CA ASN B 336 32.73 -28.52 -11.15
C ASN B 336 33.20 -27.23 -11.83
N CYS B 337 32.27 -26.38 -12.25
CA CYS B 337 32.59 -25.13 -12.92
C CYS B 337 31.82 -24.01 -12.25
N THR B 338 32.33 -22.80 -12.39
CA THR B 338 31.67 -21.61 -11.84
C THR B 338 30.97 -20.87 -12.96
N VAL B 339 29.68 -20.61 -12.77
CA VAL B 339 28.85 -20.00 -13.81
C VAL B 339 28.96 -18.48 -13.73
N PRO B 340 29.40 -17.80 -14.80
CA PRO B 340 29.48 -16.34 -14.77
C PRO B 340 28.18 -15.68 -15.18
N CYS B 341 27.84 -14.57 -14.52
CA CYS B 341 26.62 -13.85 -14.79
C CYS B 341 26.90 -12.36 -14.69
N PHE B 342 26.04 -11.55 -15.28
CA PHE B 342 26.19 -10.10 -15.20
C PHE B 342 24.84 -9.44 -15.05
N TRP B 343 24.88 -8.17 -14.63
CA TRP B 343 23.69 -7.36 -14.46
C TRP B 343 23.93 -5.97 -15.04
N VAL B 344 22.84 -5.33 -15.48
CA VAL B 344 22.89 -4.01 -16.09
C VAL B 344 21.86 -3.11 -15.41
N GLU B 345 22.27 -1.87 -15.15
CA GLU B 345 21.43 -0.81 -14.59
C GLU B 345 20.89 0.06 -15.70
N MET B 346 19.70 0.62 -15.51
CA MET B 346 19.02 1.42 -16.51
C MET B 346 18.52 2.68 -15.81
N ILE B 347 19.05 3.83 -16.21
CA ILE B 347 18.87 5.08 -15.47
C ILE B 347 17.81 5.92 -16.16
N ARG B 348 16.88 6.47 -15.37
CA ARG B 348 15.87 7.38 -15.85
C ARG B 348 15.86 8.64 -15.00
N GLY B 349 15.62 9.77 -15.64
CA GLY B 349 15.58 11.06 -14.97
C GLY B 349 16.73 11.96 -15.39
N GLN B 350 17.07 12.90 -14.52
CA GLN B 350 18.16 13.81 -14.77
C GLN B 350 19.50 13.08 -14.72
N PRO B 351 20.47 13.43 -15.59
CA PRO B 351 20.56 14.77 -16.19
C PRO B 351 20.03 14.88 -17.61
N LYS B 352 19.48 13.79 -18.16
CA LYS B 352 19.16 13.76 -19.59
C LYS B 352 17.70 14.01 -19.90
N GLU B 353 16.79 13.81 -18.95
CA GLU B 353 15.37 14.02 -19.19
C GLU B 353 14.82 15.05 -18.21
N LYS B 354 13.57 15.43 -18.43
CA LYS B 354 12.97 16.59 -17.81
C LYS B 354 12.14 16.16 -16.59
N THR B 355 12.83 15.88 -15.49
CA THR B 355 12.17 15.53 -14.24
C THR B 355 12.87 16.24 -13.09
N ILE B 356 12.50 15.86 -11.86
CA ILE B 356 13.14 16.39 -10.66
C ILE B 356 13.92 15.31 -9.91
N TRP B 357 13.96 14.09 -10.42
CA TRP B 357 14.56 12.96 -9.72
C TRP B 357 15.42 12.15 -10.66
N THR B 358 16.07 11.13 -10.11
CA THR B 358 16.88 10.19 -10.86
C THR B 358 16.78 8.82 -10.19
N SER B 359 16.51 7.79 -10.98
CA SER B 359 16.38 6.44 -10.43
C SER B 359 16.88 5.44 -11.45
N GLY B 360 16.88 4.17 -11.08
CA GLY B 360 17.35 3.12 -11.95
C GLY B 360 16.72 1.79 -11.64
N SER B 361 16.59 0.97 -12.69
CA SER B 361 16.15 -0.41 -12.56
C SER B 361 17.26 -1.33 -13.07
N SER B 362 17.01 -2.64 -13.06
CA SER B 362 18.06 -3.60 -13.39
C SER B 362 17.53 -4.77 -14.19
N ILE B 363 18.44 -5.39 -14.95
CA ILE B 363 18.21 -6.70 -15.57
C ILE B 363 19.43 -7.56 -15.32
N ALA B 364 19.23 -8.89 -15.35
CA ALA B 364 20.32 -9.79 -15.03
C ALA B 364 20.30 -11.01 -15.95
N PHE B 365 21.49 -11.40 -16.40
CA PHE B 365 21.71 -12.50 -17.34
C PHE B 365 22.77 -13.44 -16.79
N CYS B 366 22.72 -14.70 -17.22
CA CYS B 366 23.70 -15.71 -16.84
C CYS B 366 24.18 -16.46 -18.08
N GLY B 367 25.42 -16.95 -18.05
CA GLY B 367 26.01 -17.60 -19.21
C GLY B 367 25.65 -19.08 -19.27
N VAL B 368 25.41 -19.57 -20.48
CA VAL B 368 25.06 -20.96 -20.73
C VAL B 368 25.78 -21.46 -21.98
N ASN B 369 26.04 -22.76 -22.02
CA ASN B 369 26.67 -23.40 -23.17
C ASN B 369 25.64 -24.04 -24.10
N SER B 370 24.72 -23.25 -24.63
CA SER B 370 23.68 -23.79 -25.50
C SER B 370 23.09 -22.67 -26.34
N ASP B 371 21.96 -22.95 -26.99
CA ASP B 371 21.37 -22.02 -27.94
C ASP B 371 20.73 -20.84 -27.23
N THR B 372 21.02 -19.64 -27.72
CA THR B 372 20.47 -18.41 -27.15
C THR B 372 20.10 -17.46 -28.29
N THR B 373 19.57 -16.30 -27.90
CA THR B 373 19.08 -15.31 -28.86
C THR B 373 19.41 -13.91 -28.37
N GLY B 374 19.31 -12.95 -29.27
CA GLY B 374 19.54 -11.55 -28.96
C GLY B 374 18.29 -10.73 -29.23
N TRP B 375 17.91 -9.90 -28.26
CA TRP B 375 16.72 -9.08 -28.36
C TRP B 375 16.97 -7.80 -27.57
N SER B 376 15.90 -7.08 -27.23
CA SER B 376 16.03 -5.86 -26.46
C SER B 376 15.09 -5.93 -25.26
N TRP B 377 15.62 -5.64 -24.07
CA TRP B 377 14.86 -5.66 -22.83
C TRP B 377 14.99 -4.29 -22.17
N PRO B 378 14.32 -3.27 -22.69
CA PRO B 378 14.50 -1.92 -22.16
C PRO B 378 13.73 -1.69 -20.87
N ASP B 379 13.74 -0.45 -20.40
CA ASP B 379 13.05 -0.10 -19.16
C ASP B 379 11.54 0.02 -19.37
N GLY B 380 11.12 0.94 -20.23
CA GLY B 380 9.74 0.99 -20.65
C GLY B 380 8.85 1.96 -19.89
N ALA B 381 9.38 2.78 -19.01
CA ALA B 381 8.58 3.76 -18.31
C ALA B 381 8.22 4.91 -19.23
N LEU B 382 7.08 5.55 -18.95
CA LEU B 382 6.60 6.69 -19.72
C LEU B 382 6.69 7.94 -18.86
N LEU B 383 7.81 8.64 -18.96
CA LEU B 383 8.09 9.87 -18.22
C LEU B 383 7.55 11.08 -18.97
N PRO B 384 7.30 12.20 -18.27
CA PRO B 384 7.39 12.47 -16.83
C PRO B 384 6.18 12.04 -16.01
N PHE B 385 6.37 11.91 -14.70
CA PHE B 385 5.32 11.46 -13.80
C PHE B 385 4.44 12.64 -13.39
N ASP B 386 3.59 12.42 -12.39
CA ASP B 386 2.67 13.47 -11.94
C ASP B 386 3.38 14.58 -11.16
N ILE B 387 4.37 14.23 -10.35
CA ILE B 387 5.03 15.22 -9.50
C ILE B 387 5.85 16.22 -10.31
N ASP B 388 6.21 15.88 -11.54
CA ASP B 388 7.09 16.72 -12.35
C ASP B 388 6.36 17.89 -13.00
N LYS B 389 5.05 17.97 -12.87
CA LYS B 389 4.27 19.00 -13.54
C LYS B 389 3.79 20.06 -12.56
N VAL C 1 19.74 -21.02 25.18
CA VAL C 1 20.80 -20.58 26.09
C VAL C 1 20.40 -19.25 26.72
N HIS C 2 20.55 -19.16 28.03
CA HIS C 2 20.11 -17.98 28.76
C HIS C 2 21.26 -17.02 29.00
N TYR C 3 20.91 -15.74 29.14
CA TYR C 3 21.89 -14.67 29.26
C TYR C 3 22.57 -14.72 30.63
N SER C 4 23.79 -15.21 30.70
CA SER C 4 24.41 -15.43 32.03
C SER C 4 24.83 -14.14 32.71
N SER C 5 25.61 -14.25 33.77
CA SER C 5 25.99 -13.07 34.58
C SER C 5 27.49 -13.06 34.81
N GLY C 6 28.06 -11.95 35.25
CA GLY C 6 29.49 -11.86 35.59
C GLY C 6 30.37 -11.13 34.59
N ARG C 7 29.91 -10.95 33.35
CA ARG C 7 30.73 -10.29 32.29
C ARG C 7 30.66 -8.76 32.44
N ASP C 8 31.81 -8.08 32.38
CA ASP C 8 31.89 -6.61 32.56
C ASP C 8 31.61 -5.89 31.25
N LEU C 9 31.40 -4.56 31.30
CA LEU C 9 31.21 -3.77 30.05
C LEU C 9 32.47 -3.87 29.22
N CYS C 10 32.48 -3.34 28.03
CA CYS C 10 33.54 -3.64 27.09
C CYS C 10 34.28 -2.35 26.72
N PRO C 11 35.61 -2.39 26.60
CA PRO C 11 36.37 -1.14 26.42
C PRO C 11 36.13 -0.52 25.06
N ILE C 12 35.87 0.80 25.05
CA ILE C 12 35.48 1.51 23.84
C ILE C 12 36.26 2.81 23.72
N ARG C 13 36.28 3.34 22.49
CA ARG C 13 36.82 4.66 22.20
C ARG C 13 35.85 5.57 21.46
N GLY C 14 34.77 5.06 20.89
CA GLY C 14 33.88 5.88 20.12
C GLY C 14 32.64 5.09 19.75
N TRP C 15 31.78 5.74 18.97
CA TRP C 15 30.46 5.20 18.64
C TRP C 15 30.28 5.17 17.13
N ALA C 16 29.81 4.04 16.60
CA ALA C 16 29.65 3.80 15.18
C ALA C 16 28.18 3.62 14.82
N PRO C 17 27.73 4.19 13.70
CA PRO C 17 26.30 4.12 13.36
C PRO C 17 25.82 2.70 13.19
N LEU C 18 24.59 2.45 13.66
CA LEU C 18 23.97 1.13 13.55
C LEU C 18 22.71 1.14 12.69
N SER C 19 21.78 2.07 12.92
CA SER C 19 20.55 2.02 12.12
C SER C 19 19.89 3.39 12.05
N LYS C 20 19.05 3.53 11.03
CA LYS C 20 18.23 4.72 10.77
C LYS C 20 16.93 4.29 10.12
N ASP C 21 15.80 4.87 10.55
CA ASP C 21 14.50 4.48 10.02
C ASP C 21 14.12 5.21 8.74
N ASN C 22 14.25 6.54 8.72
CA ASN C 22 13.68 7.39 7.68
C ASN C 22 12.16 7.15 7.60
N GLY C 23 11.50 7.37 8.74
CA GLY C 23 10.10 7.03 8.86
C GLY C 23 9.14 8.12 8.44
N ILE C 24 9.44 9.37 8.77
CA ILE C 24 8.55 10.47 8.41
C ILE C 24 8.76 10.86 6.95
N ARG C 25 9.95 10.60 6.41
CA ARG C 25 10.17 10.85 4.99
C ARG C 25 9.39 9.87 4.12
N ILE C 26 9.15 8.66 4.63
CA ILE C 26 8.39 7.67 3.87
C ILE C 26 6.90 7.82 4.12
N GLY C 27 6.53 8.29 5.31
CA GLY C 27 5.13 8.44 5.65
C GLY C 27 4.45 9.57 4.91
N SER C 28 5.21 10.31 4.11
CA SER C 28 4.63 11.35 3.27
C SER C 28 3.79 10.79 2.14
N ARG C 29 4.09 9.57 1.67
CA ARG C 29 3.32 8.97 0.60
C ARG C 29 2.94 7.52 0.90
N GLY C 30 3.69 6.87 1.81
CA GLY C 30 3.39 5.50 2.18
C GLY C 30 2.47 5.43 3.39
N GLU C 31 2.29 4.20 3.87
CA GLU C 31 1.51 3.94 5.07
C GLU C 31 2.46 3.73 6.24
N VAL C 32 2.51 4.69 7.15
CA VAL C 32 3.38 4.63 8.32
C VAL C 32 2.59 5.09 9.54
N PHE C 33 2.73 4.35 10.63
CA PHE C 33 2.04 4.69 11.87
C PHE C 33 2.48 6.05 12.40
N VAL C 34 1.68 6.59 13.32
CA VAL C 34 2.08 7.75 14.10
C VAL C 34 2.55 7.23 15.46
N ILE C 35 3.86 7.23 15.67
CA ILE C 35 4.46 6.59 16.83
C ILE C 35 5.05 7.64 17.75
N ARG C 36 5.55 7.18 18.91
CA ARG C 36 6.43 7.97 19.76
C ARG C 36 6.97 7.04 20.85
N GLU C 37 8.07 7.46 21.46
CA GLU C 37 8.87 6.64 22.38
C GLU C 37 9.31 5.32 21.76
N PRO C 38 10.18 5.33 20.76
CA PRO C 38 10.65 4.06 20.21
C PRO C 38 11.92 3.57 20.87
N PHE C 39 11.95 2.33 21.37
CA PHE C 39 13.17 1.78 21.94
C PHE C 39 13.56 0.51 21.20
N ILE C 40 14.77 0.03 21.47
CA ILE C 40 15.36 -1.09 20.76
C ILE C 40 15.78 -2.14 21.77
N SER C 41 15.45 -3.40 21.50
CA SER C 41 15.85 -4.50 22.38
C SER C 41 16.35 -5.67 21.53
N CYS C 42 17.38 -6.33 22.03
CA CYS C 42 18.03 -7.41 21.28
C CYS C 42 17.89 -8.74 22.01
N SER C 43 17.78 -9.82 21.24
CA SER C 43 17.76 -11.17 21.79
C SER C 43 18.83 -12.01 21.12
N ILE C 44 18.78 -13.33 21.35
CA ILE C 44 19.85 -14.22 20.91
C ILE C 44 19.98 -14.29 19.40
N SER C 45 18.96 -13.88 18.65
CA SER C 45 18.97 -14.04 17.20
C SER C 45 18.62 -12.78 16.43
N GLU C 46 18.04 -11.77 17.04
CA GLU C 46 17.65 -10.58 16.29
C GLU C 46 17.49 -9.40 17.24
N CYS C 47 17.52 -8.20 16.66
CA CYS C 47 17.26 -6.96 17.37
C CYS C 47 16.01 -6.32 16.79
N ARG C 48 15.10 -5.89 17.67
CA ARG C 48 13.81 -5.36 17.25
C ARG C 48 13.59 -3.98 17.84
N THR C 49 12.71 -3.23 17.19
CA THR C 49 12.29 -1.90 17.62
C THR C 49 10.86 -1.97 18.11
N PHE C 50 10.64 -1.58 19.36
CA PHE C 50 9.32 -1.48 19.94
C PHE C 50 8.89 -0.03 19.96
N PHE C 51 7.60 0.21 19.72
CA PHE C 51 7.09 1.57 19.70
C PHE C 51 5.64 1.58 20.13
N LEU C 52 5.18 2.77 20.51
CA LEU C 52 3.81 3.00 21.00
C LEU C 52 3.06 3.81 19.97
N THR C 53 2.01 3.23 19.41
CA THR C 53 1.22 3.86 18.36
C THR C 53 -0.03 4.51 18.93
N GLN C 54 -0.42 5.61 18.30
CA GLN C 54 -1.64 6.33 18.63
C GLN C 54 -2.87 5.73 17.97
N GLY C 55 -2.71 4.68 17.18
CA GLY C 55 -3.84 4.07 16.51
C GLY C 55 -4.24 4.74 15.22
N ALA C 56 -3.36 5.52 14.61
CA ALA C 56 -3.68 6.28 13.41
C ALA C 56 -2.48 6.24 12.46
N LEU C 57 -2.75 6.54 11.20
CA LEU C 57 -1.73 6.63 10.18
C LEU C 57 -1.30 8.09 9.99
N LEU C 58 -0.10 8.27 9.48
CA LEU C 58 0.46 9.59 9.27
C LEU C 58 -0.11 10.18 7.98
N ASN C 59 -0.37 11.49 7.99
CA ASN C 59 -1.02 12.20 6.89
C ASN C 59 -2.47 11.78 6.72
N ASP C 60 -3.19 11.65 7.83
CA ASP C 60 -4.58 11.20 7.82
C ASP C 60 -5.42 12.15 8.68
N LYS C 61 -6.74 11.99 8.60
CA LYS C 61 -7.64 12.81 9.39
C LYS C 61 -7.65 12.39 10.85
N HIS C 62 -7.28 11.15 11.15
CA HIS C 62 -7.33 10.64 12.51
C HIS C 62 -6.11 10.99 13.32
N SER C 63 -5.08 11.56 12.71
CA SER C 63 -3.91 12.03 13.42
C SER C 63 -4.08 13.45 13.93
N ASN C 64 -5.34 13.90 14.07
CA ASN C 64 -5.62 15.27 14.55
C ASN C 64 -5.44 15.32 16.06
N GLY C 65 -4.51 16.15 16.54
CA GLY C 65 -4.28 16.29 17.96
C GLY C 65 -3.68 15.08 18.64
N THR C 66 -2.67 14.48 18.04
CA THR C 66 -1.99 13.32 18.64
C THR C 66 -0.81 13.72 19.50
N VAL C 67 -0.83 14.94 20.06
CA VAL C 67 0.17 15.32 21.05
C VAL C 67 -0.16 14.76 22.42
N LYS C 68 -1.37 14.27 22.63
CA LYS C 68 -1.79 13.74 23.92
C LYS C 68 -1.49 12.26 24.01
N ASP C 69 -1.00 11.84 25.18
CA ASP C 69 -0.38 10.52 25.32
C ASP C 69 -1.33 9.42 25.80
N ARG C 70 -2.16 9.67 26.80
CA ARG C 70 -3.00 8.64 27.38
C ARG C 70 -4.34 8.63 26.67
N SER C 71 -4.66 7.51 26.01
CA SER C 71 -5.93 7.35 25.31
C SER C 71 -6.18 5.86 25.15
N PRO C 72 -7.44 5.46 24.97
CA PRO C 72 -7.74 4.02 24.83
C PRO C 72 -7.33 3.42 23.50
N PHE C 73 -6.57 4.15 22.69
CA PHE C 73 -6.20 3.69 21.36
C PHE C 73 -4.72 3.38 21.20
N ARG C 74 -3.86 3.81 22.12
CA ARG C 74 -2.44 3.49 22.01
C ARG C 74 -2.20 2.00 22.13
N THR C 75 -1.21 1.50 21.41
CA THR C 75 -0.83 0.10 21.49
C THR C 75 0.68 -0.03 21.38
N LEU C 76 1.21 -1.13 21.90
CA LEU C 76 2.64 -1.40 21.81
C LEU C 76 2.88 -2.45 20.74
N MET C 77 3.69 -2.10 19.73
CA MET C 77 4.00 -2.97 18.61
C MET C 77 5.50 -3.00 18.40
N SER C 78 5.94 -3.83 17.46
CA SER C 78 7.36 -3.98 17.20
C SER C 78 7.61 -4.41 15.76
N CYS C 79 8.77 -4.03 15.24
CA CYS C 79 9.20 -4.31 13.89
C CYS C 79 10.70 -4.57 13.87
N PRO C 80 11.23 -5.15 12.79
CA PRO C 80 12.67 -5.38 12.72
C PRO C 80 13.45 -4.07 12.70
N ILE C 81 14.76 -4.19 12.93
CA ILE C 81 15.61 -3.02 13.11
C ILE C 81 15.77 -2.30 11.79
N GLY C 82 15.64 -0.97 11.82
CA GLY C 82 15.88 -0.15 10.66
C GLY C 82 14.81 -0.14 9.60
N VAL C 83 13.61 -0.61 9.90
CA VAL C 83 12.53 -0.72 8.93
C VAL C 83 11.38 0.18 9.39
N ALA C 84 10.71 0.82 8.39
CA ALA C 84 9.63 1.76 8.64
C ALA C 84 8.47 1.08 9.34
N PRO C 85 7.93 1.68 10.40
CA PRO C 85 6.83 1.05 11.13
C PRO C 85 5.52 1.08 10.37
N SER C 86 5.37 0.17 9.44
CA SER C 86 4.20 0.02 8.57
C SER C 86 3.20 -0.95 9.18
N PRO C 87 1.94 -0.87 8.78
CA PRO C 87 0.98 -1.92 9.19
C PRO C 87 1.33 -3.30 8.66
N SER C 88 2.13 -3.41 7.61
CA SER C 88 2.49 -4.68 7.01
C SER C 88 3.82 -5.22 7.51
N ASN C 89 4.51 -4.49 8.38
CA ASN C 89 5.77 -4.93 8.94
C ASN C 89 5.74 -5.14 10.44
N SER C 90 4.68 -4.70 11.12
CA SER C 90 4.64 -4.61 12.57
C SER C 90 3.90 -5.80 13.16
N ARG C 91 4.35 -6.24 14.33
CA ARG C 91 3.76 -7.37 15.05
C ARG C 91 3.16 -6.86 16.35
N PHE C 92 1.88 -7.16 16.57
CA PHE C 92 1.19 -6.69 17.76
C PHE C 92 1.81 -7.29 19.01
N GLU C 93 2.01 -6.45 20.02
CA GLU C 93 2.58 -6.91 21.29
C GLU C 93 1.65 -6.73 22.48
N SER C 94 1.11 -5.53 22.69
CA SER C 94 0.30 -5.35 23.89
C SER C 94 -0.57 -4.11 23.77
N VAL C 95 -1.50 -3.96 24.71
CA VAL C 95 -2.38 -2.80 24.80
C VAL C 95 -1.91 -1.94 25.98
N ALA C 96 -1.44 -0.73 25.70
CA ALA C 96 -0.84 0.08 26.74
C ALA C 96 -0.61 1.50 26.27
N TRP C 97 -0.56 2.45 27.22
CA TRP C 97 -0.01 3.76 26.97
C TRP C 97 1.31 4.00 27.69
N SER C 98 1.82 3.00 28.41
CA SER C 98 3.18 2.98 28.94
C SER C 98 3.62 1.53 28.94
N ALA C 99 4.87 1.26 28.62
CA ALA C 99 5.26 -0.13 28.39
C ALA C 99 6.76 -0.30 28.50
N THR C 100 7.18 -1.56 28.55
CA THR C 100 8.58 -1.97 28.44
C THR C 100 8.63 -3.44 28.07
N ALA C 101 9.79 -3.90 27.60
CA ALA C 101 9.91 -5.29 27.17
C ALA C 101 11.38 -5.68 27.01
N CYS C 102 11.73 -6.88 27.47
CA CYS C 102 13.06 -7.41 27.19
C CYS C 102 12.99 -8.88 26.81
N SER C 103 14.17 -9.48 26.71
CA SER C 103 14.33 -10.88 26.35
C SER C 103 15.33 -11.53 27.30
N ASP C 104 15.14 -12.80 27.58
CA ASP C 104 16.04 -13.55 28.43
C ASP C 104 16.77 -14.64 27.65
N GLY C 105 17.12 -14.34 26.40
CA GLY C 105 17.70 -15.28 25.48
C GLY C 105 16.74 -15.94 24.51
N PRO C 106 15.88 -16.86 24.96
CA PRO C 106 14.96 -17.52 24.03
C PRO C 106 13.71 -16.74 23.68
N GLY C 107 13.13 -16.01 24.63
CA GLY C 107 11.80 -15.46 24.42
C GLY C 107 11.66 -13.99 24.79
N TRP C 108 10.43 -13.49 24.79
CA TRP C 108 10.15 -12.08 24.99
C TRP C 108 9.18 -11.88 26.16
N LEU C 109 9.56 -11.01 27.08
CA LEU C 109 8.66 -10.56 28.15
C LEU C 109 8.24 -9.12 27.88
N THR C 110 6.94 -8.86 28.00
CA THR C 110 6.41 -7.51 27.83
C THR C 110 5.55 -7.13 29.03
N LEU C 111 5.61 -5.84 29.38
CA LEU C 111 4.80 -5.26 30.44
C LEU C 111 4.13 -4.02 29.87
N GLY C 112 2.82 -3.92 30.03
CA GLY C 112 2.05 -2.81 29.47
C GLY C 112 0.97 -2.33 30.40
N ILE C 113 0.91 -1.01 30.58
CA ILE C 113 0.01 -0.37 31.54
C ILE C 113 -1.13 0.28 30.78
N THR C 114 -2.36 0.05 31.24
CA THR C 114 -3.54 0.65 30.64
C THR C 114 -4.61 0.84 31.70
N GLY C 115 -5.54 1.74 31.43
CA GLY C 115 -6.65 1.98 32.32
C GLY C 115 -6.78 3.43 32.71
N PRO C 116 -7.72 3.73 33.61
CA PRO C 116 -7.95 5.12 34.02
C PRO C 116 -6.73 5.71 34.70
N ASP C 117 -6.82 7.00 35.00
CA ASP C 117 -5.70 7.70 35.61
C ASP C 117 -5.46 7.24 37.04
N SER C 118 -6.50 6.78 37.73
CA SER C 118 -6.39 6.50 39.15
C SER C 118 -6.30 5.02 39.48
N THR C 119 -6.73 4.12 38.59
CA THR C 119 -6.69 2.69 38.83
C THR C 119 -6.10 1.96 37.62
N ALA C 120 -4.96 2.45 37.15
CA ALA C 120 -4.30 1.82 36.03
C ALA C 120 -3.82 0.41 36.42
N VAL C 121 -3.70 -0.45 35.42
CA VAL C 121 -3.33 -1.85 35.61
C VAL C 121 -2.23 -2.22 34.62
N ALA C 122 -1.20 -2.91 35.09
CA ALA C 122 -0.09 -3.37 34.27
C ALA C 122 -0.25 -4.87 34.03
N VAL C 123 -0.19 -5.27 32.77
CA VAL C 123 -0.35 -6.67 32.36
C VAL C 123 1.01 -7.16 31.88
N LEU C 124 1.42 -8.33 32.37
CA LEU C 124 2.70 -8.96 32.06
C LEU C 124 2.44 -10.22 31.23
N LYS C 125 3.04 -10.24 30.04
CA LYS C 125 2.93 -11.34 29.10
C LYS C 125 4.31 -11.92 28.81
N TYR C 126 4.32 -13.23 28.56
CA TYR C 126 5.52 -13.93 28.13
C TYR C 126 5.18 -14.75 26.89
N ASN C 127 5.66 -14.30 25.73
CA ASN C 127 5.39 -14.93 24.44
C ASN C 127 3.92 -14.87 24.07
N GLY C 128 3.23 -13.79 24.42
CA GLY C 128 1.86 -13.59 24.00
C GLY C 128 0.80 -14.19 24.90
N ILE C 129 1.18 -14.83 26.00
CA ILE C 129 0.24 -15.43 26.93
C ILE C 129 0.25 -14.63 28.21
N ILE C 130 -0.92 -14.16 28.63
CA ILE C 130 -1.01 -13.32 29.82
C ILE C 130 -0.67 -14.14 31.04
N THR C 131 0.37 -13.72 31.78
CA THR C 131 0.81 -14.45 32.95
C THR C 131 0.67 -13.69 34.25
N ASP C 132 0.60 -12.36 34.25
CA ASP C 132 0.45 -11.68 35.53
C ASP C 132 -0.18 -10.30 35.34
N THR C 133 -0.64 -9.73 36.46
CA THR C 133 -1.15 -8.36 36.49
C THR C 133 -0.76 -7.70 37.80
N LEU C 134 -0.59 -6.39 37.76
CA LEU C 134 -0.30 -5.57 38.93
C LEU C 134 -1.19 -4.34 38.89
N LYS C 135 -1.56 -3.82 40.05
CA LYS C 135 -2.47 -2.69 40.12
C LYS C 135 -1.85 -1.55 40.91
N SER C 136 -2.24 -0.32 40.54
CA SER C 136 -1.67 0.88 41.15
C SER C 136 -1.92 0.91 42.64
N TRP C 137 -0.92 1.33 43.41
CA TRP C 137 -1.00 1.27 44.86
C TRP C 137 -1.12 2.64 45.53
N LYS C 138 -1.00 3.74 44.78
CA LYS C 138 -1.16 5.06 45.36
C LYS C 138 -2.27 5.88 44.73
N GLY C 139 -3.02 5.32 43.79
CA GLY C 139 -4.11 6.05 43.18
C GLY C 139 -3.69 7.26 42.37
N ASN C 140 -2.61 7.14 41.61
CA ASN C 140 -2.14 8.23 40.78
C ASN C 140 -1.45 7.58 39.58
N ILE C 141 -1.15 8.37 38.54
CA ILE C 141 -0.69 7.82 37.28
C ILE C 141 0.52 6.91 37.49
N MET C 142 0.39 5.64 37.13
CA MET C 142 1.44 4.66 37.30
C MET C 142 2.12 4.41 35.97
N ARG C 143 3.45 4.44 35.97
CA ARG C 143 4.21 4.52 34.72
C ARG C 143 5.51 3.74 34.86
N THR C 144 6.12 3.44 33.71
CA THR C 144 7.33 2.62 33.68
C THR C 144 8.39 3.21 32.76
N GLN C 145 9.44 2.44 32.45
CA GLN C 145 10.68 2.99 31.88
C GLN C 145 10.52 3.56 30.48
N GLU C 146 9.82 2.84 29.59
CA GLU C 146 9.84 3.10 28.15
C GLU C 146 11.22 2.85 27.55
N SER C 147 11.92 1.84 28.08
CA SER C 147 13.12 1.30 27.45
C SER C 147 13.25 -0.15 27.94
N GLU C 148 14.28 -0.85 27.47
CA GLU C 148 14.31 -2.28 27.74
C GLU C 148 14.56 -2.55 29.22
N CYS C 149 14.09 -3.69 29.67
CA CYS C 149 14.43 -4.24 30.97
C CYS C 149 15.63 -5.18 30.88
N VAL C 150 16.24 -5.47 32.02
CA VAL C 150 17.46 -6.24 32.08
C VAL C 150 17.13 -7.64 32.58
N CYS C 151 17.53 -8.65 31.82
CA CYS C 151 17.15 -10.03 32.05
C CYS C 151 18.43 -10.87 32.08
N GLN C 152 18.80 -11.36 33.26
CA GLN C 152 20.01 -12.17 33.40
C GLN C 152 19.74 -13.34 34.34
N ASP C 153 20.30 -14.51 33.99
CA ASP C 153 20.12 -15.74 34.75
C ASP C 153 18.65 -16.10 34.93
N GLU C 154 17.87 -15.92 33.87
CA GLU C 154 16.44 -16.23 33.75
C GLU C 154 15.55 -15.25 34.51
N PHE C 155 16.10 -14.30 35.26
CA PHE C 155 15.32 -13.36 36.04
C PHE C 155 15.39 -11.98 35.38
N CYS C 156 14.25 -11.30 35.34
CA CYS C 156 14.13 -9.99 34.71
C CYS C 156 13.78 -8.96 35.76
N TYR C 157 14.36 -7.76 35.65
CA TYR C 157 14.21 -6.73 36.66
C TYR C 157 13.70 -5.44 36.04
N THR C 158 12.71 -4.83 36.68
CA THR C 158 12.18 -3.52 36.25
C THR C 158 12.01 -2.62 37.46
N LEU C 159 11.78 -1.34 37.18
CA LEU C 159 11.48 -0.35 38.21
C LEU C 159 10.24 0.43 37.81
N VAL C 160 9.34 0.65 38.77
CA VAL C 160 8.02 1.22 38.51
C VAL C 160 7.75 2.36 39.49
N THR C 161 7.17 3.45 38.99
CA THR C 161 6.94 4.68 39.72
C THR C 161 5.45 4.91 39.93
N ASP C 162 5.09 5.62 41.00
CA ASP C 162 3.71 6.05 41.20
C ASP C 162 3.69 7.26 42.12
N GLY C 163 2.86 8.24 41.78
CA GLY C 163 2.70 9.41 42.61
C GLY C 163 2.79 10.72 41.84
N PRO C 164 2.97 11.82 42.57
CA PRO C 164 2.99 13.14 41.94
C PRO C 164 4.19 13.33 41.02
N SER C 165 4.03 14.25 40.07
CA SER C 165 5.10 14.60 39.14
C SER C 165 5.91 15.82 39.58
N ASP C 166 5.56 16.45 40.70
CA ASP C 166 6.32 17.59 41.19
C ASP C 166 6.53 17.53 42.69
N ALA C 167 6.46 16.33 43.27
CA ALA C 167 6.71 16.16 44.69
C ALA C 167 7.27 14.76 44.94
N GLN C 168 7.23 14.31 46.19
CA GLN C 168 7.69 12.96 46.50
C GLN C 168 6.82 11.92 45.83
N ALA C 169 7.45 10.90 45.26
CA ALA C 169 6.77 9.78 44.63
C ALA C 169 7.12 8.49 45.38
N PHE C 170 6.74 7.35 44.82
CA PHE C 170 6.96 6.06 45.45
C PHE C 170 7.36 5.04 44.41
N TYR C 171 8.35 4.21 44.74
CA TYR C 171 9.08 3.43 43.74
C TYR C 171 9.16 1.97 44.16
N LYS C 172 9.02 1.08 43.19
CA LYS C 172 9.15 -0.36 43.42
C LYS C 172 10.11 -0.98 42.42
N ILE C 173 10.86 -1.98 42.87
CA ILE C 173 11.65 -2.85 42.01
C ILE C 173 10.93 -4.17 41.87
N LEU C 174 10.74 -4.64 40.64
CA LEU C 174 10.07 -5.90 40.37
C LEU C 174 11.07 -6.91 39.82
N LYS C 175 11.02 -8.12 40.39
CA LYS C 175 11.85 -9.24 39.96
C LYS C 175 10.93 -10.36 39.49
N ILE C 176 11.09 -10.77 38.23
CA ILE C 176 10.14 -11.58 37.49
C ILE C 176 10.86 -12.80 36.94
N ARG C 177 10.19 -13.95 36.91
CA ARG C 177 10.75 -15.13 36.28
C ARG C 177 9.73 -15.75 35.34
N LYS C 178 10.12 -15.92 34.07
CA LYS C 178 9.31 -16.57 33.05
C LYS C 178 7.91 -15.99 32.96
N GLY C 179 7.75 -14.71 33.26
CA GLY C 179 6.52 -14.00 33.03
C GLY C 179 5.71 -13.68 34.26
N LYS C 180 6.07 -14.18 35.43
CA LYS C 180 5.29 -13.93 36.63
C LYS C 180 6.17 -13.36 37.73
N ILE C 181 5.59 -12.47 38.53
CA ILE C 181 6.35 -11.71 39.52
C ILE C 181 6.71 -12.63 40.68
N VAL C 182 8.00 -12.69 41.01
CA VAL C 182 8.43 -13.47 42.17
C VAL C 182 8.82 -12.61 43.36
N SER C 183 9.21 -11.35 43.13
CA SER C 183 9.48 -10.49 44.29
C SER C 183 9.36 -9.03 43.89
N MET C 184 9.23 -8.17 44.90
CA MET C 184 9.26 -6.73 44.68
C MET C 184 9.69 -6.04 45.97
N LYS C 185 10.26 -4.85 45.80
CA LYS C 185 10.89 -4.14 46.90
C LYS C 185 10.52 -2.65 46.82
N ASP C 186 10.33 -2.03 47.98
CA ASP C 186 9.96 -0.62 48.04
C ASP C 186 11.21 0.23 48.25
N VAL C 187 11.53 1.09 47.30
CA VAL C 187 12.72 1.92 47.39
C VAL C 187 12.43 3.14 48.26
N ASP C 188 13.22 3.31 49.31
CA ASP C 188 13.06 4.42 50.26
C ASP C 188 14.13 5.45 49.93
N ALA C 189 13.73 6.54 49.25
CA ALA C 189 14.66 7.51 48.69
C ALA C 189 14.17 8.92 49.01
N THR C 190 13.94 9.19 50.29
CA THR C 190 13.48 10.50 50.72
C THR C 190 14.33 11.61 50.13
N GLY C 191 13.71 12.49 49.35
CA GLY C 191 14.40 13.57 48.69
C GLY C 191 14.87 13.30 47.28
N PHE C 192 14.37 12.25 46.64
CA PHE C 192 14.79 11.86 45.30
C PHE C 192 13.59 11.86 44.36
N HIS C 193 13.86 11.57 43.09
CA HIS C 193 12.80 11.45 42.09
C HIS C 193 13.34 10.61 40.93
N PHE C 194 12.82 9.40 40.79
CA PHE C 194 13.21 8.50 39.71
C PHE C 194 12.07 8.38 38.71
N GLU C 195 12.35 8.68 37.45
CA GLU C 195 11.41 8.44 36.36
C GLU C 195 12.18 8.02 35.12
N GLU C 196 11.57 7.13 34.34
CA GLU C 196 12.08 6.73 33.04
C GLU C 196 13.54 6.29 33.12
N CYS C 197 13.78 5.24 33.88
CA CYS C 197 15.12 4.77 34.14
C CYS C 197 15.68 3.98 32.95
N SER C 198 16.96 4.17 32.67
CA SER C 198 17.67 3.39 31.67
C SER C 198 18.67 2.49 32.38
N CYS C 199 18.57 1.18 32.12
CA CYS C 199 19.27 0.17 32.91
C CYS C 199 20.16 -0.68 32.02
N TYR C 200 21.31 -1.08 32.54
CA TYR C 200 22.22 -1.99 31.86
C TYR C 200 22.89 -2.89 32.88
N PRO C 201 23.36 -4.07 32.47
CA PRO C 201 24.00 -4.99 33.42
C PRO C 201 25.49 -4.76 33.58
N SER C 202 25.96 -4.62 34.81
CA SER C 202 27.38 -4.41 35.09
C SER C 202 27.80 -5.37 36.19
N GLY C 203 28.83 -6.17 35.92
CA GLY C 203 29.29 -7.12 36.92
C GLY C 203 28.19 -8.11 37.25
N THR C 204 27.89 -8.23 38.54
CA THR C 204 26.78 -9.04 39.02
C THR C 204 25.59 -8.21 39.45
N GLU C 205 25.51 -6.96 39.01
CA GLU C 205 24.48 -6.03 39.44
C GLU C 205 23.87 -5.33 38.24
N ILE C 206 22.80 -4.59 38.51
CA ILE C 206 22.07 -3.82 37.52
C ILE C 206 22.25 -2.35 37.85
N GLU C 207 22.57 -1.55 36.82
CA GLU C 207 22.93 -0.15 36.95
C GLU C 207 21.92 0.67 36.17
N CYS C 208 21.29 1.66 36.80
CA CYS C 208 20.26 2.44 36.14
C CYS C 208 20.46 3.93 36.39
N VAL C 209 20.23 4.71 35.34
CA VAL C 209 20.28 6.17 35.39
C VAL C 209 18.90 6.71 35.01
N CYS C 210 18.33 7.55 35.86
CA CYS C 210 16.93 7.93 35.79
C CYS C 210 16.79 9.44 35.56
N ARG C 211 15.57 9.95 35.67
CA ARG C 211 15.23 11.34 35.35
C ARG C 211 14.61 12.00 36.56
N ASP C 212 15.09 13.19 36.92
CA ASP C 212 14.58 13.92 38.07
C ASP C 212 13.69 15.04 37.55
N ASN C 213 12.39 14.95 37.87
CA ASN C 213 11.39 15.86 37.34
C ASN C 213 10.90 16.86 38.37
N TRP C 214 11.55 16.96 39.51
CA TRP C 214 11.05 17.83 40.57
C TRP C 214 11.95 19.00 40.84
N ARG C 215 13.22 18.78 41.18
CA ARG C 215 14.11 19.91 41.41
C ARG C 215 15.53 19.64 40.97
N GLY C 216 15.75 18.69 40.06
CA GLY C 216 17.10 18.31 39.71
C GLY C 216 17.43 18.59 38.26
N SER C 217 18.66 19.01 38.03
CA SER C 217 19.19 19.21 36.69
C SER C 217 20.35 18.26 36.37
N ASN C 218 20.75 17.43 37.31
CA ASN C 218 21.63 16.30 37.07
C ASN C 218 20.83 15.00 37.13
N ARG C 219 21.52 13.88 36.99
CA ARG C 219 20.69 12.68 36.88
C ARG C 219 20.93 11.74 38.05
N PRO C 220 19.88 11.16 38.61
CA PRO C 220 20.04 10.19 39.70
C PRO C 220 20.24 8.77 39.22
N TRP C 221 20.97 7.98 40.01
CA TRP C 221 21.30 6.61 39.64
C TRP C 221 20.97 5.67 40.80
N ILE C 222 20.65 4.43 40.42
CA ILE C 222 20.38 3.35 41.37
C ILE C 222 21.11 2.09 40.90
N ARG C 223 21.57 1.29 41.86
CA ARG C 223 22.29 0.05 41.57
C ARG C 223 21.79 -1.03 42.51
N PHE C 224 21.49 -2.22 41.96
CA PHE C 224 20.98 -3.27 42.82
C PHE C 224 21.37 -4.66 42.32
N ASN C 225 21.31 -5.63 43.22
CA ASN C 225 21.65 -7.02 42.93
C ASN C 225 20.39 -7.88 42.97
N SER C 226 20.59 -9.19 42.79
CA SER C 226 19.50 -10.14 42.68
C SER C 226 18.71 -10.34 43.96
N ASP C 227 19.22 -9.85 45.10
CA ASP C 227 18.47 -9.85 46.35
C ASP C 227 17.70 -8.56 46.57
N LEU C 228 17.73 -7.66 45.59
CA LEU C 228 17.05 -6.37 45.66
C LEU C 228 17.54 -5.54 46.85
N ASP C 229 18.86 -5.44 46.98
CA ASP C 229 19.48 -4.45 47.85
C ASP C 229 20.09 -3.34 47.00
N TYR C 230 19.84 -2.09 47.39
CA TYR C 230 20.06 -0.98 46.49
C TYR C 230 20.99 0.05 47.10
N GLN C 231 21.79 0.66 46.22
CA GLN C 231 22.51 1.89 46.49
C GLN C 231 21.96 2.98 45.58
N ILE C 232 21.84 4.19 46.10
CA ILE C 232 21.27 5.29 45.35
C ILE C 232 22.19 6.51 45.42
N GLY C 233 22.05 7.39 44.44
CA GLY C 233 22.84 8.60 44.46
C GLY C 233 22.57 9.47 43.24
N TYR C 234 23.43 10.47 43.05
CA TYR C 234 23.37 11.34 41.89
C TYR C 234 24.70 11.29 41.16
N VAL C 235 24.69 11.63 39.87
CA VAL C 235 25.93 11.69 39.11
C VAL C 235 26.74 12.89 39.58
N CYS C 236 28.02 12.66 39.86
CA CYS C 236 28.78 13.56 40.70
C CYS C 236 29.55 14.61 39.91
N SER C 237 29.37 14.65 38.60
CA SER C 237 30.08 15.57 37.74
C SER C 237 29.39 16.93 37.71
N GLY C 238 30.14 17.94 37.29
CA GLY C 238 29.61 19.28 37.12
C GLY C 238 29.14 19.59 35.72
N ILE C 239 29.20 18.63 34.81
CA ILE C 239 28.70 18.78 33.46
C ILE C 239 27.28 18.21 33.44
N PHE C 240 26.29 19.08 33.58
CA PHE C 240 24.93 18.65 33.82
C PHE C 240 24.35 17.96 32.59
N GLY C 241 23.39 17.07 32.83
CA GLY C 241 22.88 16.23 31.76
C GLY C 241 21.41 16.44 31.43
N ASP C 242 20.63 16.96 32.36
CA ASP C 242 19.20 17.10 32.15
C ASP C 242 18.91 18.24 31.18
N ASN C 243 17.63 18.48 30.92
CA ASN C 243 17.19 19.50 29.99
C ASN C 243 15.79 19.97 30.34
N PRO C 244 15.60 21.23 30.77
CA PRO C 244 16.55 22.33 30.82
C PRO C 244 17.56 22.24 31.96
N ARG C 245 18.67 22.97 31.83
CA ARG C 245 19.75 22.92 32.79
C ARG C 245 20.41 24.29 32.82
N PRO C 246 21.09 24.63 33.91
CA PRO C 246 21.89 25.85 33.93
C PRO C 246 23.25 25.64 33.29
N VAL C 247 24.05 26.72 33.24
CA VAL C 247 25.40 26.59 32.71
C VAL C 247 26.23 25.68 33.60
N ASP C 248 27.27 25.09 33.01
CA ASP C 248 28.09 24.13 33.74
C ASP C 248 28.77 24.80 34.92
N GLY C 249 28.85 24.07 36.03
CA GLY C 249 29.38 24.61 37.26
C GLY C 249 29.78 23.54 38.25
N THR C 250 29.43 23.73 39.52
CA THR C 250 29.76 22.78 40.58
C THR C 250 28.64 21.76 40.71
N GLY C 251 28.99 20.48 40.66
CA GLY C 251 28.04 19.41 40.78
C GLY C 251 27.96 18.88 42.21
N SER C 252 27.14 17.85 42.39
CA SER C 252 27.00 17.21 43.68
C SER C 252 26.39 15.84 43.51
N CYS C 253 26.93 14.87 44.24
CA CYS C 253 26.45 13.49 44.20
C CYS C 253 25.93 12.98 45.53
N ASN C 254 25.37 13.86 46.35
CA ASN C 254 24.56 13.47 47.48
C ASN C 254 23.15 14.04 47.40
N GLY C 255 22.90 14.94 46.46
CA GLY C 255 21.61 15.57 46.33
C GLY C 255 21.47 16.39 45.06
N PRO C 256 20.24 16.82 44.77
CA PRO C 256 19.99 17.53 43.51
C PRO C 256 20.55 18.94 43.50
N VAL C 257 20.96 19.37 42.32
CA VAL C 257 21.45 20.73 42.08
C VAL C 257 20.41 21.43 41.22
N ASN C 258 19.74 22.42 41.78
CA ASN C 258 18.62 23.07 41.09
C ASN C 258 19.06 24.25 40.25
N ASN C 259 19.61 25.28 40.89
CA ASN C 259 20.07 26.49 40.21
C ASN C 259 18.98 27.10 39.34
N GLY C 260 17.72 26.95 39.72
CA GLY C 260 16.63 27.63 39.09
C GLY C 260 16.04 26.95 37.87
N LYS C 261 16.66 25.87 37.39
CA LYS C 261 16.17 25.19 36.17
C LYS C 261 15.97 23.69 36.38
N GLY C 262 15.68 23.24 37.59
CA GLY C 262 15.41 21.83 37.87
C GLY C 262 14.12 21.29 37.31
N ARG C 263 13.02 22.03 37.41
CA ARG C 263 11.71 21.46 37.03
C ARG C 263 11.68 20.98 35.59
N TYR C 264 11.08 19.83 35.32
CA TYR C 264 10.95 19.22 33.98
C TYR C 264 12.21 18.43 33.62
N GLY C 265 12.17 17.75 32.48
CA GLY C 265 13.34 16.94 32.09
C GLY C 265 13.11 16.15 30.84
N VAL C 266 14.09 15.34 30.41
CA VAL C 266 13.94 14.44 29.25
C VAL C 266 14.58 13.11 29.64
N LYS C 267 14.19 11.99 29.02
CA LYS C 267 14.83 10.70 29.23
C LYS C 267 16.23 10.70 28.66
N GLY C 268 17.20 10.21 29.44
CA GLY C 268 18.59 10.26 29.04
C GLY C 268 19.39 9.07 29.52
N PHE C 269 20.72 9.13 29.39
CA PHE C 269 21.55 8.00 29.76
C PHE C 269 22.99 8.42 29.98
N SER C 270 23.68 7.59 30.76
CA SER C 270 25.10 7.69 31.05
C SER C 270 25.64 6.28 31.26
N PHE C 271 26.87 6.06 30.81
CA PHE C 271 27.57 4.78 30.95
C PHE C 271 28.76 4.99 31.86
N ARG C 272 28.92 4.12 32.86
CA ARG C 272 29.97 4.27 33.85
C ARG C 272 31.12 3.33 33.54
N TYR C 273 32.34 3.86 33.54
CA TYR C 273 33.56 3.09 33.31
C TYR C 273 34.51 3.39 34.45
N GLY C 274 34.42 2.61 35.53
CA GLY C 274 35.31 2.82 36.66
C GLY C 274 35.06 4.15 37.33
N ASP C 275 35.97 5.09 37.12
CA ASP C 275 35.83 6.45 37.63
C ASP C 275 35.25 7.42 36.60
N GLY C 276 35.26 7.07 35.32
CA GLY C 276 34.80 7.95 34.28
C GLY C 276 33.38 7.65 33.85
N VAL C 277 32.85 8.52 32.99
CA VAL C 277 31.46 8.43 32.57
C VAL C 277 31.30 8.97 31.16
N TRP C 278 30.43 8.33 30.39
CA TRP C 278 29.97 8.82 29.10
C TRP C 278 28.56 9.37 29.29
N ILE C 279 28.38 10.65 28.99
CA ILE C 279 27.13 11.37 29.22
C ILE C 279 26.51 11.70 27.88
N GLY C 280 25.25 11.35 27.68
CA GLY C 280 24.54 11.72 26.46
C GLY C 280 23.65 12.91 26.72
N ARG C 281 23.88 14.01 26.00
CA ARG C 281 23.11 15.22 26.30
C ARG C 281 22.89 16.07 25.06
N THR C 282 21.82 16.87 25.12
CA THR C 282 21.46 17.77 24.03
C THR C 282 22.30 19.04 24.08
N LYS C 283 22.33 19.75 22.95
CA LYS C 283 23.25 20.88 22.80
C LYS C 283 22.64 22.19 23.27
N SER C 284 21.32 22.30 23.28
CA SER C 284 20.67 23.54 23.68
C SER C 284 20.19 23.45 25.13
N LEU C 285 20.31 24.58 25.83
CA LEU C 285 19.99 24.62 27.25
C LEU C 285 18.50 24.84 27.53
N GLU C 286 17.71 25.21 26.54
CA GLU C 286 16.30 25.49 26.76
C GLU C 286 15.38 24.56 25.98
N SER C 287 15.78 24.17 24.77
CA SER C 287 14.96 23.33 23.91
C SER C 287 15.59 21.96 23.76
N ARG C 288 14.91 21.08 23.04
CA ARG C 288 15.40 19.75 22.70
C ARG C 288 15.93 19.77 21.26
N SER C 289 17.12 20.34 21.10
CA SER C 289 17.74 20.44 19.78
C SER C 289 19.22 20.08 19.88
N GLY C 290 19.67 19.22 18.98
CA GLY C 290 21.05 18.75 18.97
C GLY C 290 21.24 17.56 19.89
N PHE C 291 22.42 16.95 19.75
CA PHE C 291 22.79 15.82 20.61
C PHE C 291 24.27 15.53 20.47
N GLU C 292 24.92 15.28 21.60
CA GLU C 292 26.35 15.00 21.66
C GLU C 292 26.63 14.01 22.78
N MET C 293 27.80 13.37 22.69
CA MET C 293 28.26 12.36 23.65
C MET C 293 29.57 12.85 24.26
N VAL C 294 29.59 13.04 25.58
CA VAL C 294 30.71 13.66 26.27
C VAL C 294 31.40 12.60 27.13
N TRP C 295 32.73 12.60 27.13
CA TRP C 295 33.53 11.67 27.91
C TRP C 295 34.22 12.43 29.02
N ASP C 296 33.95 12.07 30.28
CA ASP C 296 34.50 12.74 31.44
C ASP C 296 35.24 11.73 32.29
N ALA C 297 36.57 11.89 32.39
CA ALA C 297 37.41 10.88 33.03
C ALA C 297 37.35 10.90 34.55
N ASN C 298 36.72 11.90 35.15
CA ASN C 298 36.50 11.94 36.60
C ASN C 298 35.02 12.12 36.91
N GLY C 299 34.15 11.78 35.96
CA GLY C 299 32.77 12.20 36.06
C GLY C 299 31.97 11.52 37.15
N TRP C 300 32.54 10.51 37.79
CA TRP C 300 31.80 9.76 38.80
C TRP C 300 32.31 9.99 40.21
N VAL C 301 33.44 10.68 40.38
CA VAL C 301 34.00 10.89 41.71
C VAL C 301 34.35 12.36 41.95
N SER C 302 34.30 13.19 40.89
CA SER C 302 34.73 14.61 40.98
C SER C 302 33.66 15.57 40.47
N THR C 303 33.61 16.80 41.00
CA THR C 303 32.54 17.78 40.68
C THR C 303 33.01 18.91 39.75
N ASP C 304 34.13 18.77 39.05
CA ASP C 304 34.70 19.81 38.17
C ASP C 304 33.95 19.85 36.83
N LYS C 305 34.13 20.90 36.02
CA LYS C 305 33.46 20.99 34.69
C LYS C 305 34.35 20.58 33.52
N ASP C 306 35.62 20.26 33.74
CA ASP C 306 36.54 19.90 32.63
C ASP C 306 36.25 18.50 32.09
N SER C 307 36.49 18.25 30.80
CA SER C 307 36.19 16.95 30.14
C SER C 307 37.37 16.52 29.28
N ASN C 308 37.28 15.37 28.60
CA ASN C 308 38.44 14.84 27.82
C ASN C 308 38.09 14.40 26.38
N GLY C 309 37.03 14.92 25.75
CA GLY C 309 36.69 14.64 24.37
C GLY C 309 35.19 14.65 24.13
N VAL C 310 34.79 15.22 23.01
CA VAL C 310 33.38 15.35 22.64
C VAL C 310 33.19 14.87 21.21
N GLN C 311 32.18 14.03 21.01
CA GLN C 311 31.76 13.60 19.68
C GLN C 311 30.29 13.94 19.50
N ASP C 312 29.93 14.48 18.34
CA ASP C 312 28.60 15.02 18.12
C ASP C 312 27.76 14.13 17.20
N ILE C 313 26.47 14.03 17.52
CA ILE C 313 25.54 13.15 16.80
C ILE C 313 24.57 13.95 15.95
N ILE C 314 23.96 15.00 16.52
CA ILE C 314 23.09 15.90 15.80
C ILE C 314 23.49 17.33 16.10
N ASP C 315 23.54 18.17 15.08
CA ASP C 315 23.93 19.56 15.24
C ASP C 315 22.80 20.38 15.86
N ASN C 316 23.12 21.64 16.16
CA ASN C 316 22.29 22.48 17.01
C ASN C 316 21.03 23.00 16.31
N ASP C 317 20.87 22.70 15.03
CA ASP C 317 19.77 23.26 14.25
C ASP C 317 18.65 22.24 13.99
N ASN C 318 18.71 21.08 14.63
CA ASN C 318 17.78 20.01 14.34
C ASN C 318 17.22 19.45 15.64
N TRP C 319 16.01 18.89 15.56
CA TRP C 319 15.28 18.45 16.74
C TRP C 319 15.72 17.07 17.17
N SER C 320 15.80 16.89 18.49
CA SER C 320 16.03 15.60 19.13
C SER C 320 14.94 15.38 20.17
N GLY C 321 15.14 14.39 21.02
CA GLY C 321 14.15 14.04 22.02
C GLY C 321 14.67 13.04 23.03
N TYR C 322 13.87 12.01 23.31
CA TYR C 322 14.28 10.96 24.23
C TYR C 322 15.57 10.29 23.74
N SER C 323 16.27 9.64 24.65
CA SER C 323 17.40 8.81 24.32
C SER C 323 17.49 7.67 25.33
N GLY C 324 18.09 6.56 24.91
CA GLY C 324 18.10 5.39 25.76
C GLY C 324 19.27 4.49 25.45
N SER C 325 19.46 3.50 26.31
CA SER C 325 20.60 2.62 26.27
C SER C 325 20.18 1.16 26.20
N PHE C 326 20.90 0.37 25.40
CA PHE C 326 20.71 -1.07 25.37
C PHE C 326 22.07 -1.74 25.22
N SER C 327 22.07 -3.07 25.24
CA SER C 327 23.29 -3.84 25.27
C SER C 327 23.21 -5.02 24.32
N ILE C 328 24.37 -5.40 23.77
CA ILE C 328 24.51 -6.59 22.96
C ILE C 328 25.52 -7.50 23.64
N ARG C 329 25.12 -8.75 23.90
CA ARG C 329 25.81 -9.58 24.88
C ARG C 329 26.67 -10.65 24.22
N GLY C 330 27.58 -11.22 25.02
CA GLY C 330 28.57 -12.16 24.55
C GLY C 330 28.01 -13.47 24.03
N GLU C 331 26.76 -13.80 24.32
CA GLU C 331 26.16 -14.96 23.68
C GLU C 331 25.86 -14.71 22.22
N THR C 332 25.73 -13.44 21.81
CA THR C 332 25.51 -13.13 20.41
C THR C 332 26.83 -12.87 19.68
N THR C 333 27.61 -11.90 20.15
CA THR C 333 28.87 -11.57 19.52
C THR C 333 29.91 -12.68 19.66
N GLY C 334 30.01 -13.29 20.84
CA GLY C 334 31.00 -14.32 21.08
C GLY C 334 32.20 -13.88 21.88
N LYS C 335 32.18 -12.66 22.43
CA LYS C 335 33.29 -12.16 23.22
C LYS C 335 33.10 -12.51 24.69
N ASN C 336 33.92 -11.91 25.56
CA ASN C 336 33.72 -11.93 26.99
C ASN C 336 33.36 -10.57 27.54
N CYS C 337 32.88 -9.66 26.68
CA CYS C 337 32.51 -8.32 27.09
C CYS C 337 31.11 -8.02 26.57
N THR C 338 30.44 -7.07 27.21
CA THR C 338 29.12 -6.64 26.80
C THR C 338 29.24 -5.31 26.06
N VAL C 339 28.69 -5.26 24.85
CA VAL C 339 28.81 -4.09 23.99
C VAL C 339 27.70 -3.09 24.31
N PRO C 340 28.04 -1.86 24.71
CA PRO C 340 27.00 -0.86 24.98
C PRO C 340 26.58 -0.10 23.73
N CYS C 341 25.28 0.20 23.63
CA CYS C 341 24.74 0.91 22.49
C CYS C 341 23.66 1.86 22.98
N PHE C 342 23.34 2.86 22.17
CA PHE C 342 22.30 3.81 22.51
C PHE C 342 21.47 4.16 21.29
N TRP C 343 20.29 4.74 21.56
CA TRP C 343 19.39 5.19 20.51
C TRP C 343 18.85 6.57 20.86
N VAL C 344 18.50 7.33 19.82
CA VAL C 344 18.00 8.69 19.97
C VAL C 344 16.71 8.83 19.18
N GLU C 345 15.73 9.51 19.76
CA GLU C 345 14.46 9.84 19.15
C GLU C 345 14.50 11.25 18.60
N MET C 346 13.75 11.49 17.53
CA MET C 346 13.74 12.78 16.84
C MET C 346 12.29 13.16 16.60
N ILE C 347 11.84 14.24 17.23
CA ILE C 347 10.42 14.57 17.30
C ILE C 347 10.10 15.67 16.30
N ARG C 348 9.02 15.48 15.55
CA ARG C 348 8.51 16.46 14.61
C ARG C 348 7.04 16.72 14.88
N GLY C 349 6.63 17.98 14.71
CA GLY C 349 5.26 18.39 14.92
C GLY C 349 5.12 19.32 16.12
N GLN C 350 3.92 19.34 16.69
CA GLN C 350 3.65 20.16 17.86
C GLN C 350 4.37 19.61 19.09
N PRO C 351 4.89 20.47 19.98
CA PRO C 351 4.37 21.83 20.18
C PRO C 351 5.18 22.92 19.49
N LYS C 352 6.22 22.57 18.74
CA LYS C 352 7.17 23.57 18.25
C LYS C 352 6.94 23.98 16.80
N GLU C 353 6.26 23.16 16.00
CA GLU C 353 6.02 23.48 14.60
C GLU C 353 4.52 23.50 14.32
N LYS C 354 4.19 23.93 13.10
CA LYS C 354 2.82 24.29 12.74
C LYS C 354 2.15 23.12 12.03
N THR C 355 1.71 22.14 12.81
CA THR C 355 0.99 20.98 12.26
C THR C 355 -0.18 20.64 13.18
N ILE C 356 -0.82 19.50 12.92
CA ILE C 356 -1.90 19.01 13.77
C ILE C 356 -1.51 17.73 14.50
N TRP C 357 -0.28 17.24 14.31
CA TRP C 357 0.13 15.94 14.82
C TRP C 357 1.51 16.06 15.45
N THR C 358 1.97 14.94 16.03
CA THR C 358 3.31 14.82 16.60
C THR C 358 3.79 13.40 16.39
N SER C 359 5.01 13.24 15.90
CA SER C 359 5.56 11.91 15.67
C SER C 359 7.06 11.95 15.89
N GLY C 360 7.70 10.79 15.78
CA GLY C 360 9.13 10.70 15.99
C GLY C 360 9.74 9.55 15.22
N SER C 361 11.01 9.73 14.87
CA SER C 361 11.82 8.68 14.26
C SER C 361 13.03 8.41 15.17
N SER C 362 13.90 7.49 14.75
CA SER C 362 14.98 7.06 15.61
C SER C 362 16.27 6.82 14.85
N ILE C 363 17.39 6.93 15.55
CA ILE C 363 18.69 6.47 15.07
C ILE C 363 19.35 5.67 16.20
N ALA C 364 20.27 4.78 15.82
CA ALA C 364 20.89 3.92 16.81
C ALA C 364 22.37 3.74 16.51
N PHE C 365 23.18 3.79 17.58
CA PHE C 365 24.63 3.69 17.52
C PHE C 365 25.11 2.63 18.51
N CYS C 366 26.29 2.07 18.24
CA CYS C 366 26.93 1.10 19.12
C CYS C 366 28.39 1.47 19.34
N GLY C 367 28.93 1.09 20.50
CA GLY C 367 30.30 1.47 20.84
C GLY C 367 31.32 0.49 20.30
N VAL C 368 32.45 1.03 19.84
CA VAL C 368 33.54 0.23 19.28
C VAL C 368 34.87 0.78 19.77
N ASN C 369 35.87 -0.10 19.83
CA ASN C 369 37.23 0.29 20.23
C ASN C 369 38.13 0.51 19.03
N SER C 370 37.76 1.45 18.15
CA SER C 370 38.56 1.69 16.95
C SER C 370 38.22 3.09 16.42
N ASP C 371 38.67 3.37 15.20
CA ASP C 371 38.55 4.69 14.62
C ASP C 371 37.12 5.01 14.23
N THR C 372 36.65 6.19 14.62
CA THR C 372 35.30 6.64 14.31
C THR C 372 35.33 8.12 13.93
N THR C 373 34.16 8.66 13.62
CA THR C 373 34.03 10.03 13.15
C THR C 373 32.76 10.64 13.72
N GLY C 374 32.69 11.97 13.63
CA GLY C 374 31.52 12.71 14.08
C GLY C 374 30.90 13.48 12.93
N TRP C 375 29.58 13.35 12.80
CA TRP C 375 28.85 14.01 11.72
C TRP C 375 27.45 14.33 12.23
N SER C 376 26.53 14.60 11.32
CA SER C 376 25.15 14.88 11.70
C SER C 376 24.21 13.98 10.91
N TRP C 377 23.30 13.33 11.62
CA TRP C 377 22.31 12.42 11.03
C TRP C 377 20.94 12.89 11.43
N PRO C 378 20.43 13.98 10.84
CA PRO C 378 19.15 14.53 11.25
C PRO C 378 17.97 13.76 10.69
N ASP C 379 16.77 14.30 10.91
CA ASP C 379 15.55 13.64 10.44
C ASP C 379 15.33 13.89 8.95
N GLY C 380 15.20 15.15 8.55
CA GLY C 380 15.20 15.50 7.14
C GLY C 380 13.84 15.63 6.48
N ALA C 381 12.75 15.57 7.24
CA ALA C 381 11.43 15.74 6.66
C ALA C 381 11.18 17.21 6.34
N LEU C 382 10.33 17.46 5.35
CA LEU C 382 9.96 18.81 4.92
C LEU C 382 8.50 19.06 5.30
N LEU C 383 8.29 19.60 6.48
CA LEU C 383 6.98 19.93 7.01
C LEU C 383 6.53 21.31 6.54
N PRO C 384 5.22 21.59 6.54
CA PRO C 384 4.06 20.74 6.85
C PRO C 384 3.59 19.86 5.69
N PHE C 385 2.81 18.82 6.03
CA PHE C 385 2.31 17.87 5.04
C PHE C 385 1.04 18.40 4.38
N ASP C 386 0.35 17.53 3.64
CA ASP C 386 -0.86 17.94 2.94
C ASP C 386 -2.04 18.16 3.87
N ILE C 387 -2.17 17.33 4.91
CA ILE C 387 -3.33 17.40 5.78
C ILE C 387 -3.34 18.67 6.62
N ASP C 388 -2.18 19.32 6.78
CA ASP C 388 -2.06 20.47 7.65
C ASP C 388 -2.57 21.76 7.03
N LYS C 389 -2.96 21.72 5.76
CA LYS C 389 -3.38 22.92 5.05
C LYS C 389 -4.88 22.96 4.84
N VAL D 1 1.20 -32.79 19.72
CA VAL D 1 0.46 -33.13 20.92
C VAL D 1 -0.97 -32.66 20.79
N HIS D 2 -1.92 -33.54 21.12
CA HIS D 2 -3.32 -33.24 20.91
C HIS D 2 -3.97 -32.75 22.21
N TYR D 3 -5.02 -31.96 22.05
CA TYR D 3 -5.68 -31.31 23.18
C TYR D 3 -6.46 -32.32 24.00
N SER D 4 -5.94 -32.73 25.16
CA SER D 4 -6.59 -33.84 25.90
C SER D 4 -7.88 -33.43 26.56
N SER D 5 -8.40 -34.28 27.44
CA SER D 5 -9.71 -34.04 28.07
C SER D 5 -9.62 -34.22 29.58
N GLY D 6 -10.61 -33.76 30.34
CA GLY D 6 -10.65 -33.97 31.80
C GLY D 6 -10.31 -32.76 32.64
N ARG D 7 -9.69 -31.74 32.07
CA ARG D 7 -9.27 -30.55 32.87
C ARG D 7 -10.43 -29.56 32.99
N ASP D 8 -10.70 -29.04 34.19
CA ASP D 8 -11.84 -28.13 34.47
C ASP D 8 -11.49 -26.68 34.15
N LEU D 9 -12.48 -25.79 34.12
CA LEU D 9 -12.23 -24.35 33.87
C LEU D 9 -11.36 -23.83 35.01
N CYS D 10 -10.92 -22.59 34.95
CA CYS D 10 -9.88 -22.12 35.84
C CYS D 10 -10.41 -20.97 36.68
N PRO D 11 -10.06 -20.92 37.98
CA PRO D 11 -10.68 -19.94 38.87
C PRO D 11 -10.23 -18.51 38.55
N ILE D 12 -11.20 -17.59 38.46
CA ILE D 12 -10.94 -16.23 38.03
C ILE D 12 -11.64 -15.24 38.95
N ARG D 13 -11.17 -13.98 38.89
CA ARG D 13 -11.81 -12.86 39.56
C ARG D 13 -12.13 -11.69 38.65
N GLY D 14 -11.56 -11.63 37.45
CA GLY D 14 -11.77 -10.51 36.57
C GLY D 14 -11.19 -10.78 35.20
N TRP D 15 -11.27 -9.77 34.34
CA TRP D 15 -10.90 -9.90 32.94
C TRP D 15 -9.88 -8.83 32.58
N ALA D 16 -8.81 -9.25 31.89
CA ALA D 16 -7.70 -8.39 31.53
C ALA D 16 -7.59 -8.25 30.02
N PRO D 17 -7.31 -7.05 29.51
CA PRO D 17 -7.28 -6.84 28.07
C PRO D 17 -6.25 -7.71 27.37
N LEU D 18 -6.61 -8.21 26.20
CA LEU D 18 -5.72 -9.04 25.40
C LEU D 18 -5.37 -8.42 24.05
N SER D 19 -6.34 -7.93 23.28
CA SER D 19 -5.99 -7.39 21.98
C SER D 19 -7.03 -6.38 21.50
N LYS D 20 -6.59 -5.54 20.56
CA LYS D 20 -7.40 -4.53 19.88
C LYS D 20 -6.88 -4.36 18.47
N ASP D 21 -7.78 -4.26 17.50
CA ASP D 21 -7.39 -4.14 16.10
C ASP D 21 -7.09 -2.71 15.66
N ASN D 22 -7.99 -1.77 15.97
CA ASN D 22 -7.98 -0.43 15.37
C ASN D 22 -8.05 -0.53 13.85
N GLY D 23 -9.09 -1.19 13.37
CA GLY D 23 -9.19 -1.52 11.96
C GLY D 23 -9.84 -0.46 11.11
N ILE D 24 -10.91 0.18 11.62
CA ILE D 24 -11.59 1.20 10.83
C ILE D 24 -10.82 2.52 10.91
N ARG D 25 -10.06 2.74 11.98
CA ARG D 25 -9.21 3.92 12.06
C ARG D 25 -8.09 3.87 11.05
N ILE D 26 -7.61 2.67 10.72
CA ILE D 26 -6.53 2.52 9.75
C ILE D 26 -7.09 2.45 8.33
N GLY D 27 -8.30 1.94 8.18
CA GLY D 27 -8.89 1.79 6.87
C GLY D 27 -9.30 3.11 6.25
N SER D 28 -9.14 4.21 7.00
CA SER D 28 -9.42 5.52 6.47
C SER D 28 -8.39 5.96 5.44
N ARG D 29 -7.16 5.45 5.49
CA ARG D 29 -6.12 5.80 4.53
C ARG D 29 -5.39 4.57 4.00
N GLY D 30 -5.41 3.48 4.76
CA GLY D 30 -4.76 2.26 4.33
C GLY D 30 -5.69 1.34 3.58
N GLU D 31 -5.19 0.14 3.29
CA GLU D 31 -5.97 -0.90 2.63
C GLU D 31 -6.44 -1.89 3.69
N VAL D 32 -7.74 -1.88 3.97
CA VAL D 32 -8.35 -2.76 4.96
C VAL D 32 -9.64 -3.32 4.39
N PHE D 33 -9.84 -4.61 4.57
CA PHE D 33 -11.05 -5.28 4.09
C PHE D 33 -12.29 -4.71 4.77
N VAL D 34 -13.45 -4.99 4.17
CA VAL D 34 -14.74 -4.75 4.81
C VAL D 34 -15.22 -6.08 5.37
N ILE D 35 -15.12 -6.24 6.69
CA ILE D 35 -15.35 -7.53 7.34
C ILE D 35 -16.62 -7.47 8.17
N ARG D 36 -16.99 -8.61 8.74
CA ARG D 36 -17.98 -8.68 9.81
C ARG D 36 -17.96 -10.10 10.36
N GLU D 37 -18.47 -10.27 11.58
CA GLU D 37 -18.39 -11.50 12.36
C GLU D 37 -16.96 -11.97 12.54
N PRO D 38 -16.11 -11.25 13.28
CA PRO D 38 -14.76 -11.74 13.50
C PRO D 38 -14.63 -12.56 14.77
N PHE D 39 -14.10 -13.77 14.69
CA PHE D 39 -13.87 -14.57 15.88
C PHE D 39 -12.40 -14.93 16.01
N ILE D 40 -12.03 -15.46 17.17
CA ILE D 40 -10.64 -15.73 17.52
C ILE D 40 -10.52 -17.19 17.92
N SER D 41 -9.51 -17.87 17.39
CA SER D 41 -9.26 -19.26 17.74
C SER D 41 -7.77 -19.47 17.97
N CYS D 42 -7.44 -20.30 18.96
CA CYS D 42 -6.05 -20.51 19.37
C CYS D 42 -5.63 -21.96 19.15
N SER D 43 -4.37 -22.16 18.79
CA SER D 43 -3.80 -23.49 18.65
C SER D 43 -2.54 -23.60 19.51
N ILE D 44 -1.79 -24.68 19.33
CA ILE D 44 -0.66 -24.99 20.20
C ILE D 44 0.45 -23.95 20.14
N SER D 45 0.49 -23.13 19.10
CA SER D 45 1.59 -22.20 18.91
C SER D 45 1.18 -20.76 18.64
N GLU D 46 -0.07 -20.50 18.28
CA GLU D 46 -0.47 -19.13 17.96
C GLU D 46 -1.98 -18.99 18.07
N CYS D 47 -2.43 -17.74 18.19
CA CYS D 47 -3.84 -17.39 18.18
C CYS D 47 -4.11 -16.53 16.97
N ARG D 48 -5.18 -16.84 16.24
CA ARG D 48 -5.50 -16.17 15.00
C ARG D 48 -6.92 -15.63 15.03
N THR D 49 -7.17 -14.65 14.18
CA THR D 49 -8.48 -14.03 14.01
C THR D 49 -9.02 -14.43 12.64
N PHE D 50 -10.20 -15.04 12.64
CA PHE D 50 -10.90 -15.40 11.42
C PHE D 50 -12.02 -14.39 11.19
N PHE D 51 -12.25 -14.04 9.92
CA PHE D 51 -13.30 -13.08 9.61
C PHE D 51 -13.86 -13.37 8.22
N LEU D 52 -15.05 -12.83 7.98
CA LEU D 52 -15.79 -13.02 6.74
C LEU D 52 -15.78 -11.70 5.98
N THR D 53 -15.19 -11.71 4.80
CA THR D 53 -15.06 -10.51 3.98
C THR D 53 -16.13 -10.47 2.90
N GLN D 54 -16.55 -9.25 2.58
CA GLN D 54 -17.51 -8.97 1.52
C GLN D 54 -16.86 -8.90 0.15
N GLY D 55 -15.54 -9.08 0.08
CA GLY D 55 -14.85 -9.01 -1.19
C GLY D 55 -14.52 -7.61 -1.67
N ALA D 56 -14.49 -6.63 -0.77
CA ALA D 56 -14.26 -5.25 -1.13
C ALA D 56 -13.38 -4.60 -0.09
N LEU D 57 -12.78 -3.48 -0.46
CA LEU D 57 -11.96 -2.69 0.45
C LEU D 57 -12.77 -1.54 1.03
N LEU D 58 -12.34 -1.06 2.17
CA LEU D 58 -13.03 0.02 2.86
C LEU D 58 -12.67 1.35 2.22
N ASN D 59 -13.64 2.26 2.14
CA ASN D 59 -13.51 3.55 1.48
C ASN D 59 -13.35 3.38 -0.03
N ASP D 60 -14.15 2.49 -0.63
CA ASP D 60 -14.10 2.19 -2.05
C ASP D 60 -15.49 2.24 -2.64
N LYS D 61 -15.57 2.20 -3.97
CA LYS D 61 -16.85 2.20 -4.65
C LYS D 61 -17.56 0.86 -4.54
N HIS D 62 -16.81 -0.22 -4.30
CA HIS D 62 -17.39 -1.55 -4.26
C HIS D 62 -17.98 -1.90 -2.92
N SER D 63 -17.75 -1.03 -1.92
CA SER D 63 -18.29 -1.26 -0.55
C SER D 63 -19.71 -0.71 -0.45
N ASN D 64 -20.34 -0.42 -1.59
CA ASN D 64 -21.72 0.16 -1.60
C ASN D 64 -22.73 -0.94 -1.24
N GLY D 65 -23.63 -0.66 -0.29
CA GLY D 65 -24.64 -1.65 0.14
C GLY D 65 -24.05 -2.94 0.65
N THR D 66 -23.05 -2.89 1.52
CA THR D 66 -22.51 -4.11 2.11
C THR D 66 -23.18 -4.46 3.43
N VAL D 67 -24.42 -4.02 3.64
CA VAL D 67 -25.19 -4.46 4.80
C VAL D 67 -25.79 -5.85 4.57
N LYS D 68 -25.81 -6.33 3.33
CA LYS D 68 -26.40 -7.62 3.01
C LYS D 68 -25.35 -8.73 3.13
N ASP D 69 -25.76 -9.86 3.68
CA ASP D 69 -24.81 -10.88 4.14
C ASP D 69 -24.53 -11.98 3.12
N ARG D 70 -25.55 -12.51 2.47
CA ARG D 70 -25.38 -13.65 1.56
C ARG D 70 -25.12 -13.14 0.15
N SER D 71 -23.95 -13.45 -0.38
CA SER D 71 -23.58 -13.06 -1.73
C SER D 71 -22.46 -13.97 -2.20
N PRO D 72 -22.28 -14.12 -3.51
CA PRO D 72 -21.23 -15.00 -4.02
C PRO D 72 -19.82 -14.48 -3.86
N PHE D 73 -19.64 -13.38 -3.12
CA PHE D 73 -18.33 -12.76 -2.98
C PHE D 73 -17.74 -12.85 -1.58
N ARG D 74 -18.52 -13.23 -0.57
CA ARG D 74 -17.96 -13.37 0.77
C ARG D 74 -16.94 -14.50 0.82
N THR D 75 -15.92 -14.32 1.65
CA THR D 75 -14.92 -15.36 1.84
C THR D 75 -14.48 -15.38 3.29
N LEU D 76 -13.96 -16.52 3.74
CA LEU D 76 -13.45 -16.66 5.09
C LEU D 76 -11.93 -16.61 5.06
N MET D 77 -11.35 -15.64 5.78
CA MET D 77 -9.90 -15.46 5.82
C MET D 77 -9.46 -15.33 7.28
N SER D 78 -8.14 -15.23 7.48
CA SER D 78 -7.61 -15.16 8.83
C SER D 78 -6.28 -14.42 8.84
N CYS D 79 -5.99 -13.78 9.96
CA CYS D 79 -4.78 -13.01 10.19
C CYS D 79 -4.31 -13.18 11.63
N PRO D 80 -3.06 -12.81 11.93
CA PRO D 80 -2.59 -12.91 13.31
C PRO D 80 -3.38 -12.01 14.26
N ILE D 81 -3.21 -12.26 15.55
CA ILE D 81 -4.00 -11.58 16.56
C ILE D 81 -3.58 -10.13 16.66
N GLY D 82 -4.56 -9.23 16.70
CA GLY D 82 -4.31 -7.81 16.92
C GLY D 82 -3.78 -7.05 15.72
N VAL D 83 -3.87 -7.59 14.52
CA VAL D 83 -3.34 -6.95 13.33
C VAL D 83 -4.48 -6.66 12.37
N ALA D 84 -4.37 -5.50 11.69
CA ALA D 84 -5.40 -5.01 10.78
C ALA D 84 -5.61 -6.00 9.62
N PRO D 85 -6.86 -6.32 9.30
CA PRO D 85 -7.12 -7.29 8.23
C PRO D 85 -6.85 -6.72 6.85
N SER D 86 -5.60 -6.67 6.46
CA SER D 86 -5.11 -6.15 5.20
C SER D 86 -5.03 -7.26 4.16
N PRO D 87 -5.03 -6.91 2.87
CA PRO D 87 -4.74 -7.94 1.85
C PRO D 87 -3.35 -8.51 1.92
N SER D 88 -2.41 -7.83 2.58
CA SER D 88 -1.03 -8.29 2.69
C SER D 88 -0.75 -9.04 3.99
N ASN D 89 -1.73 -9.16 4.87
CA ASN D 89 -1.57 -9.87 6.12
C ASN D 89 -2.47 -11.10 6.25
N SER D 90 -3.42 -11.27 5.35
CA SER D 90 -4.49 -12.25 5.50
C SER D 90 -4.19 -13.50 4.69
N ARG D 91 -4.59 -14.65 5.21
CA ARG D 91 -4.41 -15.94 4.57
C ARG D 91 -5.76 -16.53 4.21
N PHE D 92 -5.93 -16.88 2.94
CA PHE D 92 -7.20 -17.41 2.47
C PHE D 92 -7.53 -18.73 3.15
N GLU D 93 -8.77 -18.88 3.59
CA GLU D 93 -9.21 -20.10 4.24
C GLU D 93 -10.31 -20.83 3.49
N SER D 94 -11.41 -20.15 3.14
CA SER D 94 -12.50 -20.88 2.52
C SER D 94 -13.46 -19.93 1.80
N VAL D 95 -14.37 -20.50 1.03
CA VAL D 95 -15.42 -19.75 0.34
C VAL D 95 -16.73 -20.00 1.06
N ALA D 96 -17.32 -18.95 1.65
CA ALA D 96 -18.50 -19.16 2.48
C ALA D 96 -19.14 -17.82 2.84
N TRP D 97 -20.44 -17.86 3.12
CA TRP D 97 -21.11 -16.76 3.81
C TRP D 97 -21.52 -17.12 5.24
N SER D 98 -21.23 -18.33 5.69
CA SER D 98 -21.33 -18.74 7.09
C SER D 98 -20.22 -19.75 7.32
N ALA D 99 -19.58 -19.71 8.48
CA ALA D 99 -18.37 -20.50 8.65
C ALA D 99 -18.05 -20.72 10.11
N THR D 100 -17.12 -21.63 10.36
CA THR D 100 -16.51 -21.84 11.68
C THR D 100 -15.20 -22.58 11.48
N ALA D 101 -14.35 -22.58 12.50
CA ALA D 101 -13.05 -23.24 12.39
C ALA D 101 -12.40 -23.40 13.76
N CYS D 102 -11.81 -24.57 14.00
CA CYS D 102 -10.99 -24.74 15.20
C CYS D 102 -9.71 -25.48 14.88
N SER D 103 -9.00 -25.84 15.95
CA SER D 103 -7.74 -26.56 15.89
C SER D 103 -7.76 -27.69 16.90
N ASP D 104 -7.07 -28.77 16.57
CA ASP D 104 -6.96 -29.92 17.48
C ASP D 104 -5.52 -30.10 17.94
N GLY D 105 -4.83 -29.00 18.17
CA GLY D 105 -3.42 -29.00 18.51
C GLY D 105 -2.47 -28.75 17.35
N PRO D 106 -2.29 -29.72 16.45
CA PRO D 106 -1.35 -29.51 15.34
C PRO D 106 -1.88 -28.69 14.17
N GLY D 107 -3.15 -28.88 13.80
CA GLY D 107 -3.65 -28.34 12.56
C GLY D 107 -4.95 -27.58 12.65
N TRP D 108 -5.53 -27.23 11.50
CA TRP D 108 -6.73 -26.39 11.45
C TRP D 108 -7.82 -27.10 10.67
N LEU D 109 -9.02 -27.14 11.26
CA LEU D 109 -10.22 -27.60 10.59
C LEU D 109 -11.13 -26.41 10.32
N THR D 110 -11.64 -26.30 9.09
CA THR D 110 -12.57 -25.25 8.74
C THR D 110 -13.81 -25.83 8.07
N LEU D 111 -14.95 -25.20 8.36
CA LEU D 111 -16.24 -25.54 7.76
C LEU D 111 -16.84 -24.27 7.19
N GLY D 112 -17.26 -24.31 5.94
CA GLY D 112 -17.80 -23.14 5.28
C GLY D 112 -18.98 -23.46 4.38
N ILE D 113 -20.04 -22.67 4.52
CA ILE D 113 -21.31 -22.92 3.84
C ILE D 113 -21.46 -21.92 2.71
N THR D 114 -21.83 -22.40 1.53
CA THR D 114 -22.06 -21.54 0.39
C THR D 114 -23.10 -22.17 -0.52
N GLY D 115 -23.72 -21.34 -1.36
CA GLY D 115 -24.70 -21.82 -2.30
C GLY D 115 -26.03 -21.09 -2.20
N PRO D 116 -27.03 -21.53 -2.96
CA PRO D 116 -28.32 -20.86 -2.95
C PRO D 116 -28.98 -20.94 -1.59
N ASP D 117 -30.12 -20.25 -1.47
CA ASP D 117 -30.83 -20.21 -0.20
C ASP D 117 -31.44 -21.56 0.15
N SER D 118 -31.78 -22.37 -0.85
CA SER D 118 -32.53 -23.60 -0.61
C SER D 118 -31.69 -24.86 -0.67
N THR D 119 -30.53 -24.83 -1.33
CA THR D 119 -29.67 -26.02 -1.45
C THR D 119 -28.23 -25.64 -1.12
N ALA D 120 -28.04 -24.97 0.02
CA ALA D 120 -26.71 -24.62 0.45
C ALA D 120 -25.90 -25.86 0.77
N VAL D 121 -24.57 -25.75 0.67
CA VAL D 121 -23.65 -26.86 0.86
C VAL D 121 -22.52 -26.40 1.77
N ALA D 122 -22.17 -27.24 2.75
CA ALA D 122 -21.08 -26.97 3.67
C ALA D 122 -19.88 -27.83 3.29
N VAL D 123 -18.72 -27.21 3.14
CA VAL D 123 -17.49 -27.88 2.76
C VAL D 123 -16.57 -27.89 3.96
N LEU D 124 -16.00 -29.06 4.28
CA LEU D 124 -15.11 -29.27 5.40
C LEU D 124 -13.70 -29.55 4.89
N LYS D 125 -12.77 -28.71 5.32
CA LYS D 125 -11.36 -28.79 4.95
C LYS D 125 -10.51 -29.00 6.19
N TYR D 126 -9.41 -29.74 6.01
CA TYR D 126 -8.39 -29.92 7.05
C TYR D 126 -7.04 -29.59 6.44
N ASN D 127 -6.47 -28.45 6.83
CA ASN D 127 -5.19 -27.96 6.32
C ASN D 127 -5.24 -27.65 4.83
N GLY D 128 -6.36 -27.14 4.35
CA GLY D 128 -6.48 -26.70 2.97
C GLY D 128 -6.86 -27.75 1.97
N ILE D 129 -7.09 -28.99 2.39
CA ILE D 129 -7.47 -30.08 1.49
C ILE D 129 -8.91 -30.44 1.77
N ILE D 130 -9.75 -30.40 0.74
CA ILE D 130 -11.17 -30.67 0.91
C ILE D 130 -11.37 -32.14 1.29
N THR D 131 -11.97 -32.37 2.44
CA THR D 131 -12.18 -33.72 2.93
C THR D 131 -13.64 -34.13 3.05
N ASP D 132 -14.58 -33.20 3.16
CA ASP D 132 -15.97 -33.64 3.26
C ASP D 132 -16.92 -32.56 2.81
N THR D 133 -18.18 -32.96 2.56
CA THR D 133 -19.25 -32.03 2.25
C THR D 133 -20.55 -32.52 2.88
N LEU D 134 -21.42 -31.57 3.21
CA LEU D 134 -22.75 -31.85 3.75
C LEU D 134 -23.75 -30.95 3.04
N LYS D 135 -24.98 -31.43 2.88
CA LYS D 135 -25.99 -30.68 2.15
C LYS D 135 -27.22 -30.45 3.01
N SER D 136 -27.91 -29.35 2.74
CA SER D 136 -29.06 -28.94 3.53
C SER D 136 -30.16 -30.01 3.48
N TRP D 137 -30.80 -30.27 4.61
CA TRP D 137 -31.77 -31.34 4.70
C TRP D 137 -33.21 -30.88 4.85
N LYS D 138 -33.46 -29.58 5.02
CA LYS D 138 -34.82 -29.08 5.12
C LYS D 138 -35.15 -28.04 4.06
N GLY D 139 -34.26 -27.75 3.13
CA GLY D 139 -34.55 -26.81 2.07
C GLY D 139 -34.78 -25.38 2.54
N ASN D 140 -33.97 -24.93 3.50
CA ASN D 140 -34.10 -23.57 4.01
C ASN D 140 -32.69 -23.17 4.45
N ILE D 141 -32.48 -21.88 4.73
CA ILE D 141 -31.15 -21.35 4.96
C ILE D 141 -30.44 -22.14 6.04
N MET D 142 -29.31 -22.75 5.69
CA MET D 142 -28.54 -23.57 6.63
C MET D 142 -27.33 -22.78 7.11
N ARG D 143 -27.11 -22.77 8.42
CA ARG D 143 -26.18 -21.83 9.02
C ARG D 143 -25.49 -22.47 10.20
N THR D 144 -24.39 -21.85 10.63
CA THR D 144 -23.56 -22.41 11.70
C THR D 144 -23.16 -21.33 12.71
N GLN D 145 -22.22 -21.65 13.60
CA GLN D 145 -21.98 -20.87 14.82
C GLN D 145 -21.45 -19.47 14.56
N GLU D 146 -20.46 -19.33 13.68
CA GLU D 146 -19.66 -18.11 13.56
C GLU D 146 -18.82 -17.86 14.80
N SER D 147 -18.35 -18.93 15.43
CA SER D 147 -17.31 -18.88 16.45
C SER D 147 -16.60 -20.23 16.44
N GLU D 148 -15.60 -20.39 17.31
CA GLU D 148 -14.77 -21.57 17.17
C GLU D 148 -15.55 -22.82 17.58
N CYS D 149 -15.13 -23.95 17.02
CA CYS D 149 -15.57 -25.26 17.44
C CYS D 149 -14.63 -25.84 18.48
N VAL D 150 -15.10 -26.87 19.17
CA VAL D 150 -14.36 -27.46 20.29
C VAL D 150 -13.78 -28.80 19.84
N CYS D 151 -12.48 -28.94 20.00
CA CYS D 151 -11.73 -30.07 19.47
C CYS D 151 -10.92 -30.68 20.62
N GLN D 152 -11.32 -31.87 21.07
CA GLN D 152 -10.63 -32.55 22.17
C GLN D 152 -10.48 -34.03 21.87
N ASP D 153 -9.32 -34.59 22.22
CA ASP D 153 -9.01 -36.00 21.96
C ASP D 153 -9.14 -36.37 20.49
N GLU D 154 -8.68 -35.48 19.62
CA GLU D 154 -8.64 -35.60 18.17
C GLU D 154 -10.01 -35.47 17.51
N PHE D 155 -11.10 -35.35 18.27
CA PHE D 155 -12.44 -35.24 17.72
C PHE D 155 -12.95 -33.82 17.90
N CYS D 156 -13.61 -33.31 16.87
CA CYS D 156 -14.12 -31.94 16.84
C CYS D 156 -15.64 -31.97 16.76
N TYR D 157 -16.30 -31.07 17.48
CA TYR D 157 -17.75 -31.08 17.59
C TYR D 157 -18.33 -29.74 17.19
N THR D 158 -19.38 -29.76 16.37
CA THR D 158 -20.10 -28.55 15.97
C THR D 158 -21.60 -28.79 16.07
N LEU D 159 -22.36 -27.70 15.99
CA LEU D 159 -23.81 -27.74 15.94
C LEU D 159 -24.31 -26.90 14.77
N VAL D 160 -25.28 -27.44 14.04
CA VAL D 160 -25.75 -26.85 12.78
C VAL D 160 -27.28 -26.77 12.80
N THR D 161 -27.80 -25.65 12.30
CA THR D 161 -29.23 -25.32 12.33
C THR D 161 -29.79 -25.29 10.92
N ASP D 162 -31.10 -25.57 10.80
CA ASP D 162 -31.78 -25.42 9.52
C ASP D 162 -33.27 -25.24 9.78
N GLY D 163 -33.88 -24.31 9.05
CA GLY D 163 -35.30 -24.09 9.16
C GLY D 163 -35.68 -22.63 9.32
N PRO D 164 -36.93 -22.39 9.73
CA PRO D 164 -37.43 -21.01 9.84
C PRO D 164 -36.71 -20.23 10.95
N SER D 165 -36.74 -18.91 10.80
CA SER D 165 -36.16 -17.99 11.76
C SER D 165 -37.18 -17.47 12.78
N ASP D 166 -38.45 -17.84 12.67
CA ASP D 166 -39.45 -17.40 13.62
C ASP D 166 -40.41 -18.52 14.00
N ALA D 167 -39.97 -19.77 13.85
CA ALA D 167 -40.77 -20.92 14.24
C ALA D 167 -39.85 -22.05 14.64
N GLN D 168 -40.39 -23.28 14.69
CA GLN D 168 -39.57 -24.43 15.01
C GLN D 168 -38.53 -24.67 13.93
N ALA D 169 -37.31 -24.98 14.35
CA ALA D 169 -36.22 -25.31 13.44
C ALA D 169 -35.75 -26.73 13.72
N PHE D 170 -34.64 -27.12 13.11
CA PHE D 170 -34.11 -28.48 13.24
C PHE D 170 -32.60 -28.43 13.37
N TYR D 171 -32.06 -29.25 14.28
CA TYR D 171 -30.70 -29.08 14.76
C TYR D 171 -29.94 -30.41 14.71
N LYS D 172 -28.67 -30.32 14.33
CA LYS D 172 -27.79 -31.49 14.30
C LYS D 172 -26.49 -31.21 15.03
N ILE D 173 -25.96 -32.23 15.69
CA ILE D 173 -24.61 -32.21 16.24
C ILE D 173 -23.72 -33.04 15.34
N LEU D 174 -22.57 -32.48 14.95
CA LEU D 174 -21.62 -33.15 14.08
C LEU D 174 -20.35 -33.47 14.86
N LYS D 175 -19.89 -34.71 14.73
CA LYS D 175 -18.65 -35.19 15.34
C LYS D 175 -17.71 -35.63 14.23
N ILE D 176 -16.53 -35.01 14.18
CA ILE D 176 -15.63 -35.02 13.04
C ILE D 176 -14.26 -35.48 13.52
N ARG D 177 -13.55 -36.25 12.70
CA ARG D 177 -12.17 -36.63 13.02
C ARG D 177 -11.28 -36.38 11.82
N LYS D 178 -10.22 -35.59 12.03
CA LYS D 178 -9.20 -35.30 11.02
C LYS D 178 -9.81 -34.83 9.71
N GLY D 179 -10.95 -34.15 9.77
CA GLY D 179 -11.51 -33.49 8.62
C GLY D 179 -12.73 -34.14 8.01
N LYS D 180 -13.11 -35.34 8.45
CA LYS D 180 -14.25 -36.01 7.86
C LYS D 180 -15.25 -36.42 8.93
N ILE D 181 -16.53 -36.38 8.58
CA ILE D 181 -17.61 -36.57 9.55
C ILE D 181 -17.68 -38.04 9.92
N VAL D 182 -17.64 -38.33 11.23
CA VAL D 182 -17.79 -39.70 11.68
C VAL D 182 -19.16 -39.96 12.33
N SER D 183 -19.82 -38.92 12.85
CA SER D 183 -21.17 -39.15 13.38
C SER D 183 -21.95 -37.85 13.40
N MET D 184 -23.26 -37.98 13.51
CA MET D 184 -24.13 -36.83 13.70
C MET D 184 -25.42 -37.27 14.38
N LYS D 185 -26.04 -36.33 15.09
CA LYS D 185 -27.19 -36.62 15.93
C LYS D 185 -28.24 -35.54 15.76
N ASP D 186 -29.52 -35.92 15.79
CA ASP D 186 -30.62 -34.99 15.62
C ASP D 186 -31.13 -34.56 16.99
N VAL D 187 -31.04 -33.27 17.29
CA VAL D 187 -31.46 -32.77 18.60
C VAL D 187 -32.97 -32.55 18.58
N ASP D 188 -33.68 -33.19 19.51
CA ASP D 188 -35.13 -33.09 19.61
C ASP D 188 -35.45 -32.14 20.76
N ALA D 189 -35.83 -30.91 20.43
CA ALA D 189 -35.95 -29.83 21.40
C ALA D 189 -37.25 -29.07 21.16
N THR D 190 -38.37 -29.81 21.11
CA THR D 190 -39.68 -29.21 20.90
C THR D 190 -39.89 -28.01 21.81
N GLY D 191 -40.10 -26.84 21.22
CA GLY D 191 -40.29 -25.62 21.95
C GLY D 191 -39.04 -24.80 22.20
N PHE D 192 -37.95 -25.05 21.50
CA PHE D 192 -36.69 -24.37 21.69
C PHE D 192 -36.26 -23.69 20.40
N HIS D 193 -35.14 -22.98 20.47
CA HIS D 193 -34.56 -22.33 19.29
C HIS D 193 -33.08 -22.09 19.55
N PHE D 194 -32.21 -22.83 18.88
CA PHE D 194 -30.77 -22.68 19.02
C PHE D 194 -30.21 -22.04 17.75
N GLU D 195 -29.51 -20.92 17.91
CA GLU D 195 -28.77 -20.30 16.82
C GLU D 195 -27.47 -19.71 17.37
N GLU D 196 -26.43 -19.76 16.55
CA GLU D 196 -25.16 -19.11 16.84
C GLU D 196 -24.64 -19.48 18.23
N CYS D 197 -24.37 -20.76 18.41
CA CYS D 197 -23.98 -21.27 19.72
C CYS D 197 -22.51 -20.98 20.00
N SER D 198 -22.22 -20.65 21.25
CA SER D 198 -20.85 -20.47 21.73
C SER D 198 -20.52 -21.62 22.68
N CYS D 199 -19.44 -22.34 22.38
CA CYS D 199 -19.14 -23.60 23.03
C CYS D 199 -17.76 -23.56 23.68
N TYR D 200 -17.64 -24.23 24.82
CA TYR D 200 -16.36 -24.37 25.50
C TYR D 200 -16.30 -25.73 26.18
N PRO D 201 -15.09 -26.26 26.43
CA PRO D 201 -14.98 -27.58 27.05
C PRO D 201 -14.98 -27.54 28.56
N SER D 202 -15.85 -28.33 29.20
CA SER D 202 -15.92 -28.39 30.65
C SER D 202 -15.92 -29.84 31.08
N GLY D 203 -14.99 -30.22 31.95
CA GLY D 203 -14.91 -31.60 32.40
C GLY D 203 -14.65 -32.52 31.23
N THR D 204 -15.49 -33.54 31.07
CA THR D 204 -15.44 -34.43 29.94
C THR D 204 -16.55 -34.16 28.94
N GLU D 205 -17.14 -32.97 28.96
CA GLU D 205 -18.28 -32.64 28.13
C GLU D 205 -18.07 -31.27 27.47
N ILE D 206 -18.97 -30.96 26.55
CA ILE D 206 -18.96 -29.70 25.81
C ILE D 206 -20.20 -28.92 26.23
N GLU D 207 -20.00 -27.63 26.52
CA GLU D 207 -21.02 -26.75 27.08
C GLU D 207 -21.24 -25.62 26.09
N CYS D 208 -22.49 -25.38 25.69
CA CYS D 208 -22.77 -24.36 24.69
C CYS D 208 -23.95 -23.50 25.12
N VAL D 209 -23.83 -22.20 24.88
CA VAL D 209 -24.90 -21.23 25.12
C VAL D 209 -25.26 -20.57 23.79
N CYS D 210 -26.54 -20.60 23.44
CA CYS D 210 -27.02 -20.28 22.10
C CYS D 210 -27.95 -19.06 22.14
N ARG D 211 -28.68 -18.73 21.06
CA ARG D 211 -29.58 -17.53 20.93
C ARG D 211 -30.97 -17.90 20.41
N ASP D 212 -32.05 -17.27 20.87
CA ASP D 212 -33.44 -17.60 20.45
C ASP D 212 -34.07 -16.42 19.71
N ASN D 213 -34.47 -16.60 18.45
CA ASN D 213 -35.02 -15.50 17.63
C ASN D 213 -36.53 -15.62 17.52
N TRP D 214 -37.16 -16.50 18.28
CA TRP D 214 -38.61 -16.71 18.10
C TRP D 214 -39.39 -16.14 19.28
N ARG D 215 -38.98 -16.42 20.51
CA ARG D 215 -39.83 -15.97 21.63
C ARG D 215 -39.07 -15.99 22.94
N GLY D 216 -37.76 -15.86 22.90
CA GLY D 216 -37.00 -15.88 24.13
C GLY D 216 -36.14 -14.64 24.33
N SER D 217 -36.07 -14.19 25.57
CA SER D 217 -35.19 -13.09 25.94
C SER D 217 -34.10 -13.52 26.92
N ASN D 218 -34.08 -14.79 27.32
CA ASN D 218 -32.95 -15.39 28.01
C ASN D 218 -32.21 -16.34 27.06
N ARG D 219 -31.20 -17.01 27.56
CA ARG D 219 -30.44 -17.77 26.58
C ARG D 219 -30.52 -19.27 26.83
N PRO D 220 -30.69 -20.07 25.78
CA PRO D 220 -30.73 -21.53 25.95
C PRO D 220 -29.36 -22.17 25.89
N TRP D 221 -29.20 -23.29 26.61
CA TRP D 221 -27.93 -23.98 26.70
C TRP D 221 -28.11 -25.46 26.39
N ILE D 222 -27.03 -26.05 25.87
CA ILE D 222 -26.96 -27.49 25.58
C ILE D 222 -25.63 -28.03 26.07
N ARG D 223 -25.63 -29.27 26.54
CA ARG D 223 -24.43 -29.92 27.04
C ARG D 223 -24.39 -31.35 26.52
N PHE D 224 -23.25 -31.79 26.01
CA PHE D 224 -23.18 -33.14 25.46
C PHE D 224 -21.79 -33.73 25.60
N ASN D 225 -21.73 -35.07 25.52
CA ASN D 225 -20.48 -35.81 25.64
C ASN D 225 -20.13 -36.45 24.29
N SER D 226 -19.05 -37.23 24.29
CA SER D 226 -18.49 -37.79 23.07
C SER D 226 -19.38 -38.86 22.43
N ASP D 227 -20.41 -39.33 23.14
CA ASP D 227 -21.39 -40.23 22.56
C ASP D 227 -22.60 -39.49 22.00
N LEU D 228 -22.56 -38.15 22.03
CA LEU D 228 -23.64 -37.31 21.54
C LEU D 228 -24.95 -37.60 22.28
N ASP D 229 -24.88 -37.61 23.60
CA ASP D 229 -26.06 -37.56 24.45
C ASP D 229 -26.15 -36.18 25.08
N TYR D 230 -27.35 -35.60 25.06
CA TYR D 230 -27.47 -34.17 25.32
C TYR D 230 -28.45 -33.90 26.45
N GLN D 231 -28.14 -32.85 27.20
CA GLN D 231 -29.06 -32.19 28.10
C GLN D 231 -29.30 -30.77 27.60
N ILE D 232 -30.54 -30.31 27.71
CA ILE D 232 -30.91 -29.00 27.20
C ILE D 232 -31.65 -28.21 28.28
N GLY D 233 -31.62 -26.88 28.15
CA GLY D 233 -32.35 -26.06 29.08
C GLY D 233 -32.18 -24.59 28.78
N TYR D 234 -32.60 -23.76 29.73
CA TYR D 234 -32.44 -22.32 29.65
C TYR D 234 -31.65 -21.83 30.86
N VAL D 235 -31.01 -20.67 30.73
CA VAL D 235 -30.31 -20.09 31.86
C VAL D 235 -31.33 -19.59 32.87
N CYS D 236 -31.12 -19.96 34.14
CA CYS D 236 -32.21 -19.94 35.12
C CYS D 236 -32.26 -18.64 35.91
N SER D 237 -31.43 -17.67 35.57
CA SER D 237 -31.37 -16.42 36.30
C SER D 237 -32.43 -15.44 35.79
N GLY D 238 -32.73 -14.45 36.61
CA GLY D 238 -33.65 -13.39 36.26
C GLY D 238 -33.00 -12.17 35.66
N ILE D 239 -31.67 -12.19 35.49
CA ILE D 239 -30.96 -11.10 34.84
C ILE D 239 -30.79 -11.48 33.37
N PHE D 240 -31.69 -10.97 32.53
CA PHE D 240 -31.80 -11.44 31.16
C PHE D 240 -30.57 -11.03 30.35
N GLY D 241 -30.28 -11.82 29.32
CA GLY D 241 -29.05 -11.63 28.56
C GLY D 241 -29.22 -11.24 27.11
N ASP D 242 -30.38 -11.55 26.53
CA ASP D 242 -30.59 -11.30 25.11
C ASP D 242 -30.78 -9.79 24.86
N ASN D 243 -31.01 -9.44 23.61
CA ASN D 243 -31.17 -8.06 23.19
C ASN D 243 -32.01 -7.99 21.92
N PRO D 244 -33.22 -7.42 21.95
CA PRO D 244 -33.86 -6.69 23.04
C PRO D 244 -34.39 -7.58 24.16
N ARG D 245 -34.60 -6.98 25.33
CA ARG D 245 -35.04 -7.70 26.51
C ARG D 245 -35.90 -6.78 27.35
N PRO D 246 -36.77 -7.33 28.18
CA PRO D 246 -37.51 -6.50 29.14
C PRO D 246 -36.67 -6.18 30.38
N VAL D 247 -37.25 -5.42 31.30
CA VAL D 247 -36.55 -5.11 32.54
C VAL D 247 -36.37 -6.39 33.35
N ASP D 248 -35.36 -6.39 34.21
CA ASP D 248 -35.03 -7.59 34.98
C ASP D 248 -36.20 -7.97 35.89
N GLY D 249 -36.42 -9.27 36.01
CA GLY D 249 -37.55 -9.79 36.75
C GLY D 249 -37.39 -11.24 37.12
N THR D 250 -38.46 -12.02 36.97
CA THR D 250 -38.46 -13.44 37.29
C THR D 250 -38.04 -14.25 36.07
N GLY D 251 -37.03 -15.10 36.24
CA GLY D 251 -36.53 -15.93 35.17
C GLY D 251 -37.14 -17.33 35.20
N SER D 252 -36.69 -18.16 34.28
CA SER D 252 -37.15 -19.54 34.22
C SER D 252 -36.16 -20.37 33.41
N CYS D 253 -35.89 -21.57 33.90
CA CYS D 253 -34.97 -22.49 33.25
C CYS D 253 -35.62 -23.80 32.83
N ASN D 254 -36.90 -23.78 32.50
CA ASN D 254 -37.54 -24.86 31.79
C ASN D 254 -38.14 -24.39 30.47
N GLY D 255 -38.18 -23.09 30.22
CA GLY D 255 -38.78 -22.56 29.02
C GLY D 255 -38.52 -21.08 28.83
N PRO D 256 -38.84 -20.57 27.65
CA PRO D 256 -38.52 -19.16 27.34
C PRO D 256 -39.41 -18.18 28.08
N VAL D 257 -38.83 -17.03 28.41
CA VAL D 257 -39.55 -15.92 29.03
C VAL D 257 -39.64 -14.81 27.99
N ASN D 258 -40.85 -14.52 27.53
CA ASN D 258 -41.03 -13.57 26.43
C ASN D 258 -41.22 -12.14 26.93
N ASN D 259 -42.28 -11.89 27.68
CA ASN D 259 -42.59 -10.56 28.21
C ASN D 259 -42.61 -9.50 27.12
N GLY D 260 -43.00 -9.88 25.91
CA GLY D 260 -43.24 -8.95 24.84
C GLY D 260 -42.03 -8.54 24.02
N LYS D 261 -40.83 -8.95 24.44
CA LYS D 261 -39.60 -8.54 23.71
C LYS D 261 -38.72 -9.73 23.33
N GLY D 262 -39.29 -10.91 23.14
CA GLY D 262 -38.53 -12.10 22.72
C GLY D 262 -37.99 -12.06 21.31
N ARG D 263 -38.78 -11.62 20.33
CA ARG D 263 -38.36 -11.74 18.92
C ARG D 263 -37.04 -11.05 18.64
N TYR D 264 -36.16 -11.68 17.87
CA TYR D 264 -34.82 -11.15 17.48
C TYR D 264 -33.80 -11.41 18.58
N GLY D 265 -32.54 -11.06 18.33
CA GLY D 265 -31.50 -11.33 19.33
C GLY D 265 -30.12 -10.98 18.84
N VAL D 266 -29.09 -11.25 19.64
CA VAL D 266 -27.67 -11.05 19.23
C VAL D 266 -26.90 -12.26 19.71
N LYS D 267 -25.76 -12.58 19.12
CA LYS D 267 -24.86 -13.63 19.60
C LYS D 267 -24.22 -13.22 20.92
N GLY D 268 -24.24 -14.13 21.89
CA GLY D 268 -23.75 -13.81 23.22
C GLY D 268 -23.09 -14.99 23.90
N PHE D 269 -22.81 -14.85 25.20
CA PHE D 269 -22.11 -15.92 25.92
C PHE D 269 -22.30 -15.79 27.42
N SER D 270 -22.11 -16.92 28.08
CA SER D 270 -22.12 -17.06 29.53
C SER D 270 -21.18 -18.20 29.90
N PHE D 271 -20.48 -18.03 31.03
CA PHE D 271 -19.55 -19.03 31.55
C PHE D 271 -20.10 -19.54 32.87
N ARG D 272 -20.15 -20.87 33.02
CA ARG D 272 -20.75 -21.48 34.21
C ARG D 272 -19.66 -21.92 35.18
N TYR D 273 -19.81 -21.55 36.45
CA TYR D 273 -18.89 -21.92 37.51
C TYR D 273 -19.71 -22.55 38.63
N GLY D 274 -19.91 -23.86 38.57
CA GLY D 274 -20.66 -24.53 39.60
C GLY D 274 -22.11 -24.08 39.62
N ASP D 275 -22.47 -23.28 40.62
CA ASP D 275 -23.80 -22.71 40.72
C ASP D 275 -23.89 -21.30 40.16
N GLY D 276 -22.77 -20.61 39.97
CA GLY D 276 -22.76 -19.25 39.50
C GLY D 276 -22.51 -19.14 38.01
N VAL D 277 -22.63 -17.91 37.50
CA VAL D 277 -22.53 -17.67 36.07
C VAL D 277 -21.98 -16.27 35.81
N TRP D 278 -21.16 -16.17 34.78
CA TRP D 278 -20.71 -14.90 34.23
C TRP D 278 -21.48 -14.65 32.94
N ILE D 279 -22.21 -13.55 32.89
CA ILE D 279 -23.11 -13.21 31.79
C ILE D 279 -22.53 -12.01 31.06
N GLY D 280 -22.38 -12.11 29.74
CA GLY D 280 -21.94 -10.97 28.95
C GLY D 280 -23.12 -10.33 28.26
N ARG D 281 -23.35 -9.04 28.55
CA ARG D 281 -24.55 -8.41 27.99
C ARG D 281 -24.35 -6.93 27.73
N THR D 282 -25.14 -6.41 26.79
CA THR D 282 -25.11 -5.00 26.43
C THR D 282 -25.88 -4.15 27.43
N LYS D 283 -25.60 -2.86 27.42
CA LYS D 283 -26.13 -1.97 28.45
C LYS D 283 -27.49 -1.38 28.08
N SER D 284 -27.81 -1.31 26.80
CA SER D 284 -29.08 -0.73 26.37
C SER D 284 -30.09 -1.83 26.08
N LEU D 285 -31.35 -1.56 26.42
CA LEU D 285 -32.41 -2.54 26.28
C LEU D 285 -33.03 -2.59 24.89
N GLU D 286 -32.75 -1.61 24.04
CA GLU D 286 -33.35 -1.57 22.71
C GLU D 286 -32.32 -1.66 21.59
N SER D 287 -31.16 -1.06 21.78
CA SER D 287 -30.12 -1.02 20.76
C SER D 287 -28.93 -1.87 21.18
N ARG D 288 -27.94 -1.95 20.30
CA ARG D 288 -26.68 -2.64 20.56
C ARG D 288 -25.62 -1.60 20.92
N SER D 289 -25.69 -1.09 22.14
CA SER D 289 -24.75 -0.07 22.60
C SER D 289 -24.29 -0.40 24.01
N GLY D 290 -22.99 -0.36 24.24
CA GLY D 290 -22.41 -0.68 25.53
C GLY D 290 -22.16 -2.17 25.69
N PHE D 291 -21.43 -2.50 26.73
CA PHE D 291 -21.14 -3.90 27.05
C PHE D 291 -20.57 -4.01 28.45
N GLU D 292 -21.05 -5.01 29.20
CA GLU D 292 -20.64 -5.24 30.57
C GLU D 292 -20.65 -6.74 30.86
N MET D 293 -19.93 -7.12 31.91
CA MET D 293 -19.79 -8.51 32.35
C MET D 293 -20.31 -8.61 33.78
N VAL D 294 -21.34 -9.43 33.98
CA VAL D 294 -22.05 -9.52 35.26
C VAL D 294 -21.77 -10.87 35.89
N TRP D 295 -21.52 -10.86 37.21
CA TRP D 295 -21.25 -12.08 37.96
C TRP D 295 -22.43 -12.36 38.88
N ASP D 296 -23.09 -13.51 38.71
CA ASP D 296 -24.26 -13.87 39.50
C ASP D 296 -23.98 -15.19 40.19
N ALA D 297 -23.92 -15.16 41.52
CA ALA D 297 -23.51 -16.32 42.30
C ALA D 297 -24.56 -17.41 42.43
N ASN D 298 -25.80 -17.14 42.02
CA ASN D 298 -26.86 -18.15 41.98
C ASN D 298 -27.46 -18.25 40.60
N GLY D 299 -26.74 -17.79 39.58
CA GLY D 299 -27.34 -17.58 38.28
C GLY D 299 -27.75 -18.83 37.54
N TRP D 300 -27.38 -20.00 38.05
CA TRP D 300 -27.67 -21.23 37.35
C TRP D 300 -28.71 -22.09 38.06
N VAL D 301 -29.11 -21.73 39.28
CA VAL D 301 -30.07 -22.54 40.02
C VAL D 301 -31.20 -21.70 40.58
N SER D 302 -31.07 -20.36 40.52
CA SER D 302 -32.06 -19.43 41.14
C SER D 302 -32.58 -18.40 40.16
N THR D 303 -33.82 -17.93 40.33
CA THR D 303 -34.48 -17.00 39.37
C THR D 303 -34.56 -15.55 39.87
N ASP D 304 -33.78 -15.15 40.87
CA ASP D 304 -33.81 -13.79 41.45
C ASP D 304 -33.05 -12.80 40.56
N LYS D 305 -33.21 -11.49 40.78
CA LYS D 305 -32.49 -10.47 39.96
C LYS D 305 -31.23 -9.91 40.64
N ASP D 306 -30.92 -10.30 41.87
CA ASP D 306 -29.75 -9.76 42.60
C ASP D 306 -28.44 -10.34 42.06
N SER D 307 -27.34 -9.59 42.09
CA SER D 307 -26.03 -10.02 41.55
C SER D 307 -24.91 -9.70 42.54
N ASN D 308 -23.66 -10.03 42.23
CA ASN D 308 -22.55 -9.84 43.20
C ASN D 308 -21.32 -9.10 42.62
N GLY D 309 -21.44 -8.28 41.57
CA GLY D 309 -20.36 -7.48 41.02
C GLY D 309 -20.48 -7.30 39.53
N VAL D 310 -20.19 -6.09 39.06
CA VAL D 310 -20.28 -5.73 37.66
C VAL D 310 -18.99 -5.05 37.23
N GLN D 311 -18.45 -5.47 36.09
CA GLN D 311 -17.31 -4.81 35.47
C GLN D 311 -17.70 -4.45 34.04
N ASP D 312 -17.35 -3.24 33.62
CA ASP D 312 -17.81 -2.70 32.35
C ASP D 312 -16.71 -2.64 31.30
N ILE D 313 -17.09 -2.94 30.06
CA ILE D 313 -16.16 -3.03 28.94
C ILE D 313 -16.32 -1.86 27.98
N ILE D 314 -17.56 -1.55 27.60
CA ILE D 314 -17.85 -0.39 26.76
C ILE D 314 -19.00 0.39 27.40
N ASP D 315 -18.88 1.71 27.42
CA ASP D 315 -19.90 2.56 28.02
C ASP D 315 -21.11 2.68 27.10
N ASN D 316 -22.14 3.34 27.60
CA ASN D 316 -23.47 3.32 27.00
C ASN D 316 -23.59 4.19 25.76
N ASP D 317 -22.52 4.90 25.39
CA ASP D 317 -22.58 5.85 24.29
C ASP D 317 -21.90 5.34 23.03
N ASN D 318 -21.51 4.07 23.01
CA ASN D 318 -20.72 3.54 21.91
C ASN D 318 -21.31 2.22 21.44
N TRP D 319 -21.08 1.89 20.18
CA TRP D 319 -21.71 0.74 19.54
C TRP D 319 -20.95 -0.53 19.85
N SER D 320 -21.71 -1.60 20.06
CA SER D 320 -21.20 -2.97 20.20
C SER D 320 -21.95 -3.86 19.22
N GLY D 321 -21.80 -5.16 19.38
CA GLY D 321 -22.42 -6.12 18.49
C GLY D 321 -22.30 -7.54 19.00
N TYR D 322 -21.91 -8.45 18.11
CA TYR D 322 -21.72 -9.84 18.49
C TYR D 322 -20.68 -9.96 19.60
N SER D 323 -20.72 -11.08 20.32
CA SER D 323 -19.70 -11.42 21.28
C SER D 323 -19.57 -12.94 21.34
N GLY D 324 -18.39 -13.41 21.73
CA GLY D 324 -18.15 -14.83 21.69
C GLY D 324 -17.08 -15.24 22.68
N SER D 325 -16.94 -16.55 22.83
CA SER D 325 -16.08 -17.14 23.85
C SER D 325 -15.08 -18.10 23.22
N PHE D 326 -13.85 -18.07 23.72
CA PHE D 326 -12.83 -19.05 23.34
C PHE D 326 -12.02 -19.42 24.58
N SER D 327 -11.09 -20.35 24.40
CA SER D 327 -10.35 -20.92 25.51
C SER D 327 -8.88 -21.06 25.16
N ILE D 328 -8.03 -20.93 26.18
CA ILE D 328 -6.60 -21.18 26.04
C ILE D 328 -6.24 -22.31 27.01
N ARG D 329 -5.61 -23.36 26.49
CA ARG D 329 -5.56 -24.64 27.16
C ARG D 329 -4.21 -24.91 27.79
N GLY D 330 -4.19 -25.89 28.70
CA GLY D 330 -3.02 -26.21 29.50
C GLY D 330 -1.85 -26.74 28.72
N GLU D 331 -2.04 -27.16 27.47
CA GLU D 331 -0.89 -27.52 26.65
C GLU D 331 -0.12 -26.29 26.21
N THR D 332 -0.76 -25.12 26.20
CA THR D 332 -0.06 -23.89 25.85
C THR D 332 0.49 -23.20 27.09
N THR D 333 -0.37 -22.86 28.05
CA THR D 333 0.06 -22.18 29.26
C THR D 333 0.93 -23.07 30.15
N GLY D 334 0.58 -24.33 30.31
CA GLY D 334 1.32 -25.22 31.18
C GLY D 334 0.66 -25.50 32.51
N LYS D 335 -0.57 -25.06 32.72
CA LYS D 335 -1.26 -25.28 33.97
C LYS D 335 -2.05 -26.57 33.92
N ASN D 336 -2.92 -26.78 34.92
CA ASN D 336 -3.92 -27.83 34.88
C ASN D 336 -5.34 -27.27 34.79
N CYS D 337 -5.47 -26.03 34.33
CA CYS D 337 -6.76 -25.38 34.20
C CYS D 337 -6.87 -24.79 32.80
N THR D 338 -8.10 -24.59 32.35
CA THR D 338 -8.36 -23.99 31.05
C THR D 338 -8.77 -22.53 31.25
N VAL D 339 -8.08 -21.63 30.57
CA VAL D 339 -8.30 -20.19 30.74
C VAL D 339 -9.42 -19.72 29.82
N PRO D 340 -10.50 -19.16 30.37
CA PRO D 340 -11.59 -18.66 29.52
C PRO D 340 -11.35 -17.24 29.04
N CYS D 341 -11.72 -16.94 27.80
CA CYS D 341 -11.54 -15.63 27.22
C CYS D 341 -12.74 -15.32 26.35
N PHE D 342 -12.95 -14.03 26.07
CA PHE D 342 -14.05 -13.62 25.20
C PHE D 342 -13.61 -12.49 24.29
N TRP D 343 -14.41 -12.27 23.24
CA TRP D 343 -14.18 -11.20 22.28
C TRP D 343 -15.49 -10.50 21.98
N VAL D 344 -15.39 -9.22 21.62
CA VAL D 344 -16.53 -8.38 21.31
C VAL D 344 -16.32 -7.71 19.97
N GLU D 345 -17.39 -7.65 19.17
CA GLU D 345 -17.43 -6.98 17.88
C GLU D 345 -18.04 -5.60 18.05
N MET D 346 -17.62 -4.66 17.22
CA MET D 346 -18.05 -3.27 17.29
C MET D 346 -18.42 -2.82 15.88
N ILE D 347 -19.69 -2.52 15.66
CA ILE D 347 -20.24 -2.34 14.32
C ILE D 347 -20.37 -0.85 14.02
N ARG D 348 -19.93 -0.45 12.84
CA ARG D 348 -20.07 0.92 12.36
C ARG D 348 -20.71 0.91 10.98
N GLY D 349 -21.56 1.90 10.73
CA GLY D 349 -22.25 2.04 9.46
C GLY D 349 -23.74 1.82 9.59
N GLN D 350 -24.36 1.44 8.48
CA GLN D 350 -25.79 1.17 8.47
C GLN D 350 -26.11 -0.10 9.26
N PRO D 351 -27.23 -0.14 9.99
CA PRO D 351 -28.42 0.66 9.69
C PRO D 351 -28.58 1.92 10.54
N LYS D 352 -27.63 2.21 11.43
CA LYS D 352 -27.83 3.24 12.43
C LYS D 352 -27.16 4.58 12.08
N GLU D 353 -26.17 4.58 11.21
CA GLU D 353 -25.48 5.82 10.84
C GLU D 353 -25.56 6.04 9.34
N LYS D 354 -25.11 7.21 8.91
CA LYS D 354 -25.36 7.72 7.57
C LYS D 354 -24.17 7.43 6.67
N THR D 355 -24.08 6.19 6.21
CA THR D 355 -23.03 5.78 5.27
C THR D 355 -23.63 4.89 4.19
N ILE D 356 -22.76 4.28 3.38
CA ILE D 356 -23.18 3.33 2.36
C ILE D 356 -22.70 1.92 2.66
N TRP D 357 -22.01 1.71 3.78
CA TRP D 357 -21.37 0.43 4.08
C TRP D 357 -21.63 0.06 5.53
N THR D 358 -21.16 -1.12 5.90
CA THR D 358 -21.23 -1.63 7.26
C THR D 358 -19.99 -2.48 7.52
N SER D 359 -19.32 -2.24 8.65
CA SER D 359 -18.12 -2.99 8.98
C SER D 359 -18.04 -3.14 10.49
N GLY D 360 -17.02 -3.85 10.95
CA GLY D 360 -16.84 -4.09 12.37
C GLY D 360 -15.39 -4.34 12.72
N SER D 361 -15.05 -3.95 13.96
CA SER D 361 -13.74 -4.26 14.54
C SER D 361 -13.95 -5.10 15.79
N SER D 362 -12.86 -5.44 16.48
CA SER D 362 -12.95 -6.37 17.60
C SER D 362 -12.02 -5.98 18.73
N ILE D 363 -12.38 -6.43 19.94
CA ILE D 363 -11.49 -6.41 21.10
C ILE D 363 -11.58 -7.77 21.78
N ALA D 364 -10.53 -8.12 22.52
CA ALA D 364 -10.48 -9.43 23.14
C ALA D 364 -9.87 -9.35 24.53
N PHE D 365 -10.49 -10.09 25.47
CA PHE D 365 -10.12 -10.12 26.87
C PHE D 365 -9.96 -11.57 27.32
N CYS D 366 -9.17 -11.78 28.38
CA CYS D 366 -8.97 -13.09 28.98
C CYS D 366 -9.12 -12.99 30.50
N GLY D 367 -9.55 -14.08 31.12
CA GLY D 367 -9.80 -14.08 32.55
C GLY D 367 -8.55 -14.38 33.37
N VAL D 368 -8.41 -13.67 34.49
CA VAL D 368 -7.27 -13.82 35.38
C VAL D 368 -7.75 -13.80 36.83
N ASN D 369 -7.01 -14.46 37.70
CA ASN D 369 -7.30 -14.49 39.14
C ASN D 369 -6.46 -13.47 39.91
N SER D 370 -6.59 -12.20 39.57
CA SER D 370 -5.81 -11.16 40.23
C SER D 370 -6.48 -9.81 40.01
N ASP D 371 -5.76 -8.74 40.35
CA ASP D 371 -6.32 -7.39 40.34
C ASP D 371 -6.55 -6.89 38.92
N THR D 372 -7.74 -6.35 38.67
CA THR D 372 -8.09 -5.81 37.36
C THR D 372 -8.85 -4.51 37.55
N THR D 373 -9.23 -3.90 36.42
CA THR D 373 -9.91 -2.61 36.42
C THR D 373 -10.96 -2.59 35.33
N GLY D 374 -11.85 -1.61 35.41
CA GLY D 374 -12.90 -1.40 34.43
C GLY D 374 -12.78 -0.04 33.78
N TRP D 375 -12.83 -0.03 32.45
CA TRP D 375 -12.68 1.20 31.69
C TRP D 375 -13.51 1.07 30.41
N SER D 376 -13.24 1.91 29.42
CA SER D 376 -13.96 1.84 28.16
C SER D 376 -12.95 1.78 27.02
N TRP D 377 -13.14 0.82 26.11
CA TRP D 377 -12.27 0.63 24.96
C TRP D 377 -13.12 0.67 23.71
N PRO D 378 -13.58 1.86 23.29
CA PRO D 378 -14.49 1.95 22.16
C PRO D 378 -13.77 1.82 20.82
N ASP D 379 -14.53 2.04 19.74
CA ASP D 379 -13.96 1.93 18.40
C ASP D 379 -13.15 3.17 18.03
N GLY D 380 -13.80 4.34 18.02
CA GLY D 380 -13.08 5.58 17.89
C GLY D 380 -12.96 6.15 16.49
N ALA D 381 -13.64 5.57 15.50
CA ALA D 381 -13.60 6.12 14.16
C ALA D 381 -14.47 7.37 14.07
N LEU D 382 -14.11 8.26 13.14
CA LEU D 382 -14.85 9.50 12.91
C LEU D 382 -15.54 9.42 11.56
N LEU D 383 -16.78 8.95 11.56
CA LEU D 383 -17.60 8.80 10.37
C LEU D 383 -18.34 10.09 10.06
N PRO D 384 -18.77 10.29 8.80
CA PRO D 384 -18.60 9.50 7.60
C PRO D 384 -17.27 9.71 6.87
N PHE D 385 -16.90 8.76 6.01
CA PHE D 385 -15.65 8.80 5.28
C PHE D 385 -15.79 9.65 4.01
N ASP D 386 -14.80 9.58 3.12
CA ASP D 386 -14.83 10.38 1.90
C ASP D 386 -15.83 9.86 0.89
N ILE D 387 -15.98 8.54 0.77
CA ILE D 387 -16.84 7.96 -0.25
C ILE D 387 -18.32 8.24 0.02
N ASP D 388 -18.67 8.57 1.25
CA ASP D 388 -20.06 8.76 1.64
C ASP D 388 -20.63 10.09 1.23
N LYS D 389 -19.82 10.99 0.69
CA LYS D 389 -20.26 12.34 0.35
C LYS D 389 -20.41 12.51 -1.15
N GLU E 1 6.51 7.86 -27.67
CA GLU E 1 6.42 8.65 -28.89
C GLU E 1 6.62 7.76 -30.11
N VAL E 2 5.60 6.97 -30.42
CA VAL E 2 5.65 6.06 -31.56
C VAL E 2 5.36 6.84 -32.83
N GLN E 3 6.24 6.70 -33.82
CA GLN E 3 6.03 7.45 -35.06
C GLN E 3 6.77 6.81 -36.21
N LEU E 4 6.33 7.17 -37.41
CA LEU E 4 6.92 6.73 -38.67
C LEU E 4 7.17 7.94 -39.55
N VAL E 5 8.26 7.89 -40.33
CA VAL E 5 8.61 9.00 -41.22
C VAL E 5 9.02 8.43 -42.57
N GLU E 6 8.39 8.92 -43.63
CA GLU E 6 8.72 8.49 -44.99
C GLU E 6 9.79 9.37 -45.61
N SER E 7 10.43 8.85 -46.65
CA SER E 7 11.43 9.61 -47.40
C SER E 7 11.67 8.93 -48.74
N GLY E 8 11.99 9.76 -49.74
CA GLY E 8 12.39 9.27 -51.04
C GLY E 8 11.51 9.67 -52.20
N GLY E 9 10.49 10.51 -52.00
CA GLY E 9 9.61 10.91 -53.08
C GLY E 9 10.26 11.87 -54.04
N GLY E 10 9.61 12.08 -55.18
CA GLY E 10 10.15 12.97 -56.18
C GLY E 10 9.61 12.66 -57.56
N LEU E 11 10.26 13.26 -58.56
CA LEU E 11 9.82 13.21 -59.95
C LEU E 11 10.76 12.31 -60.75
N VAL E 12 10.18 11.39 -61.52
CA VAL E 12 10.95 10.40 -62.28
C VAL E 12 10.39 10.30 -63.69
N GLN E 13 11.27 10.33 -64.68
CA GLN E 13 10.87 10.10 -66.05
C GLN E 13 10.46 8.64 -66.23
N PRO E 14 9.48 8.36 -67.10
CA PRO E 14 8.98 6.99 -67.22
C PRO E 14 10.08 6.01 -67.60
N GLY E 15 9.99 4.80 -67.03
CA GLY E 15 10.99 3.78 -67.20
C GLY E 15 12.07 3.77 -66.13
N GLY E 16 12.09 4.78 -65.27
CA GLY E 16 13.13 4.91 -64.26
C GLY E 16 12.92 3.99 -63.08
N SER E 17 13.40 4.43 -61.92
CA SER E 17 13.32 3.64 -60.70
C SER E 17 13.46 4.55 -59.48
N LEU E 18 12.96 4.05 -58.34
CA LEU E 18 13.14 4.74 -57.07
C LEU E 18 13.21 3.74 -55.92
N ARG E 19 13.51 4.30 -54.75
CA ARG E 19 13.79 3.55 -53.53
C ARG E 19 13.25 4.36 -52.36
N LEU E 20 12.09 3.98 -51.85
CA LEU E 20 11.47 4.70 -50.74
C LEU E 20 11.79 4.04 -49.42
N SER E 21 11.92 4.85 -48.38
CA SER E 21 12.26 4.35 -47.06
C SER E 21 11.29 4.90 -46.01
N CYS E 22 11.02 4.07 -45.01
CA CYS E 22 10.18 4.42 -43.88
C CYS E 22 10.95 4.10 -42.61
N ALA E 23 11.18 5.11 -41.79
CA ALA E 23 11.96 4.99 -40.55
C ALA E 23 11.03 5.09 -39.36
N ALA E 24 11.17 4.15 -38.43
CA ALA E 24 10.25 4.03 -37.30
C ALA E 24 10.97 4.37 -36.01
N SER E 25 10.21 4.85 -35.03
CA SER E 25 10.78 5.11 -33.71
C SER E 25 9.72 4.84 -32.65
N GLY E 26 10.18 4.30 -31.52
CA GLY E 26 9.33 3.96 -30.41
C GLY E 26 9.02 2.49 -30.25
N PHE E 27 9.29 1.67 -31.26
CA PHE E 27 8.95 0.26 -31.21
C PHE E 27 9.94 -0.51 -32.10
N SER E 28 9.67 -1.81 -32.24
CA SER E 28 10.57 -2.72 -32.94
C SER E 28 9.83 -3.43 -34.07
N PHE E 29 10.58 -3.78 -35.12
CA PHE E 29 10.00 -4.53 -36.22
C PHE E 29 9.94 -6.02 -35.96
N THR E 30 10.46 -6.48 -34.82
CA THR E 30 10.52 -7.90 -34.50
C THR E 30 9.23 -8.43 -33.91
N THR E 31 8.21 -7.58 -33.77
CA THR E 31 6.94 -7.98 -33.18
C THR E 31 5.73 -7.51 -33.98
N TYR E 32 5.91 -6.54 -34.89
CA TYR E 32 4.80 -5.92 -35.59
C TYR E 32 4.88 -6.17 -37.09
N GLU E 33 3.73 -6.06 -37.76
CA GLU E 33 3.61 -6.29 -39.19
C GLU E 33 3.42 -4.97 -39.92
N MET E 34 4.04 -4.85 -41.10
CA MET E 34 4.15 -3.57 -41.78
C MET E 34 3.51 -3.62 -43.16
N ASN E 35 3.10 -2.44 -43.64
CA ASN E 35 2.34 -2.36 -44.88
C ASN E 35 2.72 -1.10 -45.64
N TRP E 36 2.76 -1.22 -46.96
CA TRP E 36 2.82 -0.09 -47.87
C TRP E 36 1.46 0.11 -48.52
N VAL E 37 0.89 1.30 -48.35
CA VAL E 37 -0.41 1.66 -48.91
C VAL E 37 -0.22 2.94 -49.72
N ARG E 38 -1.10 3.17 -50.70
CA ARG E 38 -0.97 4.35 -51.54
C ARG E 38 -2.33 4.93 -51.88
N GLN E 39 -2.32 6.23 -52.18
CA GLN E 39 -3.49 6.95 -52.67
C GLN E 39 -3.14 7.60 -54.00
N ALA E 40 -3.91 7.33 -55.04
CA ALA E 40 -3.60 7.85 -56.40
C ALA E 40 -4.09 9.30 -56.53
N PRO E 41 -3.98 9.99 -57.68
CA PRO E 41 -4.58 11.33 -57.81
C PRO E 41 -6.10 11.25 -58.02
N GLY E 42 -6.87 11.92 -57.16
CA GLY E 42 -8.34 11.89 -57.25
C GLY E 42 -8.92 10.49 -57.18
N LYS E 43 -8.39 9.61 -56.32
CA LYS E 43 -8.85 8.20 -56.23
C LYS E 43 -8.74 7.70 -54.78
N GLY E 44 -9.40 6.59 -54.45
CA GLY E 44 -9.39 6.02 -53.09
C GLY E 44 -8.14 5.22 -52.81
N LEU E 45 -8.03 4.66 -51.59
CA LEU E 45 -6.81 3.99 -51.19
C LEU E 45 -6.67 2.64 -51.88
N GLU E 46 -5.41 2.21 -52.02
CA GLU E 46 -5.09 0.92 -52.61
C GLU E 46 -4.00 0.25 -51.78
N TRP E 47 -4.23 -1.01 -51.42
CA TRP E 47 -3.25 -1.77 -50.65
C TRP E 47 -2.17 -2.29 -51.59
N VAL E 48 -0.92 -1.96 -51.29
CA VAL E 48 0.20 -2.28 -52.16
C VAL E 48 0.96 -3.51 -51.67
N SER E 49 1.42 -3.51 -50.42
CA SER E 49 2.23 -4.64 -50.00
C SER E 49 2.13 -4.85 -48.50
N HIS E 50 2.46 -6.07 -48.04
CA HIS E 50 2.41 -6.48 -46.60
C HIS E 50 3.54 -7.44 -46.24
N ILE E 51 4.32 -7.16 -45.18
CA ILE E 51 5.42 -8.04 -44.71
C ILE E 51 5.08 -8.47 -43.30
N SER E 52 5.60 -9.59 -42.82
CA SER E 52 5.21 -10.16 -41.52
C SER E 52 6.34 -9.99 -40.53
N SER E 53 6.05 -10.14 -39.24
CA SER E 53 7.05 -9.95 -38.16
C SER E 53 8.16 -10.97 -38.30
N ARG E 54 7.87 -12.11 -38.92
CA ARG E 54 8.87 -13.19 -39.09
C ARG E 54 9.65 -12.93 -40.38
N GLY E 55 9.35 -11.84 -41.07
CA GLY E 55 10.13 -11.44 -42.26
C GLY E 55 9.64 -11.94 -43.59
N LEU E 56 8.51 -12.61 -43.66
CA LEU E 56 8.12 -13.19 -44.96
C LEU E 56 7.15 -12.27 -45.70
N VAL E 57 7.37 -12.00 -46.99
CA VAL E 57 6.50 -11.06 -47.74
C VAL E 57 5.20 -11.78 -48.11
N ILE E 58 4.18 -11.68 -47.27
CA ILE E 58 2.90 -12.42 -47.45
C ILE E 58 2.13 -12.03 -48.72
N TYR E 59 2.11 -10.76 -49.11
CA TYR E 59 1.23 -10.32 -50.22
C TYR E 59 1.80 -9.20 -51.11
N TYR E 60 1.50 -9.24 -52.42
CA TYR E 60 1.83 -8.13 -53.35
C TYR E 60 0.58 -7.89 -54.20
N ALA E 61 0.19 -6.64 -54.43
CA ALA E 61 -1.01 -6.32 -55.23
C ALA E 61 -0.75 -6.72 -56.67
N ASP E 62 -1.78 -7.12 -57.41
CA ASP E 62 -1.54 -7.66 -58.77
C ASP E 62 -0.98 -6.58 -59.68
N SER E 63 -1.45 -5.34 -59.54
CA SER E 63 -1.00 -4.33 -60.49
C SER E 63 0.49 -4.04 -60.40
N VAL E 64 1.12 -4.40 -59.28
CA VAL E 64 2.54 -4.02 -59.05
C VAL E 64 3.39 -5.24 -58.72
N LYS E 65 3.33 -6.28 -59.55
CA LYS E 65 4.07 -7.53 -59.22
C LYS E 65 5.17 -7.75 -60.25
N GLY E 66 6.35 -8.13 -59.79
CA GLY E 66 7.50 -8.35 -60.68
C GLY E 66 8.29 -7.07 -60.85
N ARG E 67 7.76 -5.97 -60.34
CA ARG E 67 8.43 -4.67 -60.51
C ARG E 67 8.71 -4.06 -59.15
N PHE E 68 8.11 -4.60 -58.08
CA PHE E 68 8.27 -3.99 -56.74
C PHE E 68 8.90 -5.02 -55.80
N THR E 69 9.87 -4.61 -54.97
CA THR E 69 10.47 -5.54 -53.98
C THR E 69 10.48 -4.92 -52.58
N MET E 70 9.60 -5.37 -51.70
CA MET E 70 9.51 -4.93 -50.32
C MET E 70 10.59 -5.62 -49.49
N SER E 71 11.24 -4.85 -48.62
CA SER E 71 12.26 -5.41 -47.75
C SER E 71 12.34 -4.57 -46.49
N ARG E 72 13.07 -5.09 -45.51
CA ARG E 72 13.20 -4.40 -44.23
C ARG E 72 14.60 -4.59 -43.67
N ASP E 73 14.84 -3.91 -42.56
CA ASP E 73 16.11 -4.03 -41.83
C ASP E 73 15.81 -3.70 -40.38
N THR E 74 15.98 -4.68 -39.50
CA THR E 74 15.65 -4.52 -38.09
C THR E 74 16.77 -3.89 -37.27
N ALA E 75 18.02 -3.99 -37.72
CA ALA E 75 19.11 -3.36 -36.98
C ALA E 75 19.02 -1.84 -37.01
N LYS E 76 18.38 -1.27 -38.03
CA LYS E 76 18.18 0.16 -38.14
C LYS E 76 16.72 0.57 -38.06
N ASN E 77 15.80 -0.40 -37.93
CA ASN E 77 14.36 -0.15 -37.91
C ASN E 77 13.93 0.64 -39.14
N SER E 78 14.17 0.06 -40.31
CA SER E 78 13.85 0.72 -41.56
C SER E 78 13.13 -0.22 -42.49
N LEU E 79 12.27 0.34 -43.33
CA LEU E 79 11.50 -0.38 -44.33
C LEU E 79 11.79 0.22 -45.70
N TYR E 80 11.98 -0.62 -46.70
CA TYR E 80 12.31 -0.14 -48.03
C TYR E 80 11.38 -0.73 -49.07
N LEU E 81 11.08 0.04 -50.13
CA LEU E 81 10.29 -0.45 -51.28
C LEU E 81 10.95 0.00 -52.58
N GLN E 82 11.89 -0.77 -53.11
CA GLN E 82 12.47 -0.44 -54.42
C GLN E 82 11.39 -0.69 -55.46
N MET E 83 11.23 0.22 -56.41
CA MET E 83 10.25 0.00 -57.50
C MET E 83 10.97 0.18 -58.82
N ASP E 84 10.60 -0.59 -59.85
CA ASP E 84 11.33 -0.56 -61.13
C ASP E 84 10.33 -0.37 -62.27
N SER E 85 10.78 0.08 -63.45
CA SER E 85 9.90 0.26 -64.63
C SER E 85 8.67 1.08 -64.29
N LEU E 86 8.85 2.33 -63.86
CA LEU E 86 7.67 3.07 -63.45
C LEU E 86 6.81 3.46 -64.64
N THR E 87 5.51 3.54 -64.39
CA THR E 87 4.50 3.95 -65.36
C THR E 87 3.90 5.27 -64.89
N VAL E 88 3.27 5.99 -65.83
CA VAL E 88 2.54 7.19 -65.45
C VAL E 88 1.39 6.86 -64.50
N ALA E 89 0.99 5.60 -64.41
CA ALA E 89 -0.06 5.16 -63.50
C ALA E 89 0.44 4.88 -62.10
N ASP E 90 1.60 5.40 -61.72
CA ASP E 90 2.14 5.21 -60.38
C ASP E 90 2.33 6.52 -59.63
N THR E 91 1.88 7.64 -60.20
CA THR E 91 1.91 8.90 -59.48
C THR E 91 0.97 8.82 -58.28
N ALA E 92 1.50 9.07 -57.08
CA ALA E 92 0.66 8.83 -55.91
C ALA E 92 1.31 9.39 -54.66
N VAL E 93 0.64 9.15 -53.54
CA VAL E 93 1.16 9.40 -52.19
C VAL E 93 1.23 8.07 -51.47
N TYR E 94 2.35 7.80 -50.81
CA TYR E 94 2.61 6.52 -50.18
C TYR E 94 2.70 6.67 -48.66
N TYR E 95 2.11 5.71 -47.95
CA TYR E 95 2.14 5.63 -46.49
C TYR E 95 2.66 4.26 -46.07
N CYS E 96 3.40 4.24 -44.96
CA CYS E 96 3.72 3.01 -44.26
C CYS E 96 2.85 2.90 -43.02
N ALA E 97 2.19 1.74 -42.86
CA ALA E 97 1.20 1.53 -41.81
C ALA E 97 1.50 0.26 -41.04
N ARG E 98 1.08 0.22 -39.79
CA ARG E 98 1.46 -0.85 -38.87
C ARG E 98 0.23 -1.57 -38.32
N HIS E 99 0.32 -2.90 -38.19
CA HIS E 99 -0.71 -3.64 -37.46
C HIS E 99 -0.13 -4.94 -36.92
N TYR E 100 -0.96 -5.69 -36.20
CA TYR E 100 -0.52 -6.67 -35.23
C TYR E 100 -1.19 -8.02 -35.47
N PHE E 101 -0.56 -9.09 -35.00
CA PHE E 101 -1.12 -10.43 -35.02
C PHE E 101 -1.07 -11.03 -33.63
N ASP E 102 -2.24 -11.33 -33.08
CA ASP E 102 -2.36 -11.94 -31.77
C ASP E 102 -2.62 -13.44 -31.94
N ARG E 103 -2.10 -14.25 -31.02
CA ARG E 103 -2.20 -15.68 -31.17
C ARG E 103 -3.40 -16.23 -30.42
N ASP E 104 -4.27 -15.34 -29.93
CA ASP E 104 -5.49 -15.77 -29.29
C ASP E 104 -6.69 -15.21 -30.05
N TRP E 105 -6.61 -13.96 -30.51
CA TRP E 105 -7.69 -13.35 -31.27
C TRP E 105 -7.28 -13.13 -32.72
N GLY E 106 -6.19 -12.40 -32.98
CA GLY E 106 -5.62 -12.39 -34.31
C GLY E 106 -5.94 -11.17 -35.16
N TYR E 107 -4.89 -10.54 -35.68
CA TYR E 107 -4.99 -9.57 -36.77
C TYR E 107 -5.91 -8.40 -36.41
N SER E 108 -5.45 -7.55 -35.49
CA SER E 108 -6.23 -6.39 -35.07
C SER E 108 -6.57 -5.42 -36.20
N GLY E 109 -5.60 -4.72 -36.76
CA GLY E 109 -5.92 -3.73 -37.78
C GLY E 109 -5.01 -2.50 -37.71
N MET E 110 -4.87 -1.83 -38.86
CA MET E 110 -3.84 -0.81 -39.02
C MET E 110 -4.16 0.43 -38.19
N ASP E 111 -3.39 0.64 -37.12
CA ASP E 111 -3.66 1.72 -36.19
C ASP E 111 -2.59 2.80 -36.16
N LEU E 112 -1.51 2.68 -36.92
CA LEU E 112 -0.46 3.70 -36.96
C LEU E 112 -0.07 3.92 -38.42
N TRP E 113 -0.06 5.18 -38.84
CA TRP E 113 0.25 5.57 -40.21
C TRP E 113 1.34 6.62 -40.22
N GLY E 114 2.17 6.58 -41.26
CA GLY E 114 3.17 7.60 -41.49
C GLY E 114 2.56 8.79 -42.21
N GLN E 115 3.31 9.89 -42.24
CA GLN E 115 2.79 11.13 -42.83
C GLN E 115 2.74 11.09 -44.35
N GLY E 116 3.47 10.20 -45.01
CA GLY E 116 3.31 9.98 -46.43
C GLY E 116 4.25 10.79 -47.30
N THR E 117 4.61 10.25 -48.46
CA THR E 117 5.53 10.92 -49.38
C THR E 117 4.98 10.84 -50.79
N THR E 118 5.37 11.81 -51.63
CA THR E 118 4.76 12.01 -52.93
C THR E 118 5.70 11.63 -54.05
N VAL E 119 5.19 10.94 -55.06
CA VAL E 119 5.98 10.55 -56.22
C VAL E 119 5.19 10.86 -57.49
N THR E 120 5.88 11.40 -58.49
CA THR E 120 5.30 11.77 -59.77
C THR E 120 6.13 11.19 -60.91
N VAL E 121 5.46 10.84 -62.00
CA VAL E 121 6.09 10.26 -63.17
C VAL E 121 5.56 10.99 -64.39
N SER E 122 6.42 11.74 -65.07
CA SER E 122 6.01 12.51 -66.24
C SER E 122 7.26 13.00 -66.98
N SER E 123 7.03 13.76 -68.04
CA SER E 123 8.12 14.33 -68.82
C SER E 123 8.05 15.86 -68.81
N GLU F 1 -13.70 -12.72 -55.76
CA GLU F 1 -13.10 -11.95 -54.68
C GLU F 1 -14.12 -11.05 -54.00
N VAL F 2 -13.90 -10.72 -52.73
CA VAL F 2 -14.73 -9.73 -52.04
C VAL F 2 -14.54 -8.33 -52.61
N VAL F 3 -15.49 -7.89 -53.41
CA VAL F 3 -15.51 -6.52 -53.89
C VAL F 3 -16.47 -5.75 -53.00
N LEU F 4 -15.90 -4.98 -52.09
CA LEU F 4 -16.70 -4.23 -51.10
C LEU F 4 -17.18 -2.96 -51.79
N THR F 5 -18.51 -2.77 -51.87
CA THR F 5 -19.09 -1.55 -52.51
C THR F 5 -19.69 -0.68 -51.42
N GLN F 6 -19.25 0.58 -51.35
CA GLN F 6 -19.73 1.50 -50.29
C GLN F 6 -20.69 2.52 -50.92
N SER F 7 -21.91 2.61 -50.38
CA SER F 7 -22.92 3.59 -50.88
C SER F 7 -23.57 4.24 -49.66
N PRO F 8 -24.12 5.46 -49.69
CA PRO F 8 -24.15 6.32 -50.88
C PRO F 8 -22.85 7.07 -51.17
N GLY F 9 -22.53 7.30 -52.44
CA GLY F 9 -21.26 7.95 -52.81
C GLY F 9 -21.15 9.38 -52.28
N THR F 10 -22.24 10.16 -52.35
CA THR F 10 -22.21 11.53 -51.78
C THR F 10 -23.31 11.73 -50.74
N LEU F 11 -22.95 12.22 -49.56
CA LEU F 11 -23.88 12.47 -48.47
C LEU F 11 -23.85 13.93 -48.06
N SER F 12 -25.02 14.55 -47.97
CA SER F 12 -25.16 15.94 -47.54
C SER F 12 -26.04 15.98 -46.30
N LEU F 13 -25.54 16.58 -45.22
CA LEU F 13 -26.25 16.61 -43.96
C LEU F 13 -25.91 17.89 -43.21
N SER F 14 -26.77 18.24 -42.27
CA SER F 14 -26.57 19.40 -41.43
C SER F 14 -25.95 18.96 -40.11
N PRO F 15 -25.25 19.85 -39.40
CA PRO F 15 -24.64 19.46 -38.13
C PRO F 15 -25.68 19.31 -37.02
N GLY F 16 -25.97 18.08 -36.62
CA GLY F 16 -26.91 17.86 -35.54
C GLY F 16 -27.78 16.63 -35.64
N GLU F 17 -27.90 16.03 -36.82
CA GLU F 17 -28.66 14.80 -36.98
C GLU F 17 -27.74 13.61 -37.29
N ARG F 18 -28.37 12.47 -37.57
CA ARG F 18 -27.73 11.16 -37.54
C ARG F 18 -27.42 10.68 -38.95
N ALA F 19 -26.27 10.02 -39.11
CA ALA F 19 -25.77 9.59 -40.40
C ALA F 19 -25.47 8.09 -40.39
N THR F 20 -25.74 7.43 -41.52
CA THR F 20 -25.45 6.01 -41.69
C THR F 20 -24.76 5.80 -43.02
N LEU F 21 -23.66 5.04 -43.00
CA LEU F 21 -22.90 4.69 -44.19
C LEU F 21 -22.85 3.17 -44.29
N SER F 22 -23.18 2.63 -45.46
CA SER F 22 -23.31 1.19 -45.62
C SER F 22 -22.18 0.66 -46.50
N CYS F 23 -21.66 -0.52 -46.11
CA CYS F 23 -20.62 -1.20 -46.87
C CYS F 23 -21.06 -2.65 -47.03
N ARG F 24 -21.22 -3.09 -48.27
CA ARG F 24 -21.82 -4.38 -48.56
C ARG F 24 -20.92 -5.16 -49.52
N ALA F 25 -20.69 -6.43 -49.20
CA ALA F 25 -19.78 -7.25 -49.98
C ALA F 25 -20.53 -7.95 -51.12
N SER F 26 -19.78 -8.65 -51.96
CA SER F 26 -20.36 -9.45 -53.03
C SER F 26 -20.54 -10.91 -52.64
N GLN F 27 -19.58 -11.50 -51.94
CA GLN F 27 -19.77 -12.83 -51.39
C GLN F 27 -19.43 -12.79 -49.91
N SER F 28 -20.12 -13.62 -49.14
CA SER F 28 -20.13 -13.48 -47.69
C SER F 28 -18.73 -13.60 -47.11
N LEU F 29 -18.42 -12.72 -46.16
CA LEU F 29 -17.17 -12.78 -45.42
C LEU F 29 -17.22 -13.93 -44.42
N GLY F 30 -16.16 -14.72 -44.38
CA GLY F 30 -16.12 -15.83 -43.45
C GLY F 30 -15.70 -15.43 -42.05
N THR F 31 -15.47 -14.14 -41.84
CA THR F 31 -14.94 -13.67 -40.57
C THR F 31 -15.51 -12.30 -40.21
N ASN F 32 -14.94 -11.66 -39.20
CA ASN F 32 -15.32 -10.32 -38.79
C ASN F 32 -14.16 -9.35 -38.95
N TYR F 33 -13.37 -9.57 -39.99
CA TYR F 33 -12.20 -8.75 -40.29
C TYR F 33 -12.61 -7.58 -41.18
N LEU F 34 -13.36 -6.63 -40.63
CA LEU F 34 -13.77 -5.44 -41.36
C LEU F 34 -13.60 -4.23 -40.47
N ALA F 35 -12.91 -3.21 -40.99
CA ALA F 35 -12.54 -2.03 -40.22
C ALA F 35 -12.94 -0.77 -40.96
N TRP F 36 -13.18 0.30 -40.21
CA TRP F 36 -13.61 1.57 -40.75
C TRP F 36 -12.56 2.64 -40.45
N TYR F 37 -12.12 3.33 -41.51
CA TYR F 37 -11.11 4.38 -41.46
C TYR F 37 -11.71 5.71 -41.91
N GLN F 38 -11.14 6.79 -41.35
CA GLN F 38 -11.56 8.16 -41.63
C GLN F 38 -10.38 8.92 -42.20
N HIS F 39 -10.59 9.63 -43.31
CA HIS F 39 -9.53 10.35 -43.99
C HIS F 39 -9.97 11.79 -44.23
N LYS F 40 -9.16 12.74 -43.77
CA LYS F 40 -9.43 14.16 -43.96
C LYS F 40 -8.32 14.75 -44.82
N PRO F 41 -8.63 15.55 -45.84
CA PRO F 41 -7.58 16.04 -46.74
C PRO F 41 -6.49 16.78 -46.00
N GLY F 42 -5.24 16.47 -46.34
CA GLY F 42 -4.09 17.01 -45.65
C GLY F 42 -3.63 16.25 -44.44
N GLN F 43 -4.11 15.02 -44.24
CA GLN F 43 -3.71 14.22 -43.09
C GLN F 43 -3.65 12.75 -43.49
N SER F 44 -2.91 11.99 -42.70
CA SER F 44 -2.88 10.54 -42.84
C SER F 44 -4.17 9.93 -42.30
N PRO F 45 -4.61 8.80 -42.85
CA PRO F 45 -5.88 8.22 -42.40
C PRO F 45 -5.85 7.85 -40.93
N ARG F 46 -7.04 7.65 -40.37
CA ARG F 46 -7.21 7.38 -38.94
C ARG F 46 -8.12 6.19 -38.76
N LEU F 47 -7.72 5.26 -37.89
CA LEU F 47 -8.55 4.10 -37.60
C LEU F 47 -9.71 4.51 -36.69
N LEU F 48 -10.92 4.11 -37.08
CA LEU F 48 -12.11 4.39 -36.29
C LEU F 48 -12.69 3.14 -35.66
N ILE F 49 -13.02 2.12 -36.46
CA ILE F 49 -13.72 0.95 -35.98
C ILE F 49 -12.91 -0.29 -36.34
N ASP F 50 -12.72 -1.17 -35.38
CA ASP F 50 -11.92 -2.38 -35.56
C ASP F 50 -12.75 -3.62 -35.29
N GLY F 51 -12.56 -4.64 -36.11
CA GLY F 51 -13.27 -5.88 -35.94
C GLY F 51 -14.77 -5.80 -36.16
N ALA F 52 -15.24 -4.71 -36.75
CA ALA F 52 -16.67 -4.48 -37.05
C ALA F 52 -17.48 -4.04 -35.84
N SER F 53 -17.00 -4.30 -34.62
CA SER F 53 -17.72 -3.81 -33.42
C SER F 53 -16.80 -3.02 -32.48
N THR F 54 -15.62 -3.58 -32.16
CA THR F 54 -14.71 -2.95 -31.17
C THR F 54 -14.29 -1.57 -31.65
N ARG F 55 -14.12 -0.62 -30.74
CA ARG F 55 -13.75 0.76 -31.12
C ARG F 55 -12.30 1.02 -30.72
N ALA F 56 -11.58 1.81 -31.50
CA ALA F 56 -10.17 2.10 -31.21
C ALA F 56 -10.06 2.98 -29.98
N ILE F 57 -8.90 2.99 -29.32
CA ILE F 57 -8.76 3.75 -28.05
C ILE F 57 -8.57 5.23 -28.38
N GLY F 58 -9.33 6.10 -27.73
CA GLY F 58 -9.20 7.56 -27.94
C GLY F 58 -10.18 8.10 -28.96
N ILE F 59 -11.27 7.39 -29.23
CA ILE F 59 -12.15 7.85 -30.30
C ILE F 59 -13.49 8.24 -29.68
N PRO F 60 -14.11 9.34 -30.12
CA PRO F 60 -15.35 9.81 -29.49
C PRO F 60 -16.47 8.78 -29.56
N ASP F 61 -17.55 9.09 -28.84
CA ASP F 61 -18.64 8.15 -28.61
C ASP F 61 -19.78 8.27 -29.61
N ARG F 62 -19.76 9.27 -30.49
CA ARG F 62 -20.84 9.39 -31.46
C ARG F 62 -20.70 8.38 -32.60
N PHE F 63 -19.55 7.71 -32.70
CA PHE F 63 -19.31 6.71 -33.74
C PHE F 63 -19.63 5.32 -33.21
N SER F 64 -20.40 4.56 -33.98
CA SER F 64 -20.57 3.15 -33.63
C SER F 64 -20.88 2.37 -34.91
N ALA F 65 -20.30 1.18 -35.02
CA ALA F 65 -20.47 0.38 -36.22
C ALA F 65 -20.96 -1.01 -35.83
N SER F 66 -21.60 -1.68 -36.79
CA SER F 66 -22.09 -3.03 -36.59
C SER F 66 -22.34 -3.65 -37.95
N GLY F 67 -23.00 -4.81 -37.95
CA GLY F 67 -23.29 -5.52 -39.17
C GLY F 67 -22.86 -6.96 -39.10
N SER F 68 -23.18 -7.72 -40.14
CA SER F 68 -22.87 -9.14 -40.18
C SER F 68 -23.07 -9.64 -41.59
N GLY F 69 -22.60 -10.86 -41.83
CA GLY F 69 -22.85 -11.52 -43.10
C GLY F 69 -22.29 -10.75 -44.27
N THR F 70 -23.19 -10.10 -45.01
CA THR F 70 -22.82 -9.35 -46.21
C THR F 70 -23.04 -7.85 -46.03
N ASP F 71 -23.70 -7.42 -44.96
CA ASP F 71 -24.11 -6.04 -44.80
C ASP F 71 -23.46 -5.44 -43.56
N PHE F 72 -22.84 -4.27 -43.69
CA PHE F 72 -22.21 -3.60 -42.55
C PHE F 72 -22.59 -2.13 -42.55
N THR F 73 -22.70 -1.56 -41.35
CA THR F 73 -23.22 -0.21 -41.21
C THR F 73 -22.45 0.55 -40.15
N LEU F 74 -22.02 1.76 -40.50
CA LEU F 74 -21.42 2.70 -39.55
C LEU F 74 -22.39 3.86 -39.32
N THR F 75 -22.60 4.24 -38.08
CA THR F 75 -23.51 5.32 -37.76
C THR F 75 -22.82 6.36 -36.90
N VAL F 76 -23.05 7.62 -37.24
CA VAL F 76 -22.68 8.77 -36.41
C VAL F 76 -23.96 9.31 -35.80
N SER F 77 -24.01 9.33 -34.47
CA SER F 77 -25.26 9.66 -33.77
C SER F 77 -25.62 11.13 -33.95
N ARG F 78 -24.75 12.03 -33.54
CA ARG F 78 -24.97 13.47 -33.64
C ARG F 78 -23.78 14.10 -34.34
N LEU F 79 -23.98 14.55 -35.58
CA LEU F 79 -22.90 15.17 -36.33
C LEU F 79 -22.43 16.44 -35.65
N GLU F 80 -21.14 16.70 -35.74
CA GLU F 80 -20.51 17.93 -35.28
C GLU F 80 -19.69 18.48 -36.43
N PRO F 81 -19.63 19.80 -36.57
CA PRO F 81 -19.08 20.38 -37.81
C PRO F 81 -17.64 19.97 -38.13
N GLU F 82 -16.96 19.23 -37.24
CA GLU F 82 -15.61 18.79 -37.54
C GLU F 82 -15.57 17.39 -38.14
N ASP F 83 -16.72 16.74 -38.30
CA ASP F 83 -16.79 15.33 -38.66
C ASP F 83 -17.07 15.10 -40.13
N PHE F 84 -16.53 15.94 -41.01
CA PHE F 84 -16.82 15.84 -42.44
C PHE F 84 -15.54 15.45 -43.17
N ALA F 85 -15.55 14.26 -43.78
CA ALA F 85 -14.33 13.61 -44.26
C ALA F 85 -14.72 12.60 -45.34
N VAL F 86 -13.81 11.68 -45.62
CA VAL F 86 -14.10 10.50 -46.43
C VAL F 86 -13.98 9.28 -45.53
N TYR F 87 -14.86 8.30 -45.76
CA TYR F 87 -14.91 7.11 -44.93
C TYR F 87 -14.70 5.87 -45.78
N TYR F 88 -13.81 4.99 -45.33
CA TYR F 88 -13.44 3.79 -46.06
C TYR F 88 -13.70 2.55 -45.21
N CYS F 89 -14.28 1.52 -45.82
CA CYS F 89 -14.36 0.22 -45.20
C CYS F 89 -13.30 -0.70 -45.81
N GLN F 90 -12.60 -1.43 -44.95
CA GLN F 90 -11.48 -2.26 -45.37
C GLN F 90 -11.67 -3.66 -44.82
N HIS F 91 -11.31 -4.66 -45.63
CA HIS F 91 -11.38 -6.06 -45.23
C HIS F 91 -9.97 -6.61 -45.21
N TYR F 92 -9.41 -6.77 -44.01
CA TYR F 92 -8.05 -7.28 -43.85
C TYR F 92 -8.01 -8.77 -43.59
N GLY F 93 -9.06 -9.49 -43.99
CA GLY F 93 -9.05 -10.94 -43.92
C GLY F 93 -8.42 -11.49 -45.18
N ASN F 94 -9.14 -12.34 -45.91
CA ASN F 94 -8.66 -12.78 -47.20
C ASN F 94 -9.80 -12.77 -48.21
N PRO F 95 -9.62 -12.18 -49.40
CA PRO F 95 -8.43 -11.44 -49.81
C PRO F 95 -8.43 -9.97 -49.39
N TYR F 96 -7.24 -9.36 -49.38
CA TYR F 96 -7.11 -7.97 -48.98
C TYR F 96 -7.77 -7.05 -49.99
N THR F 97 -8.68 -6.20 -49.52
CA THR F 97 -9.34 -5.22 -50.37
C THR F 97 -9.66 -3.96 -49.58
N PHE F 98 -9.93 -2.89 -50.31
CA PHE F 98 -10.44 -1.62 -49.79
C PHE F 98 -11.75 -1.28 -50.49
N GLY F 99 -12.53 -0.42 -49.85
CA GLY F 99 -13.67 0.20 -50.49
C GLY F 99 -13.26 1.40 -51.31
N GLN F 100 -14.24 2.06 -51.93
CA GLN F 100 -13.95 3.20 -52.83
C GLN F 100 -14.19 4.53 -52.11
N GLY F 101 -15.01 4.53 -51.06
CA GLY F 101 -15.19 5.74 -50.24
C GLY F 101 -16.56 6.39 -50.28
N THR F 102 -16.94 7.05 -49.18
CA THR F 102 -18.21 7.85 -49.13
C THR F 102 -17.82 9.19 -48.52
N LYS F 103 -18.26 10.31 -49.10
CA LYS F 103 -17.82 11.65 -48.62
C LYS F 103 -18.98 12.36 -47.90
N LEU F 104 -18.75 12.84 -46.68
CA LEU F 104 -19.81 13.50 -45.88
C LEU F 104 -19.57 15.01 -45.96
N GLU F 105 -20.54 15.80 -46.44
CA GLU F 105 -20.28 17.25 -46.65
C GLU F 105 -21.30 18.11 -45.90
N ILE F 106 -20.92 19.34 -45.57
CA ILE F 106 -21.84 20.25 -44.83
C ILE F 106 -22.99 20.55 -45.79
N LYS F 107 -24.24 20.51 -45.30
CA LYS F 107 -25.39 20.70 -46.21
C LYS F 107 -25.08 21.85 -47.15
N GLU G 1 14.61 25.40 4.35
CA GLU G 1 14.88 26.82 4.21
C GLU G 1 16.37 27.08 4.11
N VAL G 2 16.95 26.76 2.96
CA VAL G 2 18.37 26.93 2.73
C VAL G 2 18.64 28.38 2.38
N GLN G 3 19.60 29.00 3.09
CA GLN G 3 19.87 30.40 2.82
C GLN G 3 21.26 30.78 3.30
N LEU G 4 21.75 31.90 2.75
CA LEU G 4 23.03 32.48 3.10
C LEU G 4 22.83 33.96 3.41
N VAL G 5 23.60 34.49 4.36
CA VAL G 5 23.50 35.89 4.75
C VAL G 5 24.91 36.46 4.87
N GLU G 6 25.18 37.58 4.19
CA GLU G 6 26.46 38.24 4.26
C GLU G 6 26.48 39.30 5.36
N SER G 7 27.69 39.67 5.77
CA SER G 7 27.86 40.74 6.74
C SER G 7 29.30 41.24 6.71
N GLY G 8 29.47 42.52 7.00
CA GLY G 8 30.78 43.11 7.15
C GLY G 8 31.13 44.23 6.19
N GLY G 9 30.19 44.67 5.34
CA GLY G 9 30.49 45.72 4.39
C GLY G 9 30.60 47.08 5.03
N GLY G 10 31.11 48.04 4.26
CA GLY G 10 31.27 49.38 4.79
C GLY G 10 32.33 50.15 4.02
N LEU G 11 32.72 51.28 4.61
CA LEU G 11 33.62 52.24 3.99
C LEU G 11 34.99 52.19 4.67
N VAL G 12 36.05 52.10 3.86
CA VAL G 12 37.40 51.94 4.39
C VAL G 12 38.34 52.88 3.64
N GLN G 13 39.17 53.62 4.38
CA GLN G 13 40.20 54.44 3.75
C GLN G 13 41.26 53.54 3.12
N PRO G 14 41.86 53.97 2.01
CA PRO G 14 42.81 53.10 1.31
C PRO G 14 43.97 52.68 2.20
N GLY G 15 44.40 51.44 2.03
CA GLY G 15 45.43 50.83 2.85
C GLY G 15 44.92 50.08 4.04
N GLY G 16 43.62 50.16 4.33
CA GLY G 16 43.04 49.53 5.49
C GLY G 16 42.84 48.03 5.32
N SER G 17 41.82 47.52 6.01
CA SER G 17 41.54 46.09 5.99
C SER G 17 40.09 45.86 6.42
N LEU G 18 39.56 44.69 6.01
CA LEU G 18 38.24 44.26 6.46
C LEU G 18 38.17 42.74 6.54
N ARG G 19 37.03 42.30 7.06
CA ARG G 19 36.77 40.90 7.39
C ARG G 19 35.30 40.63 7.14
N LEU G 20 34.99 39.99 6.02
CA LEU G 20 33.60 39.72 5.66
C LEU G 20 33.23 38.29 6.06
N SER G 21 31.97 38.12 6.44
CA SER G 21 31.48 36.82 6.88
C SER G 21 30.20 36.47 6.14
N CYS G 22 30.04 35.17 5.91
CA CYS G 22 28.85 34.60 5.28
C CYS G 22 28.36 33.47 6.16
N ALA G 23 27.12 33.58 6.64
CA ALA G 23 26.52 32.62 7.55
C ALA G 23 25.45 31.83 6.82
N ALA G 24 25.49 30.51 6.94
CA ALA G 24 24.62 29.62 6.18
C ALA G 24 23.64 28.93 7.11
N SER G 25 22.48 28.57 6.56
CA SER G 25 21.52 27.81 7.33
C SER G 25 20.77 26.86 6.41
N GLY G 26 20.47 25.67 6.93
CA GLY G 26 19.77 24.64 6.20
C GLY G 26 20.63 23.50 5.71
N PHE G 27 21.95 23.65 5.73
CA PHE G 27 22.85 22.63 5.21
C PHE G 27 24.19 22.72 5.94
N SER G 28 25.15 21.93 5.48
CA SER G 28 26.44 21.78 6.14
C SER G 28 27.57 22.10 5.17
N PHE G 29 28.67 22.60 5.71
CA PHE G 29 29.85 22.87 4.89
C PHE G 29 30.70 21.64 4.66
N THR G 30 30.35 20.51 5.25
CA THR G 30 31.14 19.29 5.17
C THR G 30 30.84 18.49 3.90
N THR G 31 29.96 18.98 3.04
CA THR G 31 29.60 18.28 1.82
C THR G 31 29.58 19.19 0.59
N TYR G 32 29.56 20.51 0.78
CA TYR G 32 29.38 21.45 -0.32
C TYR G 32 30.61 22.35 -0.48
N GLU G 33 30.76 22.91 -1.68
CA GLU G 33 31.88 23.77 -2.02
C GLU G 33 31.43 25.22 -2.13
N MET G 34 32.26 26.14 -1.65
CA MET G 34 31.85 27.52 -1.47
C MET G 34 32.71 28.48 -2.28
N ASN G 35 32.14 29.64 -2.59
CA ASN G 35 32.78 30.59 -3.48
C ASN G 35 32.49 32.01 -3.03
N TRP G 36 33.49 32.88 -3.21
CA TRP G 36 33.32 34.32 -3.10
C TRP G 36 33.37 34.91 -4.50
N VAL G 37 32.30 35.62 -4.88
CA VAL G 37 32.18 36.29 -6.16
C VAL G 37 31.88 37.77 -5.91
N ARG G 38 32.20 38.62 -6.88
CA ARG G 38 31.99 40.04 -6.70
C ARG G 38 31.55 40.70 -8.01
N GLN G 39 30.85 41.82 -7.85
CA GLN G 39 30.45 42.67 -8.96
C GLN G 39 30.97 44.07 -8.71
N ALA G 40 31.72 44.61 -9.66
CA ALA G 40 32.22 45.98 -9.62
C ALA G 40 31.08 46.93 -9.98
N PRO G 41 31.22 48.22 -9.70
CA PRO G 41 30.19 49.18 -10.10
C PRO G 41 30.20 49.38 -11.62
N GLY G 42 29.12 48.95 -12.27
CA GLY G 42 28.98 49.11 -13.70
C GLY G 42 29.70 48.08 -14.55
N LYS G 43 30.14 46.97 -13.96
CA LYS G 43 30.89 45.95 -14.68
C LYS G 43 30.28 44.58 -14.43
N GLY G 44 30.77 43.59 -15.18
CA GLY G 44 30.31 42.23 -15.03
C GLY G 44 30.94 41.52 -13.85
N LEU G 45 30.44 40.31 -13.59
CA LEU G 45 30.86 39.54 -12.43
C LEU G 45 32.32 39.09 -12.57
N GLU G 46 32.97 38.91 -11.43
CA GLU G 46 34.34 38.42 -11.37
C GLU G 46 34.44 37.35 -10.28
N TRP G 47 35.03 36.21 -10.63
CA TRP G 47 35.23 35.13 -9.68
C TRP G 47 36.46 35.44 -8.81
N VAL G 48 36.25 35.46 -7.50
CA VAL G 48 37.30 35.85 -6.55
C VAL G 48 37.98 34.64 -5.93
N SER G 49 37.21 33.75 -5.31
CA SER G 49 37.87 32.65 -4.61
C SER G 49 36.96 31.43 -4.53
N HIS G 50 37.60 30.26 -4.50
CA HIS G 50 36.91 28.98 -4.42
C HIS G 50 37.54 28.13 -3.33
N ILE G 51 36.74 27.50 -2.45
CA ILE G 51 37.24 26.57 -1.38
C ILE G 51 36.52 25.23 -1.55
N SER G 52 37.10 24.12 -1.10
CA SER G 52 36.55 22.78 -1.36
C SER G 52 35.95 22.19 -0.10
N SER G 53 35.12 21.16 -0.23
CA SER G 53 34.42 20.53 0.91
C SER G 53 35.44 19.88 1.84
N ARG G 54 36.61 19.56 1.33
CA ARG G 54 37.67 18.91 2.13
C ARG G 54 38.54 20.01 2.77
N GLY G 55 38.19 21.27 2.55
CA GLY G 55 38.87 22.39 3.21
C GLY G 55 40.05 23.00 2.49
N LEU G 56 40.34 22.60 1.27
CA LEU G 56 41.57 23.12 0.64
C LEU G 56 41.25 24.28 -0.32
N VAL G 57 41.97 25.40 -0.23
CA VAL G 57 41.67 26.59 -1.07
C VAL G 57 42.18 26.32 -2.49
N ILE G 58 41.32 25.83 -3.39
CA ILE G 58 41.72 25.43 -4.77
C ILE G 58 42.16 26.61 -5.62
N TYR G 59 41.59 27.81 -5.45
CA TYR G 59 41.89 28.92 -6.39
C TYR G 59 41.80 30.32 -5.79
N TYR G 60 42.67 31.24 -6.22
CA TYR G 60 42.58 32.68 -5.84
C TYR G 60 42.75 33.47 -7.15
N ALA G 61 41.94 34.51 -7.36
CA ALA G 61 41.98 35.28 -8.63
C ALA G 61 43.31 36.00 -8.71
N ASP G 62 43.80 36.23 -9.91
CA ASP G 62 45.15 36.79 -10.02
C ASP G 62 45.22 38.19 -9.41
N SER G 63 44.18 39.00 -9.59
CA SER G 63 44.21 40.39 -9.14
C SER G 63 44.23 40.52 -7.62
N VAL G 64 43.86 39.47 -6.90
CA VAL G 64 43.71 39.61 -5.42
C VAL G 64 44.50 38.53 -4.68
N LYS G 65 45.79 38.41 -4.94
CA LYS G 65 46.57 37.30 -4.32
C LYS G 65 47.63 37.90 -3.40
N GLY G 66 47.82 37.30 -2.23
CA GLY G 66 48.81 37.78 -1.26
C GLY G 66 48.17 38.80 -0.33
N ARG G 67 46.95 39.19 -0.63
CA ARG G 67 46.28 40.21 0.19
C ARG G 67 44.96 39.66 0.71
N PHE G 68 44.49 38.53 0.17
CA PHE G 68 43.17 37.97 0.57
C PHE G 68 43.38 36.59 1.16
N THR G 69 42.70 36.27 2.27
CA THR G 69 42.79 34.90 2.84
C THR G 69 41.41 34.32 3.11
N MET G 70 40.97 33.36 2.30
CA MET G 70 39.70 32.68 2.46
C MET G 70 39.82 31.61 3.53
N SER G 71 38.81 31.53 4.39
CA SER G 71 38.81 30.51 5.43
C SER G 71 37.38 30.19 5.80
N ARG G 72 37.21 29.12 6.57
CA ARG G 72 35.87 28.69 6.96
C ARG G 72 35.89 28.16 8.38
N ASP G 73 34.70 27.84 8.88
CA ASP G 73 34.53 27.23 10.19
C ASP G 73 33.24 26.42 10.14
N THR G 74 33.36 25.10 10.30
CA THR G 74 32.22 24.21 10.19
C THR G 74 31.43 24.07 11.48
N ALA G 75 32.06 24.32 12.63
CA ALA G 75 31.32 24.22 13.89
C ALA G 75 30.26 25.31 14.01
N LYS G 76 30.43 26.43 13.32
CA LYS G 76 29.47 27.52 13.31
C LYS G 76 28.83 27.74 11.94
N ASN G 77 29.24 26.97 10.93
CA ASN G 77 28.78 27.13 9.56
C ASN G 77 28.98 28.56 9.07
N SER G 78 30.24 28.99 9.07
CA SER G 78 30.56 30.36 8.68
C SER G 78 31.73 30.37 7.71
N LEU G 79 31.74 31.36 6.83
CA LEU G 79 32.79 31.56 5.85
C LEU G 79 33.35 32.97 6.03
N TYR G 80 34.68 33.10 5.96
CA TYR G 80 35.31 34.39 6.18
C TYR G 80 36.25 34.72 5.04
N LEU G 81 36.25 36.00 4.66
CA LEU G 81 37.23 36.55 3.73
C LEU G 81 37.93 37.70 4.42
N GLN G 82 39.23 37.52 4.68
CA GLN G 82 40.08 38.56 5.27
C GLN G 82 40.81 39.29 4.16
N MET G 83 40.55 40.58 4.00
CA MET G 83 41.17 41.34 2.93
C MET G 83 41.98 42.49 3.51
N ASP G 84 43.20 42.65 3.01
CA ASP G 84 44.19 43.56 3.55
C ASP G 84 44.75 44.43 2.43
N SER G 85 45.19 45.63 2.79
CA SER G 85 45.81 46.58 1.87
C SER G 85 44.90 46.85 0.68
N LEU G 86 43.75 47.44 0.98
CA LEU G 86 42.72 47.67 -0.01
C LEU G 86 43.10 48.79 -0.96
N THR G 87 42.62 48.67 -2.19
CA THR G 87 42.80 49.64 -3.26
C THR G 87 41.44 50.24 -3.60
N VAL G 88 41.45 51.41 -4.24
CA VAL G 88 40.21 51.98 -4.75
C VAL G 88 39.56 51.07 -5.78
N ALA G 89 40.32 50.12 -6.34
CA ALA G 89 39.80 49.17 -7.31
C ALA G 89 39.13 47.97 -6.67
N ASP G 90 38.72 48.07 -5.40
CA ASP G 90 38.05 46.97 -4.72
C ASP G 90 36.65 47.35 -4.26
N THR G 91 36.16 48.53 -4.61
CA THR G 91 34.79 48.91 -4.31
C THR G 91 33.85 48.00 -5.08
N ALA G 92 32.95 47.31 -4.37
CA ALA G 92 32.15 46.30 -5.07
C ALA G 92 31.03 45.79 -4.18
N VAL G 93 30.30 44.82 -4.72
CA VAL G 93 29.30 44.04 -4.00
C VAL G 93 29.76 42.59 -4.02
N TYR G 94 29.70 41.93 -2.87
CA TYR G 94 30.22 40.58 -2.70
C TYR G 94 29.10 39.61 -2.39
N TYR G 95 29.17 38.42 -3.01
CA TYR G 95 28.24 37.33 -2.80
C TYR G 95 29.00 36.06 -2.41
N CYS G 96 28.39 35.25 -1.55
CA CYS G 96 28.85 33.89 -1.31
C CYS G 96 27.91 32.93 -2.02
N ALA G 97 28.49 32.00 -2.79
CA ALA G 97 27.72 31.12 -3.64
C ALA G 97 28.15 29.67 -3.43
N ARG G 98 27.23 28.74 -3.67
CA ARG G 98 27.42 27.34 -3.34
C ARG G 98 27.31 26.44 -4.56
N HIS G 99 28.18 25.42 -4.64
CA HIS G 99 28.00 24.39 -5.66
C HIS G 99 28.66 23.09 -5.19
N TYR G 100 28.52 22.06 -6.02
CA TYR G 100 28.64 20.67 -5.59
C TYR G 100 29.62 19.91 -6.47
N PHE G 101 30.17 18.81 -5.93
CA PHE G 101 31.02 17.90 -6.68
C PHE G 101 30.50 16.48 -6.53
N ASP G 102 30.10 15.89 -7.64
CA ASP G 102 29.61 14.52 -7.67
C ASP G 102 30.72 13.59 -8.16
N ARG G 103 30.76 12.38 -7.63
CA ARG G 103 31.86 11.47 -7.95
C ARG G 103 31.49 10.56 -9.11
N ASP G 104 30.37 10.82 -9.76
CA ASP G 104 29.99 10.07 -10.95
C ASP G 104 29.89 11.01 -12.14
N TRP G 105 29.33 12.20 -11.95
CA TRP G 105 29.22 13.18 -13.02
C TRP G 105 30.14 14.36 -12.78
N GLY G 106 30.02 15.06 -11.66
CA GLY G 106 31.04 16.02 -11.27
C GLY G 106 30.70 17.48 -11.52
N TYR G 107 30.81 18.29 -10.47
CA TYR G 107 30.86 19.75 -10.60
C TYR G 107 29.61 20.30 -11.28
N SER G 108 28.48 20.26 -10.59
CA SER G 108 27.23 20.76 -11.13
C SER G 108 27.25 22.24 -11.49
N GLY G 109 27.33 23.14 -10.52
CA GLY G 109 27.26 24.56 -10.83
C GLY G 109 26.55 25.36 -9.76
N MET G 110 26.88 26.65 -9.67
CA MET G 110 26.47 27.48 -8.55
C MET G 110 24.98 27.75 -8.58
N ASP G 111 24.25 27.12 -7.66
CA ASP G 111 22.79 27.22 -7.64
C ASP G 111 22.22 27.96 -6.43
N LEU G 112 23.04 28.41 -5.49
CA LEU G 112 22.56 29.16 -4.32
C LEU G 112 23.47 30.35 -4.12
N TRP G 113 22.87 31.53 -3.99
CA TRP G 113 23.60 32.78 -3.82
C TRP G 113 23.09 33.52 -2.59
N GLY G 114 23.99 34.24 -1.93
CA GLY G 114 23.62 35.12 -0.84
C GLY G 114 23.16 36.47 -1.36
N GLN G 115 22.55 37.26 -0.48
CA GLN G 115 21.99 38.53 -0.89
C GLN G 115 23.05 39.60 -1.16
N GLY G 116 24.27 39.44 -0.65
CA GLY G 116 25.36 40.32 -1.02
C GLY G 116 25.58 41.50 -0.11
N THR G 117 26.82 41.95 0.02
CA THR G 117 27.16 43.07 0.88
C THR G 117 28.07 44.04 0.13
N THR G 118 28.05 45.31 0.55
CA THR G 118 28.68 46.39 -0.21
C THR G 118 29.89 46.92 0.53
N VAL G 119 30.97 47.16 -0.23
CA VAL G 119 32.19 47.72 0.35
C VAL G 119 32.68 48.85 -0.56
N THR G 120 33.13 49.94 0.07
CA THR G 120 33.63 51.11 -0.63
C THR G 120 34.98 51.52 -0.05
N VAL G 121 35.84 52.06 -0.90
CA VAL G 121 37.17 52.49 -0.51
C VAL G 121 37.40 53.88 -1.11
N SER G 122 37.51 54.89 -0.25
CA SER G 122 37.67 56.27 -0.70
C SER G 122 38.09 57.12 0.50
N SER G 123 38.24 58.41 0.24
CA SER G 123 38.58 59.37 1.28
C SER G 123 37.49 60.44 1.41
N GLU H 1 44.59 31.40 -21.92
CA GLU H 1 43.42 31.16 -21.10
C GLU H 1 42.13 31.30 -21.92
N VAL H 2 41.08 30.60 -21.51
CA VAL H 2 39.76 30.79 -22.12
C VAL H 2 39.18 32.17 -21.81
N VAL H 3 39.26 33.06 -22.79
CA VAL H 3 38.61 34.35 -22.69
C VAL H 3 37.29 34.25 -23.43
N LEU H 4 36.19 34.25 -22.68
CA LEU H 4 34.86 34.06 -23.24
C LEU H 4 34.34 35.41 -23.75
N THR H 5 34.15 35.50 -25.06
CA THR H 5 33.61 36.70 -25.68
C THR H 5 32.13 36.49 -25.96
N GLN H 6 31.30 37.40 -25.45
CA GLN H 6 29.86 37.26 -25.48
C GLN H 6 29.26 38.33 -26.36
N SER H 7 28.45 37.93 -27.33
CA SER H 7 27.89 38.84 -28.32
C SER H 7 26.42 38.50 -28.51
N PRO H 8 25.61 39.45 -29.00
CA PRO H 8 25.95 40.85 -29.31
C PRO H 8 26.02 41.72 -28.06
N GLY H 9 26.64 42.90 -28.18
CA GLY H 9 26.82 43.73 -27.01
C GLY H 9 25.52 44.20 -26.38
N THR H 10 24.55 44.59 -27.21
CA THR H 10 23.28 45.10 -26.73
C THR H 10 22.18 44.66 -27.67
N LEU H 11 21.05 44.22 -27.10
CA LEU H 11 19.96 43.62 -27.86
C LEU H 11 18.66 44.33 -27.58
N SER H 12 17.95 44.70 -28.65
CA SER H 12 16.64 45.35 -28.56
C SER H 12 15.62 44.48 -29.28
N LEU H 13 14.55 44.12 -28.57
CA LEU H 13 13.54 43.24 -29.13
C LEU H 13 12.17 43.58 -28.54
N SER H 14 11.13 43.16 -29.23
CA SER H 14 9.77 43.34 -28.79
C SER H 14 9.29 42.09 -28.08
N PRO H 15 8.30 42.20 -27.19
CA PRO H 15 7.82 41.00 -26.49
C PRO H 15 6.98 40.10 -27.40
N GLY H 16 7.53 38.96 -27.80
CA GLY H 16 6.78 38.02 -28.62
C GLY H 16 7.58 37.25 -29.65
N GLU H 17 8.79 37.69 -29.99
CA GLU H 17 9.65 36.96 -30.92
C GLU H 17 10.85 36.36 -30.20
N ARG H 18 11.75 35.77 -30.99
CA ARG H 18 12.78 34.84 -30.53
C ARG H 18 14.13 35.52 -30.45
N ALA H 19 14.90 35.18 -29.42
CA ALA H 19 16.18 35.81 -29.13
C ALA H 19 17.29 34.76 -29.03
N THR H 20 18.47 35.13 -29.52
CA THR H 20 19.65 34.26 -29.43
C THR H 20 20.84 35.07 -28.93
N LEU H 21 21.55 34.53 -27.95
CA LEU H 21 22.75 35.14 -27.38
C LEU H 21 23.90 34.16 -27.53
N SER H 22 25.02 34.63 -28.08
CA SER H 22 26.14 33.76 -28.40
C SER H 22 27.31 34.00 -27.46
N CYS H 23 27.97 32.92 -27.07
CA CYS H 23 29.16 32.98 -26.20
C CYS H 23 30.21 32.10 -26.84
N ARG H 24 31.35 32.70 -27.21
CA ARG H 24 32.35 32.01 -27.99
C ARG H 24 33.72 32.17 -27.33
N ALA H 25 34.45 31.06 -27.22
CA ALA H 25 35.72 31.04 -26.53
C ALA H 25 36.86 31.39 -27.49
N SER H 26 38.06 31.50 -26.93
CA SER H 26 39.26 31.72 -27.74
C SER H 26 39.99 30.44 -28.05
N GLN H 27 40.10 29.51 -27.10
CA GLN H 27 40.65 28.20 -27.39
C GLN H 27 39.66 27.16 -26.89
N SER H 28 39.60 26.03 -27.57
CA SER H 28 38.51 25.07 -27.40
C SER H 28 38.44 24.56 -25.96
N LEU H 29 37.23 24.49 -25.44
CA LEU H 29 36.99 23.91 -24.12
C LEU H 29 37.11 22.40 -24.21
N GLY H 30 37.83 21.81 -23.25
CA GLY H 30 37.99 20.37 -23.25
C GLY H 30 36.82 19.64 -22.62
N THR H 31 35.81 20.38 -22.20
CA THR H 31 34.69 19.79 -21.47
C THR H 31 33.38 20.48 -21.81
N ASN H 32 32.33 20.18 -21.04
CA ASN H 32 31.04 20.83 -21.21
C ASN H 32 30.66 21.61 -19.96
N TYR H 33 31.66 22.21 -19.32
CA TYR H 33 31.48 22.99 -18.11
C TYR H 33 31.19 24.44 -18.47
N LEU H 34 30.02 24.70 -19.02
CA LEU H 34 29.60 26.06 -19.36
C LEU H 34 28.16 26.26 -18.93
N ALA H 35 27.91 27.32 -18.17
CA ALA H 35 26.61 27.58 -17.58
C ALA H 35 26.15 29.00 -17.90
N TRP H 36 24.84 29.19 -17.91
CA TRP H 36 24.23 30.47 -18.22
C TRP H 36 23.45 31.00 -17.03
N TYR H 37 23.75 32.23 -16.63
CA TYR H 37 23.15 32.92 -15.50
C TYR H 37 22.41 34.16 -15.96
N GLN H 38 21.36 34.51 -15.21
CA GLN H 38 20.51 35.66 -15.48
C GLN H 38 20.56 36.59 -14.28
N HIS H 39 20.78 37.88 -14.53
CA HIS H 39 20.91 38.86 -13.46
C HIS H 39 19.98 40.03 -13.75
N LYS H 40 19.13 40.37 -12.77
CA LYS H 40 18.21 41.49 -12.88
C LYS H 40 18.57 42.50 -11.81
N PRO H 41 18.64 43.79 -12.13
CA PRO H 41 19.10 44.78 -11.15
C PRO H 41 18.24 44.75 -9.89
N GLY H 42 18.92 44.78 -8.73
CA GLY H 42 18.26 44.66 -7.45
C GLY H 42 18.07 43.25 -6.96
N GLN H 43 18.71 42.26 -7.57
CA GLN H 43 18.57 40.87 -7.13
C GLN H 43 19.89 40.14 -7.32
N SER H 44 20.03 39.04 -6.60
CA SER H 44 21.15 38.15 -6.75
C SER H 44 20.99 37.33 -8.03
N PRO H 45 22.08 36.95 -8.69
CA PRO H 45 21.97 36.23 -9.96
C PRO H 45 21.24 34.91 -9.81
N ARG H 46 20.80 34.38 -10.94
CA ARG H 46 19.98 33.17 -10.97
C ARG H 46 20.55 32.21 -12.00
N LEU H 47 20.69 30.94 -11.63
CA LEU H 47 21.16 29.93 -12.56
C LEU H 47 20.05 29.56 -13.54
N LEU H 48 20.38 29.57 -14.82
CA LEU H 48 19.44 29.19 -15.86
C LEU H 48 19.80 27.87 -16.52
N ILE H 49 21.01 27.76 -17.07
CA ILE H 49 21.40 26.59 -17.85
C ILE H 49 22.67 26.00 -17.26
N ASP H 50 22.66 24.68 -17.07
CA ASP H 50 23.78 23.98 -16.46
C ASP H 50 24.34 22.93 -17.41
N GLY H 51 25.65 22.81 -17.44
CA GLY H 51 26.30 21.83 -18.28
C GLY H 51 26.13 22.05 -19.76
N ALA H 52 25.73 23.26 -20.17
CA ALA H 52 25.55 23.71 -21.55
C ALA H 52 24.35 23.07 -22.24
N SER H 53 23.65 22.17 -21.55
CA SER H 53 22.42 21.56 -22.10
C SER H 53 21.37 21.35 -21.01
N THR H 54 21.74 20.74 -19.89
CA THR H 54 20.78 20.42 -18.79
C THR H 54 20.20 21.72 -18.23
N ARG H 55 18.95 21.71 -17.77
CA ARG H 55 18.29 22.93 -17.28
C ARG H 55 18.10 22.82 -15.77
N ALA H 56 18.17 23.94 -15.05
CA ALA H 56 18.02 23.94 -13.59
C ALA H 56 16.58 23.63 -13.22
N ILE H 57 16.33 23.19 -11.98
CA ILE H 57 14.96 22.78 -11.58
C ILE H 57 14.12 24.01 -11.28
N GLY H 58 12.93 24.11 -11.89
CA GLY H 58 12.05 25.23 -11.65
C GLY H 58 12.19 26.40 -12.59
N ILE H 59 12.64 26.18 -13.83
CA ILE H 59 12.89 27.27 -14.75
C ILE H 59 11.96 27.09 -15.96
N PRO H 60 11.37 28.18 -16.48
CA PRO H 60 10.39 28.05 -17.56
C PRO H 60 10.98 27.40 -18.80
N ASP H 61 10.08 27.09 -19.74
CA ASP H 61 10.40 26.28 -20.90
C ASP H 61 10.79 27.08 -22.13
N ARG H 62 10.69 28.42 -22.09
CA ARG H 62 11.09 29.20 -23.25
C ARG H 62 12.61 29.32 -23.38
N PHE H 63 13.34 28.93 -22.35
CA PHE H 63 14.80 28.99 -22.36
C PHE H 63 15.37 27.65 -22.79
N SER H 64 16.31 27.67 -23.73
CA SER H 64 17.04 26.45 -24.04
C SER H 64 18.41 26.83 -24.60
N ALA H 65 19.43 26.08 -24.19
CA ALA H 65 20.79 26.39 -24.60
C ALA H 65 21.42 25.16 -25.22
N SER H 66 22.44 25.39 -26.04
CA SER H 66 23.18 24.31 -26.67
C SER H 66 24.51 24.86 -27.16
N GLY H 67 25.21 24.06 -27.96
CA GLY H 67 26.50 24.46 -28.48
C GLY H 67 27.55 23.40 -28.23
N SER H 68 28.74 23.63 -28.78
CA SER H 68 29.84 22.67 -28.65
C SER H 68 31.12 23.35 -29.08
N GLY H 69 32.23 22.67 -28.80
CA GLY H 69 33.52 23.13 -29.29
C GLY H 69 33.86 24.51 -28.77
N THR H 70 33.76 25.50 -29.66
CA THR H 70 34.10 26.87 -29.34
C THR H 70 32.88 27.79 -29.35
N ASP H 71 31.73 27.31 -29.81
CA ASP H 71 30.56 28.16 -30.02
C ASP H 71 29.40 27.67 -29.16
N PHE H 72 28.77 28.58 -28.41
CA PHE H 72 27.65 28.22 -27.57
C PHE H 72 26.53 29.24 -27.76
N THR H 73 25.28 28.76 -27.66
CA THR H 73 24.14 29.60 -27.98
C THR H 73 23.00 29.36 -27.00
N LEU H 74 22.45 30.45 -26.45
CA LEU H 74 21.25 30.41 -25.64
C LEU H 74 20.11 31.05 -26.41
N THR H 75 18.95 30.41 -26.42
CA THR H 75 17.79 30.93 -27.15
C THR H 75 16.60 31.03 -26.23
N VAL H 76 15.89 32.16 -26.34
CA VAL H 76 14.58 32.35 -25.73
C VAL H 76 13.56 32.29 -26.85
N SER H 77 12.62 31.34 -26.74
CA SER H 77 11.70 31.08 -27.84
C SER H 77 10.71 32.22 -28.03
N ARG H 78 9.93 32.54 -27.01
CA ARG H 78 8.96 33.62 -27.06
C ARG H 78 9.20 34.56 -25.89
N LEU H 79 9.68 35.76 -26.17
CA LEU H 79 9.94 36.73 -25.11
C LEU H 79 8.65 37.11 -24.41
N GLU H 80 8.76 37.36 -23.12
CA GLU H 80 7.69 37.86 -22.28
C GLU H 80 8.21 39.07 -21.54
N PRO H 81 7.38 40.11 -21.33
CA PRO H 81 7.91 41.39 -20.86
C PRO H 81 8.67 41.33 -19.53
N GLU H 82 8.72 40.17 -18.86
CA GLU H 82 9.46 40.08 -17.62
C GLU H 82 10.87 39.54 -17.82
N ASP H 83 11.24 39.21 -19.06
CA ASP H 83 12.47 38.49 -19.35
C ASP H 83 13.59 39.40 -19.84
N PHE H 84 13.70 40.61 -19.31
CA PHE H 84 14.70 41.56 -19.76
C PHE H 84 15.69 41.83 -18.64
N ALA H 85 16.95 41.45 -18.87
CA ALA H 85 17.95 41.34 -17.82
C ALA H 85 19.34 41.41 -18.45
N VAL H 86 20.35 40.98 -17.70
CA VAL H 86 21.68 40.75 -18.23
C VAL H 86 21.96 39.26 -18.17
N TYR H 87 22.65 38.75 -19.18
CA TYR H 87 22.91 37.31 -19.29
C TYR H 87 24.41 37.07 -19.35
N TYR H 88 24.89 36.14 -18.53
CA TYR H 88 26.30 35.83 -18.40
C TYR H 88 26.56 34.36 -18.71
N CYS H 89 27.60 34.09 -19.49
CA CYS H 89 28.10 32.74 -19.67
C CYS H 89 29.35 32.55 -18.82
N GLN H 90 29.40 31.42 -18.11
CA GLN H 90 30.47 31.14 -17.17
C GLN H 90 31.06 29.78 -17.48
N HIS H 91 32.38 29.67 -17.34
CA HIS H 91 33.09 28.41 -17.54
C HIS H 91 33.71 28.01 -16.21
N TYR H 92 33.18 26.92 -15.62
CA TYR H 92 33.59 26.48 -14.26
C TYR H 92 34.56 25.31 -14.24
N GLY H 93 35.40 25.16 -15.25
CA GLY H 93 36.44 24.13 -15.23
C GLY H 93 37.76 24.82 -15.01
N ASN H 94 38.82 24.39 -15.70
CA ASN H 94 40.11 25.13 -15.64
C ASN H 94 40.36 25.72 -17.04
N PRO H 95 40.76 27.00 -17.21
CA PRO H 95 40.71 27.99 -16.14
C PRO H 95 39.35 28.63 -15.85
N TYR H 96 39.05 28.88 -14.57
CA TYR H 96 37.74 29.46 -14.20
C TYR H 96 37.64 30.86 -14.79
N THR H 97 36.47 31.25 -15.34
CA THR H 97 36.30 32.59 -15.94
C THR H 97 34.84 32.98 -16.10
N PHE H 98 34.56 34.27 -16.29
CA PHE H 98 33.21 34.77 -16.58
C PHE H 98 33.21 35.52 -17.91
N GLY H 99 32.03 35.65 -18.49
CA GLY H 99 31.83 36.54 -19.62
C GLY H 99 31.62 37.96 -19.14
N GLN H 100 31.45 38.87 -20.11
CA GLN H 100 31.30 40.32 -19.79
C GLN H 100 29.82 40.69 -19.78
N GLY H 101 28.97 39.93 -20.48
CA GLY H 101 27.51 40.16 -20.40
C GLY H 101 26.83 40.65 -21.66
N THR H 102 25.55 40.34 -21.81
CA THR H 102 24.73 40.86 -22.93
C THR H 102 23.43 41.37 -22.30
N LYS H 103 22.96 42.56 -22.66
CA LYS H 103 21.76 43.16 -22.02
C LYS H 103 20.56 43.10 -22.97
N LEU H 104 19.43 42.57 -22.51
CA LEU H 104 18.22 42.44 -23.37
C LEU H 104 17.23 43.53 -22.93
N GLU H 105 16.82 44.42 -23.83
CA GLU H 105 15.96 45.57 -23.41
C GLU H 105 14.68 45.64 -24.22
N ILE H 106 13.65 46.26 -23.65
CA ILE H 106 12.35 46.37 -24.36
C ILE H 106 12.58 47.27 -25.57
N LYS H 107 12.08 46.88 -26.75
CA LYS H 107 12.38 47.67 -27.97
C LYS H 107 12.29 49.16 -27.63
N GLU I 1 -18.14 14.58 18.22
CA GLU I 1 -19.01 15.66 18.66
C GLU I 1 -18.85 15.90 20.15
N VAL I 2 -17.74 16.50 20.54
CA VAL I 2 -17.45 16.76 21.94
C VAL I 2 -18.20 18.02 22.36
N GLN I 3 -18.95 17.93 23.47
CA GLN I 3 -19.71 19.10 23.88
C GLN I 3 -20.06 19.00 25.36
N LEU I 4 -20.39 20.16 25.92
CA LEU I 4 -20.82 20.31 27.31
C LEU I 4 -22.11 21.12 27.35
N VAL I 5 -22.99 20.79 28.28
CA VAL I 5 -24.27 21.48 28.43
C VAL I 5 -24.51 21.77 29.89
N GLU I 6 -24.79 23.03 30.23
CA GLU I 6 -25.08 23.43 31.59
C GLU I 6 -26.57 23.37 31.88
N SER I 7 -26.91 23.33 33.17
CA SER I 7 -28.30 23.36 33.59
C SER I 7 -28.37 23.70 35.07
N GLY I 8 -29.46 24.39 35.44
CA GLY I 8 -29.74 24.68 36.83
C GLY I 8 -29.82 26.15 37.21
N GLY I 9 -29.70 27.07 36.25
CA GLY I 9 -29.75 28.48 36.58
C GLY I 9 -31.14 28.97 36.94
N GLY I 10 -31.20 30.17 37.48
CA GLY I 10 -32.47 30.73 37.89
C GLY I 10 -32.31 31.80 38.94
N LEU I 11 -33.44 32.16 39.54
CA LEU I 11 -33.54 33.27 40.49
C LEU I 11 -33.72 32.72 41.90
N VAL I 12 -32.92 33.23 42.84
CA VAL I 12 -32.93 32.74 44.21
C VAL I 12 -32.92 33.91 45.17
N GLN I 13 -33.80 33.88 46.16
CA GLN I 13 -33.77 34.89 47.21
C GLN I 13 -32.52 34.72 48.08
N PRO I 14 -31.96 35.81 48.59
CA PRO I 14 -30.69 35.70 49.33
C PRO I 14 -30.80 34.76 50.53
N GLY I 15 -29.73 34.01 50.76
CA GLY I 15 -29.68 33.01 51.79
C GLY I 15 -30.05 31.61 51.32
N GLY I 16 -30.53 31.48 50.08
CA GLY I 16 -30.98 30.21 49.57
C GLY I 16 -29.84 29.30 49.14
N SER I 17 -30.13 28.45 48.16
CA SER I 17 -29.15 27.48 47.68
C SER I 17 -29.53 27.03 46.27
N LEU I 18 -28.53 26.52 45.55
CA LEU I 18 -28.76 25.91 44.24
C LEU I 18 -27.75 24.80 43.98
N ARG I 19 -27.99 24.12 42.85
CA ARG I 19 -27.28 22.91 42.46
C ARG I 19 -27.17 22.92 40.95
N LEU I 20 -26.01 23.29 40.42
CA LEU I 20 -25.81 23.37 38.98
C LEU I 20 -25.15 22.10 38.47
N SER I 21 -25.51 21.72 37.25
CA SER I 21 -24.99 20.51 36.64
C SER I 21 -24.45 20.80 35.24
N CYS I 22 -23.40 20.08 34.89
CA CYS I 22 -22.77 20.15 33.57
C CYS I 22 -22.67 18.73 33.04
N ALA I 23 -23.29 18.47 31.89
CA ALA I 23 -23.34 17.16 31.28
C ALA I 23 -22.47 17.15 30.03
N ALA I 24 -21.61 16.15 29.91
CA ALA I 24 -20.61 16.08 28.86
C ALA I 24 -20.93 14.95 27.90
N SER I 25 -20.50 15.10 26.65
CA SER I 25 -20.66 14.03 25.68
C SER I 25 -19.49 14.04 24.71
N GLY I 26 -19.06 12.85 24.32
CA GLY I 26 -17.95 12.67 23.41
C GLY I 26 -16.66 12.21 24.06
N PHE I 27 -16.54 12.30 25.38
CA PHE I 27 -15.31 11.96 26.06
C PHE I 27 -15.64 11.49 27.47
N SER I 28 -14.60 11.25 28.26
CA SER I 28 -14.71 10.67 29.59
C SER I 28 -14.08 11.57 30.62
N PHE I 29 -14.60 11.52 31.85
CA PHE I 29 -14.03 12.29 32.94
C PHE I 29 -12.84 11.59 33.59
N THR I 30 -12.52 10.38 33.16
CA THR I 30 -11.45 9.60 33.76
C THR I 30 -10.07 9.95 33.22
N THR I 31 -9.98 10.93 32.32
CA THR I 31 -8.72 11.32 31.73
C THR I 31 -8.53 12.83 31.69
N TYR I 32 -9.59 13.62 31.85
CA TYR I 32 -9.55 15.07 31.69
C TYR I 32 -9.86 15.78 33.00
N GLU I 33 -9.40 17.03 33.09
CA GLU I 33 -9.58 17.87 34.26
C GLU I 33 -10.61 18.96 33.98
N MET I 34 -11.44 19.25 35.00
CA MET I 34 -12.62 20.07 34.79
C MET I 34 -12.58 21.32 35.68
N ASN I 35 -13.30 22.35 35.23
CA ASN I 35 -13.24 23.64 35.89
C ASN I 35 -14.61 24.31 35.85
N TRP I 36 -14.93 25.03 36.92
CA TRP I 36 -16.05 25.95 36.97
C TRP I 36 -15.52 27.37 36.93
N VAL I 37 -15.95 28.15 35.93
CA VAL I 37 -15.56 29.54 35.76
C VAL I 37 -16.83 30.37 35.68
N ARG I 38 -16.71 31.66 36.01
CA ARG I 38 -17.88 32.53 36.01
C ARG I 38 -17.54 33.92 35.51
N GLN I 39 -18.56 34.59 34.98
CA GLN I 39 -18.47 35.99 34.59
C GLN I 39 -19.55 36.78 35.31
N ALA I 40 -19.13 37.82 36.00
CA ALA I 40 -20.04 38.74 36.68
C ALA I 40 -20.68 39.66 35.65
N PRO I 41 -21.76 40.37 36.00
CA PRO I 41 -22.35 41.33 35.06
C PRO I 41 -21.46 42.56 34.92
N GLY I 42 -20.89 42.74 33.73
CA GLY I 42 -20.05 43.88 33.44
C GLY I 42 -18.62 43.77 33.92
N LYS I 43 -18.15 42.57 34.28
CA LYS I 43 -16.81 42.38 34.80
C LYS I 43 -16.12 41.25 34.03
N GLY I 44 -14.82 41.10 34.30
CA GLY I 44 -14.04 40.06 33.68
C GLY I 44 -14.22 38.70 34.33
N LEU I 45 -13.63 37.69 33.71
CA LEU I 45 -13.81 36.32 34.17
C LEU I 45 -13.15 36.10 35.52
N GLU I 46 -13.68 35.13 36.26
CA GLU I 46 -13.13 34.74 37.55
C GLU I 46 -13.10 33.23 37.65
N TRP I 47 -11.95 32.68 38.03
CA TRP I 47 -11.80 31.23 38.19
C TRP I 47 -12.39 30.81 39.53
N VAL I 48 -13.34 29.88 39.50
CA VAL I 48 -14.08 29.46 40.68
C VAL I 48 -13.53 28.16 41.26
N SER I 49 -13.46 27.10 40.46
CA SER I 49 -13.05 25.83 41.04
C SER I 49 -12.39 24.95 40.00
N HIS I 50 -11.58 23.98 40.47
CA HIS I 50 -10.84 23.02 39.60
C HIS I 50 -10.77 21.61 40.22
N ILE I 51 -11.09 20.56 39.47
CA ILE I 51 -11.06 19.14 39.95
C ILE I 51 -10.15 18.35 39.02
N SER I 52 -9.44 17.35 39.51
CA SER I 52 -8.43 16.61 38.73
C SER I 52 -9.04 15.41 38.01
N SER I 53 -8.27 14.70 37.17
CA SER I 53 -8.73 13.47 36.49
C SER I 53 -8.95 12.46 37.59
N ARG I 54 -8.05 12.43 38.56
CA ARG I 54 -8.27 11.63 39.78
C ARG I 54 -9.27 12.53 40.50
N GLY I 55 -10.04 12.08 41.45
CA GLY I 55 -11.11 12.96 41.96
C GLY I 55 -10.72 14.14 42.80
N LEU I 56 -9.46 14.33 43.14
CA LEU I 56 -9.09 15.37 44.13
C LEU I 56 -9.50 16.78 43.72
N VAL I 57 -10.05 17.58 44.65
CA VAL I 57 -10.44 18.99 44.36
C VAL I 57 -9.24 19.88 44.67
N ILE I 58 -8.41 20.17 43.66
CA ILE I 58 -7.15 20.94 43.86
C ILE I 58 -7.35 22.37 44.39
N TYR I 59 -8.36 23.10 43.92
CA TYR I 59 -8.46 24.54 44.27
C TYR I 59 -9.87 25.11 44.42
N TYR I 60 -10.07 26.04 45.36
CA TYR I 60 -11.33 26.81 45.50
C TYR I 60 -10.92 28.28 45.64
N ALA I 61 -11.63 29.22 45.00
CA ALA I 61 -11.33 30.66 45.12
C ALA I 61 -11.65 31.09 46.54
N ASP I 62 -10.98 32.12 47.07
CA ASP I 62 -11.19 32.47 48.50
C ASP I 62 -12.62 32.94 48.76
N SER I 63 -13.20 33.66 47.81
CA SER I 63 -14.56 34.23 47.98
C SER I 63 -15.60 33.13 48.15
N VAL I 64 -15.46 32.01 47.43
CA VAL I 64 -16.50 30.94 47.45
C VAL I 64 -16.12 29.84 48.44
N LYS I 65 -15.08 30.02 49.24
CA LYS I 65 -14.61 28.93 50.14
C LYS I 65 -15.61 28.72 51.28
N GLY I 66 -15.87 27.47 51.64
CA GLY I 66 -16.72 27.17 52.81
C GLY I 66 -18.20 27.13 52.48
N ARG I 67 -18.56 27.61 51.29
CA ARG I 67 -19.99 27.67 50.95
C ARG I 67 -20.23 26.88 49.67
N PHE I 68 -19.19 26.58 48.92
CA PHE I 68 -19.38 25.88 47.62
C PHE I 68 -18.78 24.47 47.71
N THR I 69 -19.36 23.52 46.98
CA THR I 69 -18.87 22.16 46.95
C THR I 69 -18.88 21.64 45.52
N MET I 70 -17.72 21.32 44.99
CA MET I 70 -17.57 20.74 43.66
C MET I 70 -17.52 19.24 43.76
N SER I 71 -18.23 18.55 42.86
CA SER I 71 -18.21 17.11 42.85
C SER I 71 -18.50 16.63 41.44
N ARG I 72 -18.31 15.34 41.21
CA ARG I 72 -18.50 14.78 39.89
C ARG I 72 -19.09 13.37 40.00
N ASP I 73 -19.40 12.81 38.84
CA ASP I 73 -19.91 11.44 38.74
C ASP I 73 -19.53 10.92 37.37
N THR I 74 -18.68 9.90 37.33
CA THR I 74 -18.17 9.38 36.07
C THR I 74 -19.09 8.35 35.43
N ALA I 75 -19.95 7.69 36.20
CA ALA I 75 -20.87 6.73 35.61
C ALA I 75 -21.91 7.41 34.73
N LYS I 76 -22.21 8.68 34.97
CA LYS I 76 -23.14 9.44 34.15
C LYS I 76 -22.47 10.59 33.42
N ASN I 77 -21.16 10.78 33.60
CA ASN I 77 -20.42 11.89 33.00
C ASN I 77 -21.08 13.23 33.33
N SER I 78 -21.15 13.51 34.63
CA SER I 78 -21.79 14.74 35.08
C SER I 78 -20.93 15.43 36.12
N LEU I 79 -21.03 16.75 36.16
CA LEU I 79 -20.32 17.59 37.11
C LEU I 79 -21.33 18.43 37.87
N TYR I 80 -21.15 18.56 39.19
CA TYR I 80 -22.09 19.29 40.01
C TYR I 80 -21.38 20.33 40.85
N LEU I 81 -22.03 21.49 40.98
CA LEU I 81 -21.61 22.53 41.91
C LEU I 81 -22.78 22.83 42.83
N GLN I 82 -22.60 22.51 44.11
CA GLN I 82 -23.58 22.79 45.15
C GLN I 82 -23.21 24.09 45.84
N MET I 83 -24.07 25.10 45.74
CA MET I 83 -23.76 26.39 46.33
C MET I 83 -24.83 26.76 47.34
N ASP I 84 -24.39 27.23 48.51
CA ASP I 84 -25.22 27.46 49.67
C ASP I 84 -24.97 28.86 50.21
N SER I 85 -26.00 29.43 50.85
CA SER I 85 -25.92 30.74 51.48
C SER I 85 -25.47 31.81 50.48
N LEU I 86 -26.30 32.00 49.45
CA LEU I 86 -25.95 32.89 48.36
C LEU I 86 -26.04 34.35 48.78
N THR I 87 -25.19 35.16 48.16
CA THR I 87 -25.13 36.60 48.34
C THR I 87 -25.56 37.27 47.03
N VAL I 88 -25.95 38.54 47.13
CA VAL I 88 -26.22 39.32 45.92
C VAL I 88 -24.98 39.43 45.04
N ALA I 89 -23.79 39.17 45.59
CA ALA I 89 -22.55 39.22 44.84
C ALA I 89 -22.26 37.93 44.09
N ASP I 90 -23.26 37.09 43.85
CA ASP I 90 -23.07 35.84 43.12
C ASP I 90 -23.90 35.79 41.85
N THR I 91 -24.58 36.87 41.49
CA THR I 91 -25.30 36.92 40.22
C THR I 91 -24.29 36.85 39.08
N ALA I 92 -24.45 35.87 38.19
CA ALA I 92 -23.40 35.68 37.19
C ALA I 92 -23.85 34.70 36.12
N VAL I 93 -22.92 34.42 35.21
CA VAL I 93 -23.04 33.37 34.21
C VAL I 93 -21.91 32.37 34.46
N TYR I 94 -22.24 31.09 34.45
CA TYR I 94 -21.31 30.03 34.80
C TYR I 94 -21.03 29.14 33.60
N TYR I 95 -19.75 28.76 33.44
CA TYR I 95 -19.29 27.86 32.40
C TYR I 95 -18.53 26.70 33.02
N CYS I 96 -18.66 25.52 32.42
CA CYS I 96 -17.76 24.40 32.71
C CYS I 96 -16.76 24.25 31.58
N ALA I 97 -15.49 24.17 31.93
CA ALA I 97 -14.40 24.18 30.96
C ALA I 97 -13.45 23.01 31.21
N ARG I 98 -12.79 22.55 30.16
CA ARG I 98 -11.99 21.34 30.20
C ARG I 98 -10.54 21.60 29.83
N HIS I 99 -9.61 20.94 30.53
CA HIS I 99 -8.22 20.96 30.11
C HIS I 99 -7.50 19.72 30.63
N TYR I 100 -6.22 19.60 30.26
CA TYR I 100 -5.51 18.33 30.24
C TYR I 100 -4.20 18.42 31.01
N PHE I 101 -3.70 17.27 31.46
CA PHE I 101 -2.39 17.16 32.08
C PHE I 101 -1.59 16.08 31.40
N ASP I 102 -0.46 16.47 30.80
CA ASP I 102 0.43 15.55 30.13
C ASP I 102 1.61 15.25 31.04
N ARG I 103 2.12 14.03 30.99
CA ARG I 103 3.17 13.62 31.90
C ARG I 103 4.56 13.81 31.28
N ASP I 104 4.61 14.49 30.14
CA ASP I 104 5.89 14.82 29.52
C ASP I 104 6.02 16.33 29.42
N TRP I 105 4.94 17.03 29.05
CA TRP I 105 4.97 18.48 28.95
C TRP I 105 4.14 19.12 30.05
N GLY I 106 2.85 18.79 30.14
CA GLY I 106 2.09 19.17 31.32
C GLY I 106 1.17 20.37 31.16
N TYR I 107 -0.11 20.18 31.49
CA TYR I 107 -1.05 21.27 31.73
C TYR I 107 -1.20 22.16 30.49
N SER I 108 -1.84 21.63 29.45
CA SER I 108 -2.04 22.39 28.22
C SER I 108 -2.83 23.67 28.40
N GLY I 109 -4.14 23.59 28.71
CA GLY I 109 -4.94 24.80 28.80
C GLY I 109 -6.36 24.60 28.33
N MET I 110 -7.27 25.43 28.84
CA MET I 110 -8.71 25.19 28.68
C MET I 110 -9.13 25.41 27.24
N ASP I 111 -9.46 24.33 26.54
CA ASP I 111 -9.80 24.40 25.13
C ASP I 111 -11.25 24.05 24.80
N LEU I 112 -12.06 23.67 25.78
CA LEU I 112 -13.46 23.35 25.54
C LEU I 112 -14.29 24.02 26.63
N TRP I 113 -15.32 24.75 26.20
CA TRP I 113 -16.20 25.49 27.11
C TRP I 113 -17.65 25.13 26.85
N GLY I 114 -18.45 25.14 27.90
CA GLY I 114 -19.88 24.96 27.79
C GLY I 114 -20.56 26.27 27.46
N GLN I 115 -21.83 26.19 27.07
CA GLN I 115 -22.56 27.39 26.64
C GLN I 115 -22.94 28.32 27.78
N GLY I 116 -22.96 27.82 29.02
CA GLY I 116 -23.13 28.69 30.18
C GLY I 116 -24.55 28.84 30.65
N THR I 117 -24.74 29.05 31.96
CA THR I 117 -26.07 29.21 32.53
C THR I 117 -26.08 30.40 33.48
N THR I 118 -27.26 30.98 33.66
CA THR I 118 -27.40 32.28 34.34
C THR I 118 -28.07 32.10 35.70
N VAL I 119 -27.54 32.80 36.71
CA VAL I 119 -28.11 32.77 38.04
C VAL I 119 -28.20 34.19 38.58
N THR I 120 -29.31 34.49 39.24
CA THR I 120 -29.58 35.81 39.81
C THR I 120 -30.04 35.65 41.26
N VAL I 121 -29.68 36.64 42.07
CA VAL I 121 -30.02 36.64 43.50
C VAL I 121 -30.55 38.03 43.83
N SER I 122 -31.82 38.11 44.17
CA SER I 122 -32.46 39.39 44.47
C SER I 122 -33.81 39.12 45.13
N SER I 123 -34.53 40.21 45.42
CA SER I 123 -35.86 40.11 46.00
C SER I 123 -36.89 40.76 45.09
N GLU J 1 0.89 37.38 45.39
CA GLU J 1 0.29 36.63 44.30
C GLU J 1 0.50 37.32 42.95
N VAL J 2 0.54 36.54 41.86
CA VAL J 2 0.58 37.13 40.52
C VAL J 2 -0.71 37.86 40.17
N VAL J 3 -0.67 39.18 40.24
CA VAL J 3 -1.77 40.01 39.79
C VAL J 3 -1.43 40.48 38.39
N LEU J 4 -2.14 39.94 37.40
CA LEU J 4 -1.87 40.22 36.00
C LEU J 4 -2.57 41.52 35.60
N THR J 5 -1.78 42.53 35.26
CA THR J 5 -2.31 43.82 34.82
C THR J 5 -2.24 43.86 33.30
N GLN J 6 -3.38 44.13 32.68
CA GLN J 6 -3.52 44.07 31.23
C GLN J 6 -3.79 45.45 30.68
N SER J 7 -2.99 45.88 29.71
CA SER J 7 -3.07 47.22 29.16
C SER J 7 -2.97 47.14 27.64
N PRO J 8 -3.45 48.15 26.91
CA PRO J 8 -4.17 49.34 27.39
C PRO J 8 -5.63 49.03 27.73
N GLY J 9 -6.27 49.92 28.48
CA GLY J 9 -7.63 49.65 28.92
C GLY J 9 -8.62 49.52 27.78
N THR J 10 -8.51 50.41 26.78
CA THR J 10 -9.43 50.41 25.66
C THR J 10 -8.67 50.79 24.39
N LEU J 11 -8.97 50.09 23.30
CA LEU J 11 -8.20 50.23 22.07
C LEU J 11 -9.14 50.53 20.90
N SER J 12 -8.80 51.56 20.12
CA SER J 12 -9.55 51.95 18.94
C SER J 12 -8.64 51.87 17.73
N LEU J 13 -9.05 51.12 16.71
CA LEU J 13 -8.23 50.91 15.53
C LEU J 13 -9.13 50.73 14.31
N SER J 14 -8.54 50.94 13.16
CA SER J 14 -9.22 50.75 11.88
C SER J 14 -8.90 49.38 11.33
N PRO J 15 -9.76 48.81 10.49
CA PRO J 15 -9.46 47.48 9.93
C PRO J 15 -8.36 47.52 8.88
N GLY J 16 -7.18 47.01 9.21
CA GLY J 16 -6.10 46.97 8.26
C GLY J 16 -4.69 47.18 8.81
N GLU J 17 -4.57 47.72 10.02
CA GLU J 17 -3.26 47.88 10.65
C GLU J 17 -3.10 46.93 11.85
N ARG J 18 -1.98 47.10 12.55
CA ARG J 18 -1.45 46.12 13.48
C ARG J 18 -1.74 46.52 14.93
N ALA J 19 -2.06 45.54 15.77
CA ALA J 19 -2.47 45.76 17.14
C ALA J 19 -1.60 44.97 18.10
N THR J 20 -1.31 45.56 19.26
CA THR J 20 -0.55 44.89 20.32
C THR J 20 -1.25 45.10 21.65
N LEU J 21 -1.40 44.00 22.39
CA LEU J 21 -2.01 44.01 23.73
C LEU J 21 -1.00 43.43 24.71
N SER J 22 -0.76 44.15 25.80
CA SER J 22 0.28 43.77 26.75
C SER J 22 -0.32 43.27 28.05
N CYS J 23 0.29 42.23 28.60
CA CYS J 23 -0.12 41.65 29.88
C CYS J 23 1.14 41.49 30.73
N ARG J 24 1.17 42.16 31.87
CA ARG J 24 2.38 42.24 32.69
C ARG J 24 2.06 41.87 34.13
N ALA J 25 2.90 41.02 34.70
CA ALA J 25 2.67 40.50 36.04
C ALA J 25 3.29 41.43 37.09
N SER J 26 3.04 41.11 38.35
CA SER J 26 3.65 41.84 39.46
C SER J 26 4.91 41.18 39.98
N GLN J 27 4.94 39.84 40.08
CA GLN J 27 6.17 39.14 40.40
C GLN J 27 6.38 38.06 39.35
N SER J 28 7.65 37.78 39.06
CA SER J 28 8.01 36.99 37.88
C SER J 28 7.38 35.61 37.93
N LEU J 29 6.85 35.19 36.79
CA LEU J 29 6.33 33.83 36.63
C LEU J 29 7.49 32.85 36.54
N GLY J 30 7.38 31.75 37.28
CA GLY J 30 8.43 30.75 37.25
C GLY J 30 8.31 29.79 36.08
N THR J 31 7.31 30.01 35.22
CA THR J 31 7.03 29.08 34.15
C THR J 31 6.54 29.80 32.90
N ASN J 32 6.04 29.05 31.93
CA ASN J 32 5.47 29.62 30.72
C ASN J 32 3.99 29.26 30.60
N TYR J 33 3.32 29.21 31.75
CA TYR J 33 1.91 28.87 31.82
C TYR J 33 1.06 30.13 31.69
N LEU J 34 1.04 30.72 30.50
CA LEU J 34 0.23 31.90 30.23
C LEU J 34 -0.47 31.73 28.89
N ALA J 35 -1.78 31.93 28.88
CA ALA J 35 -2.61 31.68 27.71
C ALA J 35 -3.48 32.89 27.41
N TRP J 36 -3.84 33.03 26.14
CA TRP J 36 -4.65 34.16 25.67
C TRP J 36 -5.97 33.65 25.12
N TYR J 37 -7.07 34.22 25.64
CA TYR J 37 -8.44 33.88 25.27
C TYR J 37 -9.14 35.09 24.65
N GLN J 38 -10.08 34.78 23.75
CA GLN J 38 -10.87 35.78 23.04
C GLN J 38 -12.34 35.55 23.36
N HIS J 39 -13.05 36.62 23.73
CA HIS J 39 -14.45 36.54 24.11
C HIS J 39 -15.26 37.55 23.31
N LYS J 40 -16.30 37.07 22.64
CA LYS J 40 -17.20 37.93 21.87
C LYS J 40 -18.59 37.87 22.49
N PRO J 41 -19.26 38.98 22.69
CA PRO J 41 -20.56 38.95 23.39
C PRO J 41 -21.55 38.02 22.70
N GLY J 42 -22.22 37.21 23.52
CA GLY J 42 -23.13 36.21 23.01
C GLY J 42 -22.50 34.87 22.69
N GLN J 43 -21.27 34.63 23.11
CA GLN J 43 -20.60 33.35 22.84
C GLN J 43 -19.72 32.98 24.03
N SER J 44 -19.41 31.70 24.10
CA SER J 44 -18.46 31.19 25.07
C SER J 44 -17.04 31.55 24.64
N PRO J 45 -16.12 31.76 25.59
CA PRO J 45 -14.77 32.18 25.23
C PRO J 45 -14.06 31.15 24.35
N ARG J 46 -13.00 31.60 23.70
CA ARG J 46 -12.27 30.79 22.74
C ARG J 46 -10.78 30.87 23.04
N LEU J 47 -10.11 29.72 23.06
CA LEU J 47 -8.68 29.70 23.27
C LEU J 47 -7.94 30.15 22.02
N LEU J 48 -7.02 31.09 22.19
CA LEU J 48 -6.21 31.59 21.08
C LEU J 48 -4.76 31.15 21.18
N ILE J 49 -4.08 31.46 22.29
CA ILE J 49 -2.65 31.22 22.42
C ILE J 49 -2.40 30.37 23.66
N ASP J 50 -1.60 29.33 23.51
CA ASP J 50 -1.32 28.40 24.58
C ASP J 50 0.18 28.35 24.87
N GLY J 51 0.52 28.30 26.16
CA GLY J 51 1.91 28.22 26.55
C GLY J 51 2.73 29.45 26.24
N ALA J 52 2.08 30.58 25.94
CA ALA J 52 2.65 31.89 25.66
C ALA J 52 3.36 31.95 24.32
N SER J 53 3.56 30.83 23.63
CA SER J 53 4.08 30.87 22.27
C SER J 53 3.40 29.92 21.30
N THR J 54 2.83 28.81 21.79
CA THR J 54 2.22 27.79 20.89
C THR J 54 0.83 28.30 20.49
N ARG J 55 0.22 27.73 19.45
CA ARG J 55 -1.07 28.23 18.96
C ARG J 55 -2.08 27.08 18.92
N ALA J 56 -3.35 27.37 19.22
CA ALA J 56 -4.38 26.33 19.24
C ALA J 56 -4.66 25.86 17.82
N ILE J 57 -5.23 24.66 17.66
CA ILE J 57 -5.46 24.11 16.30
C ILE J 57 -6.70 24.76 15.71
N GLY J 58 -6.60 25.28 14.50
CA GLY J 58 -7.75 25.89 13.81
C GLY J 58 -7.81 27.40 13.99
N ILE J 59 -6.68 28.06 14.24
CA ILE J 59 -6.79 29.49 14.52
C ILE J 59 -6.01 30.24 13.44
N PRO J 60 -6.53 31.36 12.93
CA PRO J 60 -5.87 32.06 11.82
C PRO J 60 -4.46 32.51 12.16
N ASP J 61 -3.77 32.98 11.12
CA ASP J 61 -2.34 33.26 11.18
C ASP J 61 -2.01 34.70 11.53
N ARG J 62 -3.00 35.59 11.61
CA ARG J 62 -2.70 36.97 11.97
C ARG J 62 -2.42 37.15 13.45
N PHE J 63 -2.71 36.12 14.26
CA PHE J 63 -2.48 36.15 15.70
C PHE J 63 -1.13 35.54 16.03
N SER J 64 -0.35 36.24 16.83
CA SER J 64 0.87 35.62 17.37
C SER J 64 1.22 36.27 18.69
N ALA J 65 1.66 35.46 19.65
CA ALA J 65 1.97 35.96 20.98
C ALA J 65 3.38 35.56 21.36
N SER J 66 3.95 36.30 22.28
CA SER J 66 5.29 36.01 22.79
C SER J 66 5.47 36.75 24.11
N GLY J 67 6.71 36.77 24.60
CA GLY J 67 7.02 37.41 25.86
C GLY J 67 7.79 36.49 26.79
N SER J 68 8.21 37.03 27.91
CA SER J 68 9.00 36.28 28.87
C SER J 68 9.05 37.06 30.17
N GLY J 69 9.53 36.38 31.21
CA GLY J 69 9.77 37.04 32.48
C GLY J 69 8.50 37.62 33.08
N THR J 70 8.38 38.95 32.99
CA THR J 70 7.25 39.66 33.56
C THR J 70 6.38 40.30 32.47
N ASP J 71 6.84 40.32 31.22
CA ASP J 71 6.16 41.06 30.16
C ASP J 71 5.71 40.11 29.07
N PHE J 72 4.44 40.19 28.65
CA PHE J 72 3.92 39.35 27.59
C PHE J 72 3.13 40.19 26.61
N THR J 73 3.17 39.79 25.34
CA THR J 73 2.59 40.61 24.28
C THR J 73 1.88 39.74 23.25
N LEU J 74 0.65 40.10 22.92
CA LEU J 74 -0.10 39.49 21.83
C LEU J 74 -0.23 40.49 20.71
N THR J 75 0.02 40.06 19.47
CA THR J 75 -0.07 40.95 18.33
C THR J 75 -0.99 40.36 17.26
N VAL J 76 -1.83 41.23 16.70
CA VAL J 76 -2.62 40.92 15.52
C VAL J 76 -2.00 41.70 14.38
N SER J 77 -1.57 40.97 13.34
CA SER J 77 -0.80 41.58 12.26
C SER J 77 -1.66 42.52 11.42
N ARG J 78 -2.73 42.00 10.82
CA ARG J 78 -3.63 42.79 10.00
C ARG J 78 -5.05 42.58 10.50
N LEU J 79 -5.63 43.62 11.10
CA LEU J 79 -6.99 43.53 11.62
C LEU J 79 -7.97 43.28 10.48
N GLU J 80 -9.00 42.52 10.78
CA GLU J 80 -10.12 42.26 9.89
C GLU J 80 -11.40 42.56 10.66
N PRO J 81 -12.42 43.14 10.01
CA PRO J 81 -13.57 43.67 10.77
C PRO J 81 -14.28 42.68 11.67
N GLU J 82 -13.91 41.39 11.63
CA GLU J 82 -14.56 40.42 12.51
C GLU J 82 -13.78 40.20 13.80
N ASP J 83 -12.64 40.86 13.96
CA ASP J 83 -11.71 40.56 15.04
C ASP J 83 -11.82 41.53 16.21
N PHE J 84 -13.02 41.99 16.54
CA PHE J 84 -13.21 42.97 17.59
C PHE J 84 -13.97 42.34 18.74
N ALA J 85 -13.32 42.23 19.90
CA ALA J 85 -13.78 41.40 21.00
C ALA J 85 -13.15 41.90 22.29
N VAL J 86 -13.16 41.06 23.32
CA VAL J 86 -12.40 41.29 24.54
C VAL J 86 -11.34 40.20 24.62
N TYR J 87 -10.16 40.58 25.11
CA TYR J 87 -9.02 39.67 25.16
C TYR J 87 -8.55 39.53 26.60
N TYR J 88 -8.34 38.29 27.04
CA TYR J 88 -7.96 37.98 28.41
C TYR J 88 -6.66 37.19 28.43
N CYS J 89 -5.75 37.57 29.32
CA CYS J 89 -4.58 36.75 29.61
C CYS J 89 -4.79 36.00 30.91
N GLN J 90 -4.47 34.71 30.90
CA GLN J 90 -4.72 33.83 32.03
C GLN J 90 -3.44 33.11 32.39
N HIS J 91 -3.21 32.93 33.69
CA HIS J 91 -2.05 32.20 34.20
C HIS J 91 -2.55 30.95 34.92
N TYR J 92 -2.42 29.79 34.27
CA TYR J 92 -2.88 28.54 34.84
C TYR J 92 -1.76 27.78 35.55
N GLY J 93 -0.72 28.48 35.97
CA GLY J 93 0.32 27.88 36.78
C GLY J 93 -0.07 27.94 38.24
N ASN J 94 0.76 28.55 39.06
CA ASN J 94 0.36 28.79 40.44
C ASN J 94 0.77 30.19 40.86
N PRO J 95 -0.13 30.99 41.46
CA PRO J 95 -1.54 30.65 41.68
C PRO J 95 -2.44 30.98 40.49
N TYR J 96 -3.63 30.37 40.47
CA TYR J 96 -4.58 30.58 39.39
C TYR J 96 -5.11 32.00 39.41
N THR J 97 -4.99 32.71 38.29
CA THR J 97 -5.53 34.06 38.16
C THR J 97 -5.98 34.30 36.73
N PHE J 98 -6.79 35.35 36.57
CA PHE J 98 -7.19 35.90 35.28
C PHE J 98 -6.83 37.37 35.22
N GLY J 99 -6.73 37.89 34.01
CA GLY J 99 -6.64 39.33 33.79
C GLY J 99 -8.01 39.96 33.83
N GLN J 100 -8.02 41.29 33.73
CA GLN J 100 -9.27 42.03 33.67
C GLN J 100 -9.78 42.27 32.27
N GLY J 101 -8.94 42.11 31.25
CA GLY J 101 -9.39 42.17 29.88
C GLY J 101 -9.07 43.47 29.16
N THR J 102 -8.91 43.38 27.84
CA THR J 102 -8.75 44.55 26.98
C THR J 102 -9.76 44.48 25.87
N LYS J 103 -10.50 45.56 25.66
CA LYS J 103 -11.60 45.59 24.70
C LYS J 103 -11.14 46.28 23.42
N LEU J 104 -11.39 45.64 22.28
CA LEU J 104 -10.94 46.13 20.99
C LEU J 104 -12.16 46.47 20.14
N GLU J 105 -12.40 47.77 19.93
CA GLU J 105 -13.55 48.21 19.16
C GLU J 105 -13.10 48.89 17.88
N ILE J 106 -14.07 49.34 17.09
CA ILE J 106 -13.84 49.88 15.76
C ILE J 106 -13.66 51.39 15.87
N LYS J 107 -12.70 51.93 15.12
CA LYS J 107 -12.52 53.37 15.03
C LYS J 107 -13.78 54.06 14.54
N GLU K 1 -26.09 -2.90 -13.58
CA GLU K 1 -27.30 -2.46 -14.25
C GLU K 1 -28.48 -3.36 -13.89
N VAL K 2 -28.96 -3.23 -12.66
CA VAL K 2 -30.05 -4.07 -12.17
C VAL K 2 -31.36 -3.49 -12.69
N GLN K 3 -32.19 -4.34 -13.31
CA GLN K 3 -33.44 -3.83 -13.86
C GLN K 3 -34.44 -4.96 -14.04
N LEU K 4 -35.71 -4.56 -14.15
CA LEU K 4 -36.83 -5.45 -14.38
C LEU K 4 -37.66 -4.92 -15.53
N VAL K 5 -38.23 -5.81 -16.33
CA VAL K 5 -39.04 -5.43 -17.48
C VAL K 5 -40.30 -6.28 -17.51
N GLU K 6 -41.46 -5.65 -17.58
CA GLU K 6 -42.73 -6.36 -17.64
C GLU K 6 -43.14 -6.59 -19.09
N SER K 7 -44.05 -7.55 -19.27
CA SER K 7 -44.62 -7.82 -20.59
C SER K 7 -45.89 -8.64 -20.43
N GLY K 8 -46.82 -8.43 -21.36
CA GLY K 8 -48.03 -9.24 -21.44
C GLY K 8 -49.33 -8.49 -21.27
N GLY K 9 -49.31 -7.16 -21.15
CA GLY K 9 -50.54 -6.41 -20.97
C GLY K 9 -51.37 -6.33 -22.24
N GLY K 10 -52.61 -5.87 -22.07
CA GLY K 10 -53.51 -5.78 -23.21
C GLY K 10 -54.97 -5.79 -22.78
N LEU K 11 -55.83 -5.96 -23.77
CA LEU K 11 -57.27 -5.89 -23.61
C LEU K 11 -57.89 -7.28 -23.69
N VAL K 12 -58.74 -7.61 -22.72
CA VAL K 12 -59.34 -8.95 -22.63
C VAL K 12 -60.83 -8.81 -22.35
N GLN K 13 -61.64 -9.55 -23.10
CA GLN K 13 -63.06 -9.60 -22.81
C GLN K 13 -63.31 -10.35 -21.51
N PRO K 14 -64.33 -9.97 -20.75
CA PRO K 14 -64.53 -10.58 -19.43
C PRO K 14 -64.71 -12.10 -19.51
N GLY K 15 -64.14 -12.79 -18.52
CA GLY K 15 -64.12 -14.23 -18.48
C GLY K 15 -62.89 -14.85 -19.10
N GLY K 16 -62.04 -14.05 -19.73
CA GLY K 16 -60.86 -14.56 -20.41
C GLY K 16 -59.73 -14.89 -19.45
N SER K 17 -58.51 -14.77 -19.96
CA SER K 17 -57.31 -15.11 -19.20
C SER K 17 -56.10 -14.41 -19.79
N LEU K 18 -55.07 -14.24 -18.96
CA LEU K 18 -53.78 -13.73 -19.42
C LEU K 18 -52.63 -14.31 -18.62
N ARG K 19 -51.43 -13.97 -19.07
CA ARG K 19 -50.17 -14.52 -18.58
C ARG K 19 -49.14 -13.43 -18.65
N LEU K 20 -48.83 -12.80 -17.53
CA LEU K 20 -47.87 -11.70 -17.49
C LEU K 20 -46.50 -12.23 -17.07
N SER K 21 -45.46 -11.61 -17.62
CA SER K 21 -44.09 -12.02 -17.33
C SER K 21 -43.25 -10.81 -16.93
N CYS K 22 -42.31 -11.06 -16.04
CA CYS K 22 -41.34 -10.06 -15.57
C CYS K 22 -39.95 -10.66 -15.71
N ALA K 23 -39.10 -10.01 -16.50
CA ALA K 23 -37.76 -10.49 -16.79
C ALA K 23 -36.75 -9.59 -16.09
N ALA K 24 -35.80 -10.21 -15.39
CA ALA K 24 -34.85 -9.50 -14.55
C ALA K 24 -33.46 -9.60 -15.13
N SER K 25 -32.63 -8.59 -14.83
CA SER K 25 -31.24 -8.64 -15.26
C SER K 25 -30.38 -7.94 -14.21
N GLY K 26 -29.20 -8.49 -13.99
CA GLY K 26 -28.25 -7.96 -13.04
C GLY K 26 -28.14 -8.74 -11.75
N PHE K 27 -29.08 -9.63 -11.47
CA PHE K 27 -29.09 -10.38 -10.21
C PHE K 27 -29.77 -11.71 -10.43
N SER K 28 -29.96 -12.46 -9.34
CA SER K 28 -30.47 -13.81 -9.37
C SER K 28 -31.72 -13.94 -8.50
N PHE K 29 -32.61 -14.85 -8.88
CA PHE K 29 -33.79 -15.11 -8.07
C PHE K 29 -33.53 -16.07 -6.93
N THR K 30 -32.31 -16.60 -6.81
CA THR K 30 -31.99 -17.58 -5.80
C THR K 30 -31.63 -16.95 -4.47
N THR K 31 -31.69 -15.63 -4.36
CA THR K 31 -31.33 -14.93 -3.13
C THR K 31 -32.34 -13.86 -2.76
N TYR K 32 -33.20 -13.43 -3.67
CA TYR K 32 -34.10 -12.31 -3.45
C TYR K 32 -35.56 -12.74 -3.51
N GLU K 33 -36.42 -11.95 -2.89
CA GLU K 33 -37.85 -12.21 -2.80
C GLU K 33 -38.62 -11.26 -3.72
N MET K 34 -39.66 -11.78 -4.37
CA MET K 34 -40.32 -11.06 -5.44
C MET K 34 -41.79 -10.82 -5.14
N ASN K 35 -42.35 -9.79 -5.76
CA ASN K 35 -43.70 -9.36 -5.46
C ASN K 35 -44.40 -8.86 -6.72
N TRP K 36 -45.69 -9.14 -6.81
CA TRP K 36 -46.57 -8.53 -7.79
C TRP K 36 -47.47 -7.52 -7.08
N VAL K 37 -47.40 -6.26 -7.52
CA VAL K 37 -48.20 -5.16 -6.97
C VAL K 37 -48.97 -4.52 -8.11
N ARG K 38 -50.08 -3.87 -7.80
CA ARG K 38 -50.90 -3.26 -8.83
C ARG K 38 -51.49 -1.93 -8.36
N GLN K 39 -51.79 -1.09 -9.35
CA GLN K 39 -52.49 0.17 -9.12
C GLN K 39 -53.73 0.20 -9.99
N ALA K 40 -54.87 0.42 -9.37
CA ALA K 40 -56.15 0.58 -10.06
C ALA K 40 -56.21 1.97 -10.69
N PRO K 41 -57.14 2.20 -11.61
CA PRO K 41 -57.29 3.56 -12.17
C PRO K 41 -57.91 4.50 -11.15
N GLY K 42 -57.12 5.48 -10.72
CA GLY K 42 -57.58 6.47 -9.77
C GLY K 42 -57.57 6.05 -8.32
N LYS K 43 -56.88 4.96 -7.98
CA LYS K 43 -56.86 4.44 -6.61
C LYS K 43 -55.41 4.21 -6.18
N GLY K 44 -55.26 3.90 -4.89
CA GLY K 44 -53.95 3.62 -4.34
C GLY K 44 -53.49 2.21 -4.62
N LEU K 45 -52.23 1.95 -4.25
CA LEU K 45 -51.60 0.67 -4.54
C LEU K 45 -52.25 -0.46 -3.76
N GLU K 46 -52.18 -1.66 -4.32
CA GLU K 46 -52.68 -2.87 -3.68
C GLU K 46 -51.66 -3.99 -3.84
N TRP K 47 -51.33 -4.65 -2.73
CA TRP K 47 -50.40 -5.77 -2.76
C TRP K 47 -51.12 -7.02 -3.23
N VAL K 48 -50.60 -7.63 -4.30
CA VAL K 48 -51.25 -8.77 -4.94
C VAL K 48 -50.63 -10.09 -4.49
N SER K 49 -49.32 -10.26 -4.67
CA SER K 49 -48.74 -11.55 -4.35
C SER K 49 -47.29 -11.42 -3.95
N HIS K 50 -46.84 -12.35 -3.10
CA HIS K 50 -45.47 -12.40 -2.61
C HIS K 50 -44.93 -13.81 -2.74
N ILE K 51 -43.73 -13.94 -3.31
CA ILE K 51 -43.02 -15.21 -3.43
C ILE K 51 -41.65 -15.06 -2.80
N SER K 52 -41.21 -16.12 -2.12
CA SER K 52 -39.98 -16.12 -1.36
C SER K 52 -38.78 -16.39 -2.26
N SER K 53 -37.59 -16.38 -1.66
CA SER K 53 -36.37 -16.62 -2.41
C SER K 53 -36.13 -18.11 -2.63
N ARG K 54 -36.99 -18.96 -2.10
CA ARG K 54 -36.85 -20.41 -2.23
C ARG K 54 -38.18 -21.08 -2.59
N GLY K 55 -39.04 -20.33 -3.26
CA GLY K 55 -40.22 -20.96 -3.87
C GLY K 55 -41.53 -20.83 -3.17
N LEU K 56 -41.56 -20.85 -1.85
CA LEU K 56 -42.88 -20.90 -1.21
C LEU K 56 -43.67 -19.65 -1.58
N VAL K 57 -44.94 -19.80 -1.99
CA VAL K 57 -45.77 -18.60 -2.26
C VAL K 57 -46.38 -18.21 -0.92
N ILE K 58 -45.72 -17.30 -0.19
CA ILE K 58 -46.15 -16.92 1.18
C ILE K 58 -47.54 -16.29 1.23
N TYR K 59 -47.91 -15.43 0.27
CA TYR K 59 -49.18 -14.67 0.40
C TYR K 59 -49.94 -14.41 -0.90
N TYR K 60 -51.27 -14.43 -0.85
CA TYR K 60 -52.14 -14.01 -1.99
C TYR K 60 -53.19 -13.08 -1.38
N ALA K 61 -53.52 -11.96 -2.04
CA ALA K 61 -54.57 -11.04 -1.55
C ALA K 61 -55.91 -11.73 -1.63
N ASP K 62 -56.84 -11.45 -0.71
CA ASP K 62 -58.12 -12.21 -0.65
C ASP K 62 -58.87 -12.08 -1.98
N SER K 63 -58.87 -10.91 -2.58
CA SER K 63 -59.63 -10.65 -3.82
C SER K 63 -59.15 -11.53 -4.98
N VAL K 64 -57.85 -11.78 -5.08
CA VAL K 64 -57.30 -12.53 -6.25
C VAL K 64 -57.14 -14.01 -5.93
N LYS K 65 -57.61 -14.47 -4.78
CA LYS K 65 -57.39 -15.89 -4.38
C LYS K 65 -58.19 -16.82 -5.26
N GLY K 66 -57.61 -17.96 -5.65
CA GLY K 66 -58.34 -18.99 -6.41
C GLY K 66 -58.33 -18.74 -7.89
N ARG K 67 -57.88 -17.58 -8.33
CA ARG K 67 -57.94 -17.28 -9.77
C ARG K 67 -56.56 -16.86 -10.27
N PHE K 68 -55.61 -16.62 -9.36
CA PHE K 68 -54.28 -16.14 -9.77
C PHE K 68 -53.23 -17.17 -9.34
N THR K 69 -52.28 -17.50 -10.22
CA THR K 69 -51.20 -18.44 -9.84
C THR K 69 -49.83 -17.83 -10.12
N MET K 70 -49.08 -17.50 -9.07
CA MET K 70 -47.74 -16.95 -9.17
C MET K 70 -46.72 -18.07 -9.31
N SER K 71 -45.76 -17.88 -10.20
CA SER K 71 -44.72 -18.89 -10.38
C SER K 71 -43.47 -18.19 -10.90
N ARG K 72 -42.36 -18.93 -10.90
CA ARG K 72 -41.10 -18.37 -11.32
C ARG K 72 -40.29 -19.41 -12.07
N ASP K 73 -39.15 -18.97 -12.60
CA ASP K 73 -38.21 -19.84 -13.29
C ASP K 73 -36.83 -19.21 -13.14
N THR K 74 -35.92 -19.90 -12.46
CA THR K 74 -34.60 -19.37 -12.17
C THR K 74 -33.60 -19.60 -13.29
N ALA K 75 -33.82 -20.62 -14.13
CA ALA K 75 -32.91 -20.86 -15.23
C ALA K 75 -32.96 -19.74 -16.27
N LYS K 76 -34.08 -19.03 -16.36
CA LYS K 76 -34.23 -17.91 -17.27
C LYS K 76 -34.41 -16.58 -16.55
N ASN K 77 -34.44 -16.59 -15.23
CA ASN K 77 -34.69 -15.39 -14.42
C ASN K 77 -35.98 -14.70 -14.84
N SER K 78 -37.08 -15.44 -14.73
CA SER K 78 -38.37 -14.90 -15.14
C SER K 78 -39.42 -15.18 -14.08
N LEU K 79 -40.40 -14.29 -14.00
CA LEU K 79 -41.52 -14.40 -13.07
C LEU K 79 -42.82 -14.36 -13.87
N TYR K 80 -43.77 -15.22 -13.51
CA TYR K 80 -45.01 -15.29 -14.25
C TYR K 80 -46.20 -15.18 -13.31
N LEU K 81 -47.22 -14.47 -13.77
CA LEU K 81 -48.53 -14.41 -13.11
C LEU K 81 -49.57 -14.88 -14.11
N GLN K 82 -50.19 -16.02 -13.83
CA GLN K 82 -51.27 -16.57 -14.63
C GLN K 82 -52.60 -16.16 -14.01
N MET K 83 -53.39 -15.39 -14.73
CA MET K 83 -54.66 -14.92 -14.19
C MET K 83 -55.80 -15.39 -15.08
N ASP K 84 -56.85 -15.90 -14.43
CA ASP K 84 -57.95 -16.57 -15.09
C ASP K 84 -59.27 -15.99 -14.60
N SER K 85 -60.29 -16.06 -15.45
CA SER K 85 -61.65 -15.59 -15.13
C SER K 85 -61.64 -14.14 -14.67
N LEU K 86 -61.21 -13.26 -15.58
CA LEU K 86 -61.04 -11.86 -15.26
C LEU K 86 -62.37 -11.15 -15.09
N THR K 87 -62.37 -10.14 -14.22
CA THR K 87 -63.49 -9.28 -13.95
C THR K 87 -63.16 -7.87 -14.43
N VAL K 88 -64.19 -7.05 -14.65
CA VAL K 88 -63.97 -5.65 -14.95
C VAL K 88 -63.24 -4.94 -13.83
N ALA K 89 -63.21 -5.52 -12.63
CA ALA K 89 -62.52 -4.95 -11.49
C ALA K 89 -61.03 -5.31 -11.45
N ASP K 90 -60.45 -5.72 -12.58
CA ASP K 90 -59.04 -6.05 -12.66
C ASP K 90 -58.27 -5.17 -13.63
N THR K 91 -58.92 -4.16 -14.20
CA THR K 91 -58.22 -3.21 -15.04
C THR K 91 -57.21 -2.44 -14.21
N ALA K 92 -55.94 -2.48 -14.59
CA ALA K 92 -54.93 -1.90 -13.70
C ALA K 92 -53.59 -1.80 -14.40
N VAL K 93 -52.59 -1.34 -13.63
CA VAL K 93 -51.19 -1.35 -14.00
C VAL K 93 -50.45 -2.22 -13.00
N TYR K 94 -49.60 -3.11 -13.50
CA TYR K 94 -48.92 -4.11 -12.68
C TYR K 94 -47.42 -3.86 -12.66
N TYR K 95 -46.82 -4.02 -11.48
CA TYR K 95 -45.39 -3.89 -11.26
C TYR K 95 -44.86 -5.15 -10.59
N CYS K 96 -43.63 -5.53 -10.94
CA CYS K 96 -42.88 -6.52 -10.19
C CYS K 96 -41.82 -5.81 -9.36
N ALA K 97 -41.77 -6.14 -8.07
CA ALA K 97 -40.92 -5.44 -7.12
C ALA K 97 -40.11 -6.43 -6.30
N ARG K 98 -38.94 -5.99 -5.84
CA ARG K 98 -37.96 -6.87 -5.21
C ARG K 98 -37.64 -6.43 -3.79
N HIS K 99 -37.49 -7.40 -2.89
CA HIS K 99 -36.95 -7.09 -1.56
C HIS K 99 -36.30 -8.33 -0.95
N TYR K 100 -35.75 -8.16 0.24
CA TYR K 100 -34.70 -9.03 0.77
C TYR K 100 -35.06 -9.52 2.17
N PHE K 101 -34.47 -10.65 2.56
CA PHE K 101 -34.59 -11.19 3.91
C PHE K 101 -33.20 -11.43 4.48
N ASP K 102 -32.87 -10.75 5.57
CA ASP K 102 -31.60 -10.91 6.24
C ASP K 102 -31.80 -11.77 7.48
N ARG K 103 -30.80 -12.59 7.80
CA ARG K 103 -30.96 -13.54 8.90
C ARG K 103 -30.44 -12.96 10.20
N ASP K 104 -30.12 -11.67 10.22
CA ASP K 104 -29.71 -11.00 11.44
C ASP K 104 -30.68 -9.88 11.77
N TRP K 105 -31.11 -9.13 10.75
CA TRP K 105 -32.06 -8.04 10.95
C TRP K 105 -33.42 -8.39 10.35
N GLY K 106 -33.48 -8.67 9.04
CA GLY K 106 -34.68 -9.26 8.48
C GLY K 106 -35.59 -8.31 7.72
N TYR K 107 -35.91 -8.68 6.48
CA TYR K 107 -37.01 -8.08 5.73
C TYR K 107 -36.83 -6.56 5.56
N SER K 108 -35.85 -6.18 4.74
CA SER K 108 -35.58 -4.77 4.49
C SER K 108 -36.76 -4.00 3.89
N GLY K 109 -37.14 -4.28 2.65
CA GLY K 109 -38.21 -3.50 2.03
C GLY K 109 -37.99 -3.28 0.54
N MET K 110 -39.09 -3.08 -0.18
CA MET K 110 -39.07 -3.12 -1.64
C MET K 110 -38.32 -1.92 -2.21
N ASP K 111 -37.13 -2.18 -2.76
CA ASP K 111 -36.27 -1.11 -3.25
C ASP K 111 -36.06 -1.11 -4.76
N LEU K 112 -36.61 -2.07 -5.49
CA LEU K 112 -36.47 -2.11 -6.94
C LEU K 112 -37.83 -2.42 -7.55
N TRP K 113 -38.25 -1.60 -8.51
CA TRP K 113 -39.54 -1.75 -9.16
C TRP K 113 -39.37 -1.80 -10.67
N GLY K 114 -40.24 -2.55 -11.34
CA GLY K 114 -40.29 -2.57 -12.78
C GLY K 114 -41.12 -1.42 -13.32
N GLN K 115 -41.01 -1.19 -14.62
CA GLN K 115 -41.70 -0.05 -15.23
C GLN K 115 -43.20 -0.24 -15.35
N GLY K 116 -43.71 -1.46 -15.28
CA GLY K 116 -45.14 -1.69 -15.20
C GLY K 116 -45.82 -1.92 -16.53
N THR K 117 -46.90 -2.71 -16.53
CA THR K 117 -47.64 -3.02 -17.74
C THR K 117 -49.14 -2.86 -17.49
N THR K 118 -49.89 -2.59 -18.55
CA THR K 118 -51.28 -2.18 -18.43
C THR K 118 -52.21 -3.27 -18.95
N VAL K 119 -53.29 -3.52 -18.21
CA VAL K 119 -54.29 -4.50 -18.61
C VAL K 119 -55.68 -3.90 -18.45
N THR K 120 -56.54 -4.16 -19.44
CA THR K 120 -57.91 -3.66 -19.46
C THR K 120 -58.87 -4.80 -19.74
N VAL K 121 -60.06 -4.71 -19.17
CA VAL K 121 -61.10 -5.73 -19.33
C VAL K 121 -62.40 -5.00 -19.63
N SER K 122 -62.92 -5.19 -20.85
CA SER K 122 -64.14 -4.51 -21.26
C SER K 122 -64.64 -5.16 -22.55
N SER K 123 -65.73 -4.62 -23.07
CA SER K 123 -66.31 -5.10 -24.33
C SER K 123 -66.32 -3.99 -25.37
N GLU L 1 -57.28 -6.59 11.58
CA GLU L 1 -56.12 -6.34 10.74
C GLU L 1 -55.64 -4.90 10.88
N VAL L 2 -54.34 -4.65 10.66
CA VAL L 2 -53.82 -3.29 10.61
C VAL L 2 -54.34 -2.52 9.40
N VAL L 3 -55.31 -1.65 9.63
CA VAL L 3 -55.79 -0.75 8.61
C VAL L 3 -55.09 0.59 8.82
N LEU L 4 -54.18 0.91 7.92
CA LEU L 4 -53.36 2.12 8.04
C LEU L 4 -54.13 3.31 7.48
N THR L 5 -54.47 4.26 8.35
CA THR L 5 -55.17 5.47 7.95
C THR L 5 -54.15 6.59 7.83
N GLN L 6 -54.11 7.23 6.67
CA GLN L 6 -53.10 8.22 6.33
C GLN L 6 -53.76 9.58 6.17
N SER L 7 -53.23 10.57 6.90
CA SER L 7 -53.82 11.90 6.93
C SER L 7 -52.70 12.94 6.83
N PRO L 8 -53.01 14.16 6.39
CA PRO L 8 -54.30 14.65 5.91
C PRO L 8 -54.59 14.19 4.48
N GLY L 9 -55.85 14.27 4.06
CA GLY L 9 -56.22 13.78 2.76
C GLY L 9 -55.52 14.52 1.62
N THR L 10 -55.45 15.85 1.72
CA THR L 10 -54.85 16.66 0.67
C THR L 10 -54.11 17.83 1.30
N LEU L 11 -52.92 18.11 0.77
CA LEU L 11 -52.03 19.09 1.38
C LEU L 11 -51.62 20.14 0.35
N SER L 12 -51.74 21.41 0.73
CA SER L 12 -51.34 22.53 -0.12
C SER L 12 -50.29 23.34 0.62
N LEU L 13 -49.14 23.54 -0.03
CA LEU L 13 -48.03 24.25 0.60
C LEU L 13 -47.24 25.00 -0.46
N SER L 14 -46.48 25.97 0.00
CA SER L 14 -45.61 26.75 -0.86
C SER L 14 -44.19 26.19 -0.81
N PRO L 15 -43.37 26.40 -1.84
CA PRO L 15 -42.01 25.87 -1.79
C PRO L 15 -41.11 26.64 -0.84
N GLY L 16 -40.77 26.05 0.29
CA GLY L 16 -39.88 26.71 1.23
C GLY L 16 -40.14 26.45 2.70
N GLU L 17 -41.32 25.96 3.06
CA GLU L 17 -41.62 25.62 4.45
C GLU L 17 -41.75 24.10 4.63
N ARG L 18 -42.14 23.71 5.83
CA ARG L 18 -41.99 22.35 6.34
C ARG L 18 -43.32 21.61 6.30
N ALA L 19 -43.26 20.32 5.96
CA ALA L 19 -44.44 19.49 5.77
C ALA L 19 -44.37 18.24 6.63
N THR L 20 -45.53 17.82 7.15
CA THR L 20 -45.64 16.61 7.96
C THR L 20 -46.83 15.80 7.47
N LEU L 21 -46.61 14.49 7.27
CA LEU L 21 -47.63 13.55 6.84
C LEU L 21 -47.71 12.45 7.88
N SER L 22 -48.92 12.15 8.35
CA SER L 22 -49.11 11.21 9.45
C SER L 22 -49.76 9.94 8.95
N CYS L 23 -49.29 8.81 9.49
CA CYS L 23 -49.84 7.49 9.17
C CYS L 23 -50.07 6.78 10.49
N ARG L 24 -51.32 6.41 10.76
CA ARG L 24 -51.71 5.89 12.06
C ARG L 24 -52.50 4.60 11.88
N ALA L 25 -52.14 3.59 12.67
CA ALA L 25 -52.74 2.28 12.55
C ALA L 25 -53.99 2.17 13.40
N SER L 26 -54.68 1.03 13.29
CA SER L 26 -55.84 0.75 14.13
C SER L 26 -55.49 -0.08 15.34
N GLN L 27 -54.62 -1.09 15.21
CA GLN L 27 -54.12 -1.81 16.36
C GLN L 27 -52.60 -1.81 16.29
N SER L 28 -51.96 -1.80 17.46
CA SER L 28 -50.53 -1.50 17.55
C SER L 28 -49.71 -2.50 16.75
N LEU L 29 -48.72 -1.99 16.04
CA LEU L 29 -47.77 -2.81 15.31
C LEU L 29 -46.79 -3.43 16.29
N GLY L 30 -46.55 -4.74 16.15
CA GLY L 30 -45.62 -5.41 17.04
C GLY L 30 -44.18 -5.24 16.64
N THR L 31 -43.92 -4.48 15.58
CA THR L 31 -42.58 -4.35 15.04
C THR L 31 -42.34 -2.95 14.49
N ASN L 32 -41.23 -2.78 13.77
CA ASN L 32 -40.91 -1.51 13.13
C ASN L 32 -40.85 -1.69 11.62
N TYR L 33 -41.73 -2.54 11.09
CA TYR L 33 -41.80 -2.82 9.67
C TYR L 33 -42.76 -1.84 9.00
N LEU L 34 -42.36 -0.58 8.90
CA LEU L 34 -43.15 0.44 8.23
C LEU L 34 -42.25 1.28 7.35
N ALA L 35 -42.64 1.43 6.09
CA ALA L 35 -41.80 2.09 5.09
C ALA L 35 -42.61 3.16 4.35
N TRP L 36 -41.92 4.17 3.86
CA TRP L 36 -42.54 5.30 3.16
C TRP L 36 -42.05 5.33 1.72
N TYR L 37 -43.01 5.36 0.79
CA TYR L 37 -42.78 5.39 -0.65
C TYR L 37 -43.32 6.68 -1.26
N GLN L 38 -42.68 7.11 -2.34
CA GLN L 38 -43.03 8.31 -3.08
C GLN L 38 -43.37 7.93 -4.52
N HIS L 39 -44.51 8.43 -5.02
CA HIS L 39 -44.97 8.08 -6.35
C HIS L 39 -45.29 9.36 -7.11
N LYS L 40 -44.69 9.52 -8.29
CA LYS L 40 -44.93 10.67 -9.14
C LYS L 40 -45.56 10.18 -10.44
N PRO L 41 -46.63 10.82 -10.93
CA PRO L 41 -47.33 10.30 -12.11
C PRO L 41 -46.39 10.15 -13.30
N GLY L 42 -46.50 9.01 -13.98
CA GLY L 42 -45.60 8.67 -15.06
C GLY L 42 -44.33 7.97 -14.67
N GLN L 43 -44.22 7.48 -13.44
CA GLN L 43 -43.02 6.79 -12.99
C GLN L 43 -43.40 5.68 -12.03
N SER L 44 -42.48 4.73 -11.88
CA SER L 44 -42.62 3.68 -10.89
C SER L 44 -42.32 4.24 -9.50
N PRO L 45 -42.94 3.70 -8.46
CA PRO L 45 -42.73 4.25 -7.10
C PRO L 45 -41.28 4.16 -6.68
N ARG L 46 -40.96 4.93 -5.65
CA ARG L 46 -39.59 5.05 -5.16
C ARG L 46 -39.57 4.90 -3.65
N LEU L 47 -38.65 4.09 -3.15
CA LEU L 47 -38.50 3.91 -1.72
C LEU L 47 -37.83 5.12 -1.10
N LEU L 48 -38.43 5.65 -0.04
CA LEU L 48 -37.88 6.79 0.69
C LEU L 48 -37.36 6.40 2.06
N ILE L 49 -38.20 5.83 2.90
CA ILE L 49 -37.86 5.56 4.30
C ILE L 49 -38.07 4.09 4.58
N ASP L 50 -37.08 3.47 5.22
CA ASP L 50 -37.12 2.04 5.51
C ASP L 50 -37.00 1.80 7.00
N GLY L 51 -37.78 0.85 7.49
CA GLY L 51 -37.73 0.50 8.90
C GLY L 51 -38.23 1.58 9.83
N ALA L 52 -38.95 2.58 9.31
CA ALA L 52 -39.56 3.69 10.01
C ALA L 52 -38.54 4.70 10.55
N SER L 53 -37.25 4.45 10.32
CA SER L 53 -36.21 5.43 10.73
C SER L 53 -35.06 5.46 9.71
N THR L 54 -34.51 4.30 9.33
CA THR L 54 -33.35 4.22 8.42
C THR L 54 -33.73 4.80 7.06
N ARG L 55 -32.79 5.45 6.37
CA ARG L 55 -33.10 6.10 5.07
C ARG L 55 -32.44 5.31 3.95
N ALA L 56 -33.07 5.26 2.78
CA ALA L 56 -32.54 4.50 1.64
C ALA L 56 -31.31 5.20 1.08
N ILE L 57 -30.46 4.47 0.36
CA ILE L 57 -29.18 5.06 -0.13
C ILE L 57 -29.47 5.92 -1.36
N GLY L 58 -28.96 7.15 -1.38
CA GLY L 58 -29.14 8.05 -2.52
C GLY L 58 -30.33 8.97 -2.37
N ILE L 59 -30.78 9.22 -1.15
CA ILE L 59 -31.99 10.02 -1.02
C ILE L 59 -31.64 11.33 -0.29
N PRO L 60 -32.18 12.46 -0.72
CA PRO L 60 -31.79 13.74 -0.12
C PRO L 60 -32.07 13.82 1.37
N ASP L 61 -31.56 14.88 1.99
CA ASP L 61 -31.54 15.03 3.43
C ASP L 61 -32.73 15.79 4.00
N ARG L 62 -33.59 16.36 3.15
CA ARG L 62 -34.74 17.06 3.68
C ARG L 62 -35.83 16.11 4.17
N PHE L 63 -35.73 14.83 3.85
CA PHE L 63 -36.69 13.82 4.26
C PHE L 63 -36.23 13.16 5.55
N SER L 64 -37.13 13.05 6.53
CA SER L 64 -36.83 12.25 7.70
C SER L 64 -38.13 11.75 8.31
N ALA L 65 -38.13 10.50 8.75
CA ALA L 65 -39.34 9.90 9.29
C ALA L 65 -39.05 9.34 10.68
N SER L 66 -40.11 9.19 11.46
CA SER L 66 -40.00 8.63 12.80
C SER L 66 -41.39 8.19 13.25
N GLY L 67 -41.51 7.85 14.52
CA GLY L 67 -42.76 7.39 15.08
C GLY L 67 -42.60 6.10 15.83
N SER L 68 -43.68 5.66 16.46
CA SER L 68 -43.67 4.45 17.26
C SER L 68 -45.09 4.06 17.58
N GLY L 69 -45.25 2.83 18.11
CA GLY L 69 -46.53 2.39 18.59
C GLY L 69 -47.59 2.38 17.50
N THR L 70 -48.48 3.36 17.55
CA THR L 70 -49.59 3.47 16.61
C THR L 70 -49.45 4.68 15.70
N ASP L 71 -48.51 5.59 16.00
CA ASP L 71 -48.44 6.87 15.29
C ASP L 71 -47.10 6.98 14.58
N PHE L 72 -47.12 7.35 13.30
CA PHE L 72 -45.89 7.52 12.53
C PHE L 72 -45.96 8.81 11.74
N THR L 73 -44.80 9.45 11.55
CA THR L 73 -44.76 10.78 10.95
C THR L 73 -43.57 10.90 10.02
N LEU L 74 -43.84 11.39 8.81
CA LEU L 74 -42.79 11.75 7.86
C LEU L 74 -42.75 13.26 7.71
N THR L 75 -41.56 13.84 7.73
CA THR L 75 -41.42 15.28 7.63
C THR L 75 -40.44 15.64 6.51
N VAL L 76 -40.83 16.63 5.73
CA VAL L 76 -39.95 17.28 4.76
C VAL L 76 -39.59 18.64 5.33
N SER L 77 -38.28 18.87 5.52
CA SER L 77 -37.83 20.07 6.21
C SER L 77 -38.08 21.32 5.39
N ARG L 78 -37.50 21.38 4.19
CA ARG L 78 -37.66 22.54 3.30
C ARG L 78 -38.13 22.03 1.94
N LEU L 79 -39.38 22.33 1.60
CA LEU L 79 -39.91 21.90 0.32
C LEU L 79 -39.15 22.54 -0.83
N GLU L 80 -39.02 21.79 -1.91
CA GLU L 80 -38.44 22.26 -3.16
C GLU L 80 -39.43 21.92 -4.27
N PRO L 81 -39.56 22.79 -5.28
CA PRO L 81 -40.68 22.63 -6.24
C PRO L 81 -40.72 21.28 -6.96
N GLU L 82 -39.73 20.42 -6.77
CA GLU L 82 -39.77 19.11 -7.43
C GLU L 82 -40.34 18.03 -6.53
N ASP L 83 -40.70 18.37 -5.29
CA ASP L 83 -41.07 17.39 -4.28
C ASP L 83 -42.58 17.23 -4.11
N PHE L 84 -43.35 17.32 -5.19
CA PHE L 84 -44.79 17.25 -5.10
C PHE L 84 -45.28 15.98 -5.79
N ALA L 85 -45.88 15.08 -5.01
CA ALA L 85 -46.13 13.71 -5.44
C ALA L 85 -47.26 13.14 -4.58
N VAL L 86 -47.36 11.82 -4.58
CA VAL L 86 -48.22 11.09 -3.64
C VAL L 86 -47.31 10.27 -2.72
N TYR L 87 -47.69 10.18 -1.46
CA TYR L 87 -46.88 9.51 -0.46
C TYR L 87 -47.68 8.38 0.18
N TYR L 88 -47.07 7.19 0.26
CA TYR L 88 -47.72 6.00 0.78
C TYR L 88 -46.93 5.43 1.95
N CYS L 89 -47.64 5.05 3.01
CA CYS L 89 -47.04 4.28 4.08
C CYS L 89 -47.45 2.82 3.94
N GLN L 90 -46.47 1.92 4.08
CA GLN L 90 -46.68 0.51 3.87
C GLN L 90 -46.18 -0.27 5.07
N HIS L 91 -46.90 -1.32 5.44
CA HIS L 91 -46.52 -2.19 6.55
C HIS L 91 -46.24 -3.57 5.98
N TYR L 92 -44.95 -3.92 5.86
CA TYR L 92 -44.54 -5.20 5.32
C TYR L 92 -44.29 -6.24 6.40
N GLY L 93 -44.86 -6.06 7.57
CA GLY L 93 -44.80 -7.05 8.62
C GLY L 93 -45.92 -8.05 8.42
N ASN L 94 -46.76 -8.23 9.44
CA ASN L 94 -47.95 -9.05 9.26
C ASN L 94 -49.15 -8.37 9.91
N PRO L 95 -50.28 -8.25 9.21
CA PRO L 95 -50.46 -8.63 7.81
C PRO L 95 -50.05 -7.55 6.81
N TYR L 96 -49.83 -7.96 5.56
CA TYR L 96 -49.41 -7.03 4.52
C TYR L 96 -50.53 -6.05 4.18
N THR L 97 -50.24 -4.76 4.25
CA THR L 97 -51.20 -3.72 3.89
C THR L 97 -50.47 -2.52 3.30
N PHE L 98 -51.25 -1.68 2.62
CA PHE L 98 -50.83 -0.38 2.14
C PHE L 98 -51.75 0.69 2.69
N GLY L 99 -51.27 1.93 2.69
CA GLY L 99 -52.11 3.08 2.96
C GLY L 99 -52.85 3.51 1.70
N GLN L 100 -53.70 4.51 1.85
CA GLN L 100 -54.42 5.06 0.72
C GLN L 100 -53.72 6.24 0.07
N GLY L 101 -52.76 6.85 0.74
CA GLY L 101 -51.95 7.89 0.13
C GLY L 101 -52.30 9.30 0.53
N THR L 102 -51.31 10.18 0.51
CA THR L 102 -51.52 11.61 0.72
C THR L 102 -50.88 12.36 -0.44
N LYS L 103 -51.64 13.28 -1.05
CA LYS L 103 -51.21 13.98 -2.25
C LYS L 103 -50.74 15.37 -1.87
N LEU L 104 -49.55 15.75 -2.34
CA LEU L 104 -48.91 17.01 -2.00
C LEU L 104 -48.81 17.86 -3.26
N GLU L 105 -49.61 18.92 -3.35
CA GLU L 105 -49.62 19.77 -4.53
C GLU L 105 -49.14 21.18 -4.15
N ILE L 106 -49.09 22.05 -5.15
CA ILE L 106 -48.52 23.38 -5.01
C ILE L 106 -49.62 24.35 -4.63
N LYS L 107 -49.31 25.26 -3.70
CA LYS L 107 -50.23 26.33 -3.34
C LYS L 107 -50.61 27.18 -4.55
#